data_4D08
#
_entry.id   4D08
#
_cell.length_a   56.040
_cell.length_b   74.150
_cell.length_c   92.770
_cell.angle_alpha   109.04
_cell.angle_beta   91.73
_cell.angle_gamma   91.34
#
_symmetry.space_group_name_H-M   'P 1'
#
loop_
_entity.id
_entity.type
_entity.pdbx_description
1 polymer "CGMP-DEPENDENT 3', 5'-CYCLIC PHOSPHODIESTERASE"
2 non-polymer 'ZINC ION'
3 non-polymer 1-(5-butoxypyridin-3-yl)-4-methyl-8-(morpholin-4-ylmethyl)[1,2,4]triazolo[4,3-a]quinoxaline
4 non-polymer 'MAGNESIUM ION'
5 water water
#
_entity_poly.entity_id   1
_entity_poly.type   'polypeptide(L)'
_entity_poly.pdbx_seq_one_letter_code
;MGSDDEYTKLLHDGIQPVAAIDSNFASFTYTPRSLPEDDTSMAILSMLQDMNFINNYKIDCPTLARFCLMVKKGYRDPPY
HNWMHAFSVSHFCYLLYKNLELTNYLEDIEIFALFISCMCHDLDHRGTNNSFQVASKSVLAALYSSEGSVMERHHFAQAI
AILNTHGCNIFDHFSRKDYQRMLDLMRDIILATDLAHHLRIFKDLQKMAEVGYDRNNKQHHRLLLCLLMTSCDLSDQTKG
WKTTRKIAELIYKEFFSQGDLEKAMGNRPMEMMDREKAYIPELQISFMEHIAMPIYKLLQDLFPKAAELYERVASNREHW
TKVSHKFTIRGLPSNNSLDFLDEEYERHHHHHH
;
_entity_poly.pdbx_strand_id   A,B,C,D
#
loop_
_chem_comp.id
_chem_comp.type
_chem_comp.name
_chem_comp.formula
MG non-polymer 'MAGNESIUM ION' 'Mg 2'
Q2T non-polymer 1-(5-butoxypyridin-3-yl)-4-methyl-8-(morpholin-4-ylmethyl)[1,2,4]triazolo[4,3-a]quinoxaline 'C24 H28 N6 O2'
ZN non-polymer 'ZINC ION' 'Zn 2'
#
# COMPACT_ATOMS: atom_id res chain seq x y z
N ASP A 4 3.93 -4.33 -15.00
CA ASP A 4 4.33 -3.18 -15.88
C ASP A 4 4.04 -3.43 -17.36
N ASP A 5 4.49 -4.59 -17.86
CA ASP A 5 4.34 -4.94 -19.28
C ASP A 5 2.88 -5.07 -19.71
N GLU A 6 2.06 -5.68 -18.86
CA GLU A 6 0.63 -5.81 -19.15
C GLU A 6 -0.02 -4.43 -19.34
N TYR A 7 0.20 -3.55 -18.36
CA TYR A 7 -0.29 -2.17 -18.42
C TYR A 7 0.14 -1.45 -19.70
N THR A 8 1.39 -1.64 -20.10
CA THR A 8 1.96 -0.91 -21.24
C THR A 8 1.20 -1.25 -22.53
N LYS A 9 0.93 -2.54 -22.73
CA LYS A 9 0.25 -3.01 -23.93
C LYS A 9 -1.22 -2.64 -23.92
N LEU A 10 -1.84 -2.72 -22.74
CA LEU A 10 -3.25 -2.33 -22.58
C LEU A 10 -3.47 -0.86 -22.96
N LEU A 11 -2.49 -0.01 -22.65
CA LEU A 11 -2.59 1.42 -22.88
C LEU A 11 -2.15 1.85 -24.28
N HIS A 12 -1.04 1.30 -24.76
CA HIS A 12 -0.43 1.77 -26.01
C HIS A 12 -0.81 0.98 -27.27
N ASP A 13 -1.25 -0.27 -27.16
CA ASP A 13 -1.61 -1.05 -28.34
C ASP A 13 -2.94 -0.65 -28.98
N GLY A 14 -3.78 0.06 -28.22
CA GLY A 14 -5.10 0.46 -28.70
C GLY A 14 -6.18 -0.49 -28.22
N ILE A 15 -7.38 0.03 -28.02
CA ILE A 15 -8.52 -0.78 -27.57
C ILE A 15 -9.11 -1.57 -28.73
N GLN A 16 -8.87 -2.88 -28.75
CA GLN A 16 -9.24 -3.69 -29.92
C GLN A 16 -10.76 -3.74 -30.10
N PRO A 17 -11.22 -3.87 -31.36
CA PRO A 17 -12.66 -3.91 -31.62
C PRO A 17 -13.31 -5.12 -30.97
N VAL A 18 -14.54 -4.94 -30.49
CA VAL A 18 -15.21 -5.97 -29.69
C VAL A 18 -15.50 -7.24 -30.49
N ALA A 19 -15.81 -7.07 -31.78
CA ALA A 19 -16.04 -8.19 -32.68
C ALA A 19 -14.79 -9.05 -32.89
N ALA A 20 -13.61 -8.45 -32.73
CA ALA A 20 -12.33 -9.18 -32.88
C ALA A 20 -12.11 -10.21 -31.76
N ILE A 21 -12.75 -10.01 -30.62
CA ILE A 21 -12.68 -10.97 -29.53
C ILE A 21 -13.31 -12.30 -29.97
N ASP A 22 -14.56 -12.22 -30.44
CA ASP A 22 -15.27 -13.36 -31.00
C ASP A 22 -16.40 -12.84 -31.90
N SER A 23 -16.75 -13.61 -32.92
CA SER A 23 -17.82 -13.21 -33.85
C SER A 23 -19.19 -13.18 -33.17
N ASN A 24 -19.37 -14.06 -32.19
CA ASN A 24 -20.62 -14.14 -31.44
C ASN A 24 -20.54 -13.43 -30.08
N PHE A 25 -19.51 -12.61 -29.86
CA PHE A 25 -19.27 -11.96 -28.55
C PHE A 25 -20.49 -11.21 -28.01
N ALA A 26 -21.28 -10.61 -28.91
CA ALA A 26 -22.47 -9.85 -28.52
C ALA A 26 -23.75 -10.70 -28.42
N SER A 27 -23.61 -12.03 -28.51
CA SER A 27 -24.75 -12.95 -28.51
C SER A 27 -24.92 -13.70 -27.19
N PHE A 28 -26.17 -13.97 -26.81
CA PHE A 28 -26.47 -14.75 -25.62
C PHE A 28 -25.92 -16.19 -25.67
N THR A 29 -25.63 -16.70 -26.87
CA THR A 29 -25.03 -18.03 -27.02
C THR A 29 -23.54 -18.07 -26.67
N TYR A 30 -22.87 -16.92 -26.65
CA TYR A 30 -21.43 -16.87 -26.41
C TYR A 30 -21.09 -17.20 -24.95
N THR A 31 -20.05 -17.99 -24.74
CA THR A 31 -19.60 -18.37 -23.40
C THR A 31 -18.28 -17.66 -23.08
N PRO A 32 -18.34 -16.58 -22.28
CA PRO A 32 -17.11 -15.82 -22.02
C PRO A 32 -16.00 -16.59 -21.30
N ARG A 33 -16.34 -17.68 -20.61
CA ARG A 33 -15.31 -18.50 -19.99
C ARG A 33 -14.36 -19.17 -21.00
N SER A 34 -14.77 -19.26 -22.27
CA SER A 34 -13.89 -19.78 -23.31
C SER A 34 -12.79 -18.79 -23.72
N LEU A 35 -12.89 -17.51 -23.33
CA LEU A 35 -11.83 -16.53 -23.62
C LEU A 35 -10.65 -16.74 -22.66
N PRO A 36 -9.42 -16.85 -23.20
CA PRO A 36 -8.25 -16.98 -22.34
C PRO A 36 -8.16 -15.82 -21.33
N GLU A 37 -7.74 -16.13 -20.11
CA GLU A 37 -7.70 -15.14 -19.04
C GLU A 37 -6.78 -13.95 -19.37
N ASP A 38 -5.67 -14.23 -20.05
CA ASP A 38 -4.74 -13.18 -20.49
C ASP A 38 -5.36 -12.17 -21.45
N ASP A 39 -6.51 -12.49 -22.05
CA ASP A 39 -7.21 -11.59 -22.97
C ASP A 39 -8.35 -10.80 -22.33
N THR A 40 -8.67 -11.08 -21.07
CA THR A 40 -9.90 -10.57 -20.46
C THR A 40 -9.86 -9.08 -20.13
N SER A 41 -8.69 -8.56 -19.74
CA SER A 41 -8.60 -7.14 -19.40
C SER A 41 -8.86 -6.26 -20.63
N MET A 42 -8.29 -6.65 -21.77
CA MET A 42 -8.54 -5.93 -23.02
C MET A 42 -10.01 -6.04 -23.41
N ALA A 43 -10.61 -7.21 -23.20
CA ALA A 43 -12.04 -7.40 -23.48
C ALA A 43 -12.91 -6.45 -22.64
N ILE A 44 -12.52 -6.24 -21.38
CA ILE A 44 -13.21 -5.26 -20.54
C ILE A 44 -13.17 -3.87 -21.16
N LEU A 45 -11.98 -3.44 -21.61
CA LEU A 45 -11.85 -2.13 -22.27
C LEU A 45 -12.69 -2.06 -23.54
N SER A 46 -12.60 -3.12 -24.35
CA SER A 46 -13.35 -3.20 -25.60
C SER A 46 -14.85 -3.07 -25.37
N MET A 47 -15.36 -3.68 -24.29
CA MET A 47 -16.78 -3.60 -23.96
C MET A 47 -17.18 -2.19 -23.51
N LEU A 48 -16.34 -1.57 -22.67
CA LEU A 48 -16.60 -0.21 -22.19
C LEU A 48 -16.59 0.80 -23.33
N GLN A 49 -15.65 0.64 -24.25
CA GLN A 49 -15.60 1.41 -25.49
C GLN A 49 -16.87 1.22 -26.32
N ASP A 50 -17.28 -0.03 -26.54
CA ASP A 50 -18.45 -0.34 -27.38
C ASP A 50 -19.76 0.20 -26.77
N MET A 51 -19.84 0.24 -25.44
CA MET A 51 -20.96 0.89 -24.76
C MET A 51 -20.82 2.42 -24.67
N ASN A 52 -19.75 2.96 -25.25
N ASN A 52 -19.74 2.94 -25.25
CA ASN A 52 -19.51 4.41 -25.32
CA ASN A 52 -19.42 4.37 -25.33
C ASN A 52 -19.18 5.07 -23.98
C ASN A 52 -19.18 5.06 -23.98
N PHE A 53 -18.87 4.28 -22.95
CA PHE A 53 -18.68 4.83 -21.61
C PHE A 53 -17.37 5.60 -21.48
N ILE A 54 -16.33 5.14 -22.18
CA ILE A 54 -15.04 5.82 -22.15
C ILE A 54 -15.19 7.25 -22.68
N ASN A 55 -15.81 7.38 -23.85
N ASN A 55 -15.82 7.38 -23.84
CA ASN A 55 -16.05 8.68 -24.45
CA ASN A 55 -16.02 8.70 -24.45
C ASN A 55 -17.03 9.53 -23.66
C ASN A 55 -17.03 9.54 -23.69
N ASN A 56 -18.17 8.94 -23.34
CA ASN A 56 -19.24 9.67 -22.64
C ASN A 56 -18.83 10.27 -21.30
N TYR A 57 -18.11 9.49 -20.49
CA TYR A 57 -17.62 9.99 -19.19
C TYR A 57 -16.16 10.43 -19.23
N LYS A 58 -15.61 10.57 -20.43
CA LYS A 58 -14.23 11.03 -20.64
C LYS A 58 -13.27 10.35 -19.66
N ILE A 59 -13.34 9.02 -19.61
CA ILE A 59 -12.49 8.23 -18.72
C ILE A 59 -11.05 8.30 -19.25
N ASP A 60 -10.13 8.63 -18.36
CA ASP A 60 -8.70 8.69 -18.68
C ASP A 60 -8.18 7.29 -18.93
N CYS A 61 -7.56 7.08 -20.10
CA CYS A 61 -7.15 5.73 -20.52
C CYS A 61 -6.09 5.09 -19.62
N PRO A 62 -5.02 5.83 -19.27
CA PRO A 62 -4.07 5.32 -18.28
C PRO A 62 -4.74 4.92 -16.97
N THR A 63 -5.67 5.74 -16.49
CA THR A 63 -6.38 5.45 -15.25
C THR A 63 -7.24 4.20 -15.38
N LEU A 64 -7.96 4.11 -16.50
CA LEU A 64 -8.86 2.97 -16.76
C LEU A 64 -8.09 1.65 -16.84
N ALA A 65 -6.94 1.69 -17.51
CA ALA A 65 -6.08 0.52 -17.63
C ALA A 65 -5.56 0.07 -16.25
N ARG A 66 -5.08 1.02 -15.45
CA ARG A 66 -4.65 0.70 -14.09
C ARG A 66 -5.80 0.12 -13.27
N PHE A 67 -6.98 0.73 -13.38
CA PHE A 67 -8.16 0.27 -12.64
C PHE A 67 -8.50 -1.19 -12.98
N CYS A 68 -8.60 -1.50 -14.28
CA CYS A 68 -8.97 -2.84 -14.73
C CYS A 68 -8.01 -3.92 -14.21
N LEU A 69 -6.72 -3.64 -14.27
CA LEU A 69 -5.69 -4.57 -13.78
C LEU A 69 -5.75 -4.75 -12.26
N MET A 70 -5.96 -3.65 -11.54
CA MET A 70 -6.04 -3.72 -10.07
C MET A 70 -7.27 -4.51 -9.62
N VAL A 71 -8.38 -4.35 -10.34
CA VAL A 71 -9.59 -5.13 -10.05
C VAL A 71 -9.33 -6.62 -10.27
N LYS A 72 -8.68 -6.96 -11.39
CA LYS A 72 -8.29 -8.34 -11.68
C LYS A 72 -7.36 -8.90 -10.60
N LYS A 73 -6.41 -8.08 -10.16
CA LYS A 73 -5.46 -8.47 -9.11
C LYS A 73 -6.12 -8.66 -7.74
N GLY A 74 -7.29 -8.06 -7.53
CA GLY A 74 -8.02 -8.15 -6.25
C GLY A 74 -8.91 -9.36 -6.07
N TYR A 75 -8.91 -10.27 -7.04
CA TYR A 75 -9.59 -11.55 -6.92
C TYR A 75 -8.57 -12.63 -6.61
N ARG A 76 -8.92 -13.52 -5.69
CA ARG A 76 -8.10 -14.69 -5.37
C ARG A 76 -8.48 -15.82 -6.33
N ASP A 77 -8.01 -17.03 -6.05
CA ASP A 77 -8.22 -18.15 -6.96
C ASP A 77 -9.00 -19.33 -6.33
N PRO A 78 -10.14 -19.04 -5.67
CA PRO A 78 -10.96 -20.19 -5.31
C PRO A 78 -11.58 -20.80 -6.58
N PRO A 79 -12.15 -22.01 -6.48
CA PRO A 79 -12.64 -22.67 -7.70
C PRO A 79 -13.71 -21.89 -8.49
N TYR A 80 -14.61 -21.19 -7.80
CA TYR A 80 -15.67 -20.46 -8.48
C TYR A 80 -15.51 -18.93 -8.38
N HIS A 81 -15.37 -18.41 -7.16
CA HIS A 81 -15.39 -16.95 -6.95
C HIS A 81 -14.05 -16.28 -7.24
N ASN A 82 -13.66 -16.33 -8.51
CA ASN A 82 -12.38 -15.83 -9.00
C ASN A 82 -12.63 -14.76 -10.08
N TRP A 83 -11.56 -14.23 -10.67
CA TRP A 83 -11.68 -13.20 -11.70
C TRP A 83 -12.53 -13.64 -12.89
N MET A 84 -12.39 -14.90 -13.32
CA MET A 84 -13.18 -15.40 -14.45
C MET A 84 -14.69 -15.37 -14.19
N HIS A 85 -15.10 -15.54 -12.93
CA HIS A 85 -16.50 -15.32 -12.55
C HIS A 85 -16.86 -13.84 -12.78
N ALA A 86 -16.04 -12.94 -12.25
CA ALA A 86 -16.27 -11.51 -12.40
C ALA A 86 -16.31 -11.09 -13.88
N PHE A 87 -15.39 -11.61 -14.68
CA PHE A 87 -15.39 -11.28 -16.11
C PHE A 87 -16.68 -11.75 -16.79
N SER A 88 -17.09 -12.98 -16.52
CA SER A 88 -18.28 -13.55 -17.17
C SER A 88 -19.56 -12.81 -16.75
N VAL A 89 -19.63 -12.41 -15.48
CA VAL A 89 -20.73 -11.58 -14.97
C VAL A 89 -20.77 -10.23 -15.69
N SER A 90 -19.62 -9.58 -15.79
CA SER A 90 -19.50 -8.30 -16.50
C SER A 90 -19.85 -8.46 -17.99
N HIS A 91 -19.42 -9.57 -18.58
CA HIS A 91 -19.79 -9.86 -19.97
C HIS A 91 -21.30 -9.98 -20.16
N PHE A 92 -21.99 -10.62 -19.22
CA PHE A 92 -23.43 -10.74 -19.32
C PHE A 92 -24.12 -9.39 -19.21
N CYS A 93 -23.58 -8.49 -18.38
CA CYS A 93 -24.10 -7.12 -18.29
C CYS A 93 -24.05 -6.44 -19.66
N TYR A 94 -22.90 -6.55 -20.33
CA TYR A 94 -22.72 -6.09 -21.70
C TYR A 94 -23.78 -6.69 -22.64
N LEU A 95 -23.98 -8.01 -22.56
CA LEU A 95 -25.01 -8.69 -23.36
C LEU A 95 -26.42 -8.13 -23.14
N LEU A 96 -26.72 -7.74 -21.90
CA LEU A 96 -28.01 -7.12 -21.60
C LEU A 96 -28.11 -5.75 -22.28
N TYR A 97 -27.01 -5.00 -22.24
CA TYR A 97 -26.94 -3.71 -22.93
C TYR A 97 -27.14 -3.86 -24.44
N LYS A 98 -26.51 -4.87 -25.02
CA LYS A 98 -26.57 -5.08 -26.48
C LYS A 98 -27.90 -5.64 -26.96
N ASN A 99 -28.56 -6.44 -26.14
CA ASN A 99 -29.71 -7.23 -26.60
C ASN A 99 -31.08 -6.82 -26.06
N LEU A 100 -31.13 -6.17 -24.90
CA LEU A 100 -32.40 -5.87 -24.24
C LEU A 100 -32.78 -4.39 -24.26
N GLU A 101 -31.97 -3.55 -24.90
CA GLU A 101 -32.28 -2.11 -25.00
C GLU A 101 -32.47 -1.49 -23.61
N LEU A 102 -31.44 -1.60 -22.78
CA LEU A 102 -31.47 -1.07 -21.41
C LEU A 102 -31.68 0.44 -21.36
N THR A 103 -31.27 1.12 -22.43
CA THR A 103 -31.40 2.57 -22.54
C THR A 103 -32.86 3.07 -22.54
N ASN A 104 -33.82 2.15 -22.72
CA ASN A 104 -35.24 2.49 -22.59
C ASN A 104 -35.76 2.43 -21.15
N TYR A 105 -34.98 1.83 -20.24
CA TYR A 105 -35.42 1.63 -18.86
C TYR A 105 -34.56 2.39 -17.84
N LEU A 106 -33.25 2.45 -18.07
CA LEU A 106 -32.32 3.01 -17.09
C LEU A 106 -31.54 4.21 -17.63
N GLU A 107 -31.11 5.07 -16.71
CA GLU A 107 -30.21 6.17 -17.04
C GLU A 107 -28.86 5.61 -17.50
N ASP A 108 -28.11 6.41 -18.25
CA ASP A 108 -26.80 6.01 -18.75
CA ASP A 108 -26.81 5.98 -18.75
C ASP A 108 -25.87 5.68 -17.58
N ILE A 109 -25.89 6.52 -16.56
CA ILE A 109 -24.99 6.36 -15.42
C ILE A 109 -25.29 5.09 -14.62
N GLU A 110 -26.57 4.70 -14.57
CA GLU A 110 -26.98 3.45 -13.91
C GLU A 110 -26.44 2.21 -14.62
N ILE A 111 -26.44 2.25 -15.95
CA ILE A 111 -25.94 1.14 -16.76
C ILE A 111 -24.42 1.02 -16.57
N PHE A 112 -23.74 2.16 -16.61
CA PHE A 112 -22.29 2.23 -16.34
C PHE A 112 -21.98 1.66 -14.96
N ALA A 113 -22.73 2.10 -13.95
CA ALA A 113 -22.58 1.61 -12.57
C ALA A 113 -22.78 0.11 -12.44
N LEU A 114 -23.80 -0.42 -13.11
CA LEU A 114 -24.04 -1.85 -13.16
C LEU A 114 -22.82 -2.59 -13.70
N PHE A 115 -22.29 -2.13 -14.83
CA PHE A 115 -21.12 -2.78 -15.42
C PHE A 115 -19.92 -2.76 -14.48
N ILE A 116 -19.62 -1.60 -13.89
CA ILE A 116 -18.49 -1.47 -12.96
C ILE A 116 -18.73 -2.32 -11.71
N SER A 117 -19.96 -2.35 -11.23
CA SER A 117 -20.31 -3.20 -10.10
C SER A 117 -20.09 -4.68 -10.39
N CYS A 118 -20.49 -5.14 -11.58
CA CYS A 118 -20.26 -6.52 -12.00
C CYS A 118 -18.78 -6.89 -11.90
N MET A 119 -17.91 -6.00 -12.37
CA MET A 119 -16.46 -6.22 -12.30
C MET A 119 -15.97 -6.42 -10.86
N CYS A 120 -16.53 -5.64 -9.94
CA CYS A 120 -16.03 -5.55 -8.57
C CYS A 120 -16.81 -6.38 -7.54
N HIS A 121 -17.92 -7.00 -7.97
CA HIS A 121 -18.93 -7.47 -7.01
C HIS A 121 -18.49 -8.62 -6.09
N ASP A 122 -17.45 -9.36 -6.45
CA ASP A 122 -16.94 -10.44 -5.61
C ASP A 122 -15.47 -10.26 -5.19
N LEU A 123 -15.00 -9.01 -5.18
CA LEU A 123 -13.59 -8.71 -4.87
C LEU A 123 -13.09 -9.34 -3.57
N ASP A 124 -11.93 -9.99 -3.64
CA ASP A 124 -11.26 -10.59 -2.48
C ASP A 124 -12.08 -11.71 -1.82
N HIS A 125 -12.86 -12.44 -2.62
CA HIS A 125 -13.67 -13.57 -2.11
C HIS A 125 -12.69 -14.66 -1.64
N ARG A 126 -13.00 -15.31 -0.51
CA ARG A 126 -12.11 -16.34 0.07
C ARG A 126 -12.68 -17.75 -0.10
N GLY A 127 -13.67 -17.88 -0.96
CA GLY A 127 -14.36 -19.14 -1.20
C GLY A 127 -15.33 -19.58 -0.12
N THR A 128 -15.70 -18.68 0.80
CA THR A 128 -16.62 -19.04 1.88
C THR A 128 -17.73 -18.00 1.98
N ASN A 129 -18.88 -18.43 2.48
CA ASN A 129 -20.07 -17.59 2.51
C ASN A 129 -20.17 -16.75 3.78
N ASN A 130 -21.25 -15.98 3.91
CA ASN A 130 -21.45 -15.09 5.06
C ASN A 130 -21.53 -15.81 6.40
N SER A 131 -22.22 -16.94 6.44
CA SER A 131 -22.35 -17.73 7.67
C SER A 131 -20.98 -18.11 8.22
N PHE A 132 -20.11 -18.60 7.34
CA PHE A 132 -18.76 -19.01 7.74
C PHE A 132 -17.93 -17.89 8.36
N GLN A 133 -18.12 -16.66 7.87
CA GLN A 133 -17.39 -15.51 8.40
C GLN A 133 -17.75 -15.30 9.87
N VAL A 134 -19.05 -15.34 10.16
CA VAL A 134 -19.53 -15.19 11.54
C VAL A 134 -19.06 -16.36 12.40
N ALA A 135 -19.25 -17.58 11.90
CA ALA A 135 -18.90 -18.81 12.64
C ALA A 135 -17.39 -18.94 12.94
N SER A 136 -16.55 -18.49 12.00
CA SER A 136 -15.10 -18.54 12.18
C SER A 136 -14.55 -17.28 12.86
N LYS A 137 -15.45 -16.35 13.19
CA LYS A 137 -15.07 -15.05 13.77
C LYS A 137 -13.95 -14.38 12.98
N SER A 138 -14.16 -14.26 11.67
CA SER A 138 -13.21 -13.61 10.78
C SER A 138 -13.14 -12.10 11.02
N VAL A 139 -12.10 -11.48 10.50
CA VAL A 139 -11.99 -10.02 10.54
C VAL A 139 -13.19 -9.36 9.85
N LEU A 140 -13.66 -9.94 8.75
CA LEU A 140 -14.78 -9.36 8.01
C LEU A 140 -16.05 -9.33 8.86
N ALA A 141 -16.31 -10.40 9.60
CA ALA A 141 -17.46 -10.46 10.51
C ALA A 141 -17.32 -9.44 11.65
N ALA A 142 -16.08 -9.25 12.12
CA ALA A 142 -15.80 -8.22 13.13
C ALA A 142 -16.21 -6.85 12.61
N LEU A 143 -15.92 -6.58 11.34
CA LEU A 143 -16.25 -5.30 10.72
C LEU A 143 -17.75 -5.14 10.44
N TYR A 144 -18.38 -6.17 9.86
CA TYR A 144 -19.69 -5.99 9.22
C TYR A 144 -20.85 -6.87 9.69
N SER A 145 -20.61 -7.82 10.60
CA SER A 145 -21.66 -8.78 10.99
C SER A 145 -22.92 -8.11 11.53
N SER A 146 -22.77 -6.99 12.25
CA SER A 146 -23.92 -6.28 12.82
C SER A 146 -24.77 -5.60 11.75
N GLU A 147 -24.17 -5.27 10.60
CA GLU A 147 -24.92 -4.73 9.47
C GLU A 147 -25.54 -5.82 8.60
N GLY A 148 -24.92 -7.00 8.57
CA GLY A 148 -25.34 -8.09 7.69
C GLY A 148 -24.62 -8.00 6.35
N SER A 149 -24.89 -8.95 5.47
CA SER A 149 -24.21 -9.02 4.16
C SER A 149 -22.71 -8.77 4.31
N VAL A 150 -22.05 -9.61 5.11
CA VAL A 150 -20.63 -9.42 5.46
C VAL A 150 -19.73 -9.35 4.24
N MET A 151 -19.79 -10.39 3.40
CA MET A 151 -18.91 -10.47 2.24
C MET A 151 -19.18 -9.34 1.24
N GLU A 152 -20.45 -9.01 1.06
CA GLU A 152 -20.85 -8.02 0.07
C GLU A 152 -20.37 -6.62 0.49
N ARG A 153 -20.49 -6.29 1.77
CA ARG A 153 -19.89 -5.05 2.28
C ARG A 153 -18.38 -5.04 2.11
N HIS A 154 -17.74 -6.20 2.26
CA HIS A 154 -16.32 -6.28 1.99
C HIS A 154 -15.99 -6.05 0.52
N HIS A 155 -16.80 -6.58 -0.38
CA HIS A 155 -16.57 -6.42 -1.83
C HIS A 155 -16.65 -4.95 -2.22
N PHE A 156 -17.70 -4.29 -1.73
CA PHE A 156 -17.88 -2.85 -1.93
C PHE A 156 -16.69 -2.04 -1.40
N ALA A 157 -16.26 -2.33 -0.18
CA ALA A 157 -15.13 -1.61 0.44
C ALA A 157 -13.82 -1.79 -0.32
N GLN A 158 -13.59 -3.00 -0.83
CA GLN A 158 -12.44 -3.26 -1.69
C GLN A 158 -12.50 -2.42 -2.96
N ALA A 159 -13.69 -2.33 -3.56
CA ALA A 159 -13.86 -1.55 -4.79
C ALA A 159 -13.57 -0.08 -4.53
N ILE A 160 -14.04 0.44 -3.40
CA ILE A 160 -13.78 1.82 -3.03
C ILE A 160 -12.30 2.04 -2.74
N ALA A 161 -11.65 1.06 -2.12
CA ALA A 161 -10.20 1.13 -1.86
C ALA A 161 -9.38 1.18 -3.16
N ILE A 162 -9.85 0.49 -4.20
CA ILE A 162 -9.20 0.56 -5.52
C ILE A 162 -9.35 1.96 -6.12
N LEU A 163 -10.58 2.49 -6.09
CA LEU A 163 -10.83 3.84 -6.57
C LEU A 163 -9.97 4.87 -5.83
N ASN A 164 -9.79 4.67 -4.52
CA ASN A 164 -8.98 5.57 -3.70
C ASN A 164 -7.47 5.29 -3.77
N THR A 165 -7.06 4.39 -4.65
CA THR A 165 -5.64 4.15 -4.89
C THR A 165 -5.17 5.12 -5.97
N HIS A 166 -4.01 5.73 -5.74
CA HIS A 166 -3.51 6.77 -6.63
C HIS A 166 -3.38 6.24 -8.05
N GLY A 167 -3.95 6.97 -9.00
CA GLY A 167 -3.89 6.59 -10.42
C GLY A 167 -4.96 5.62 -10.87
N CYS A 168 -5.90 5.27 -9.98
CA CYS A 168 -6.95 4.31 -10.29
C CYS A 168 -8.38 4.86 -10.16
N ASN A 169 -8.53 6.13 -9.81
CA ASN A 169 -9.88 6.68 -9.70
C ASN A 169 -10.43 7.10 -11.07
N ILE A 170 -11.09 6.15 -11.72
CA ILE A 170 -11.70 6.38 -13.03
C ILE A 170 -12.85 7.41 -13.02
N PHE A 171 -13.37 7.72 -11.85
CA PHE A 171 -14.40 8.76 -11.68
C PHE A 171 -13.86 10.08 -11.14
N ASP A 172 -12.53 10.28 -11.20
CA ASP A 172 -11.86 11.40 -10.51
C ASP A 172 -12.36 12.79 -10.93
N HIS A 173 -12.76 12.90 -12.19
CA HIS A 173 -13.15 14.17 -12.78
C HIS A 173 -14.66 14.42 -12.70
N PHE A 174 -15.43 13.43 -12.26
CA PHE A 174 -16.89 13.56 -12.13
C PHE A 174 -17.24 14.73 -11.21
N SER A 175 -18.42 15.30 -11.40
CA SER A 175 -18.92 16.31 -10.47
C SER A 175 -19.21 15.66 -9.11
N ARG A 176 -19.21 16.47 -8.06
CA ARG A 176 -19.51 15.96 -6.72
C ARG A 176 -20.82 15.17 -6.68
N LYS A 177 -21.83 15.63 -7.42
CA LYS A 177 -23.13 14.96 -7.50
C LYS A 177 -23.06 13.61 -8.23
N ASP A 178 -22.42 13.58 -9.40
CA ASP A 178 -22.29 12.34 -10.19
C ASP A 178 -21.37 11.32 -9.52
N TYR A 179 -20.38 11.81 -8.77
CA TYR A 179 -19.48 10.94 -8.02
C TYR A 179 -20.23 10.26 -6.88
N GLN A 180 -20.99 11.06 -6.11
CA GLN A 180 -21.82 10.53 -5.04
C GLN A 180 -22.84 9.54 -5.57
N ARG A 181 -23.40 9.83 -6.74
CA ARG A 181 -24.38 8.97 -7.40
C ARG A 181 -23.79 7.59 -7.74
N MET A 182 -22.59 7.62 -8.32
CA MET A 182 -21.90 6.41 -8.75
C MET A 182 -21.60 5.50 -7.57
N LEU A 183 -21.04 6.06 -6.51
CA LEU A 183 -20.67 5.28 -5.33
C LEU A 183 -21.92 4.72 -4.63
N ASP A 184 -23.00 5.50 -4.61
CA ASP A 184 -24.27 5.02 -4.05
C ASP A 184 -24.87 3.87 -4.86
N LEU A 185 -24.85 4.00 -6.19
CA LEU A 185 -25.31 2.93 -7.08
C LEU A 185 -24.49 1.64 -6.87
N MET A 186 -23.18 1.77 -6.82
CA MET A 186 -22.29 0.64 -6.61
C MET A 186 -22.61 -0.07 -5.30
N ARG A 187 -22.88 0.71 -4.25
CA ARG A 187 -23.28 0.16 -2.96
C ARG A 187 -24.58 -0.63 -3.11
N ASP A 188 -25.62 0.00 -3.64
CA ASP A 188 -26.91 -0.68 -3.82
C ASP A 188 -26.76 -1.95 -4.66
N ILE A 189 -26.00 -1.86 -5.75
CA ILE A 189 -25.89 -2.97 -6.70
C ILE A 189 -25.06 -4.11 -6.12
N ILE A 190 -23.93 -3.79 -5.49
CA ILE A 190 -23.09 -4.83 -4.89
C ILE A 190 -23.80 -5.52 -3.71
N LEU A 191 -24.52 -4.76 -2.89
CA LEU A 191 -25.26 -5.37 -1.78
C LEU A 191 -26.43 -6.25 -2.28
N ALA A 192 -26.93 -5.98 -3.47
CA ALA A 192 -28.01 -6.78 -4.08
C ALA A 192 -27.58 -8.19 -4.48
N THR A 193 -26.26 -8.43 -4.54
CA THR A 193 -25.72 -9.75 -4.86
C THR A 193 -25.83 -10.74 -3.70
N ASP A 194 -26.23 -10.27 -2.51
CA ASP A 194 -26.53 -11.16 -1.39
C ASP A 194 -27.89 -11.81 -1.63
N LEU A 195 -27.92 -13.14 -1.61
CA LEU A 195 -29.16 -13.89 -1.78
C LEU A 195 -30.25 -13.43 -0.80
N ALA A 196 -29.87 -13.14 0.45
CA ALA A 196 -30.84 -12.70 1.46
C ALA A 196 -31.54 -11.40 1.05
N HIS A 197 -30.79 -10.49 0.44
CA HIS A 197 -31.39 -9.26 -0.10
C HIS A 197 -32.38 -9.57 -1.21
N HIS A 198 -31.98 -10.40 -2.16
CA HIS A 198 -32.85 -10.80 -3.26
C HIS A 198 -34.17 -11.39 -2.74
N LEU A 199 -34.07 -12.26 -1.75
CA LEU A 199 -35.26 -12.87 -1.14
C LEU A 199 -36.17 -11.82 -0.49
N ARG A 200 -35.59 -10.82 0.16
CA ARG A 200 -36.36 -9.76 0.81
C ARG A 200 -37.08 -8.81 -0.16
N ILE A 201 -36.56 -8.65 -1.38
CA ILE A 201 -37.18 -7.77 -2.37
C ILE A 201 -37.98 -8.52 -3.42
N PHE A 202 -38.03 -9.85 -3.32
CA PHE A 202 -38.60 -10.69 -4.37
C PHE A 202 -40.08 -10.39 -4.63
N LYS A 203 -40.84 -10.08 -3.58
CA LYS A 203 -42.26 -9.73 -3.73
C LYS A 203 -42.44 -8.38 -4.43
N ASP A 204 -41.55 -7.44 -4.14
CA ASP A 204 -41.58 -6.12 -4.78
C ASP A 204 -41.21 -6.22 -6.26
N LEU A 205 -40.35 -7.18 -6.61
CA LEU A 205 -40.02 -7.45 -7.99
C LEU A 205 -41.22 -7.99 -8.76
N GLN A 206 -41.90 -8.97 -8.16
CA GLN A 206 -43.14 -9.51 -8.74
C GLN A 206 -44.22 -8.43 -8.91
N LYS A 207 -44.34 -7.54 -7.92
CA LYS A 207 -45.30 -6.45 -7.98
C LYS A 207 -44.98 -5.52 -9.17
N MET A 208 -43.71 -5.15 -9.31
CA MET A 208 -43.24 -4.33 -10.43
C MET A 208 -43.53 -4.95 -11.79
N ALA A 209 -43.27 -6.24 -11.93
CA ALA A 209 -43.54 -6.96 -13.19
C ALA A 209 -45.04 -7.09 -13.50
N GLU A 210 -45.87 -7.09 -12.45
CA GLU A 210 -47.32 -7.15 -12.61
C GLU A 210 -47.89 -5.83 -13.12
N VAL A 211 -47.60 -4.74 -12.41
CA VAL A 211 -48.10 -3.41 -12.77
C VAL A 211 -47.39 -2.81 -14.00
N GLY A 212 -46.25 -3.37 -14.38
CA GLY A 212 -45.51 -2.89 -15.54
C GLY A 212 -44.48 -1.83 -15.14
N TYR A 213 -43.33 -1.87 -15.79
CA TYR A 213 -42.23 -0.96 -15.47
C TYR A 213 -42.55 0.50 -15.82
N ASP A 214 -42.46 1.37 -14.82
CA ASP A 214 -42.63 2.81 -15.00
C ASP A 214 -41.27 3.47 -14.85
N ARG A 215 -40.71 3.95 -15.96
CA ARG A 215 -39.35 4.49 -15.94
C ARG A 215 -39.25 5.84 -15.21
N ASN A 216 -40.39 6.44 -14.86
CA ASN A 216 -40.42 7.65 -14.03
C ASN A 216 -40.48 7.35 -12.53
N ASN A 217 -40.59 6.06 -12.18
CA ASN A 217 -40.62 5.61 -10.79
C ASN A 217 -39.19 5.26 -10.36
N LYS A 218 -38.67 6.00 -9.38
CA LYS A 218 -37.29 5.82 -8.89
C LYS A 218 -37.09 4.47 -8.22
N GLN A 219 -38.12 3.98 -7.51
CA GLN A 219 -38.05 2.66 -6.90
C GLN A 219 -37.96 1.55 -7.95
N HIS A 220 -38.63 1.72 -9.09
CA HIS A 220 -38.56 0.73 -10.17
C HIS A 220 -37.15 0.63 -10.76
N HIS A 221 -36.47 1.76 -10.88
CA HIS A 221 -35.06 1.78 -11.32
C HIS A 221 -34.20 0.97 -10.37
N ARG A 222 -34.37 1.23 -9.07
CA ARG A 222 -33.62 0.51 -8.04
C ARG A 222 -33.88 -0.99 -8.08
N LEU A 223 -35.14 -1.36 -8.16
CA LEU A 223 -35.54 -2.78 -8.19
C LEU A 223 -35.01 -3.48 -9.43
N LEU A 224 -35.14 -2.82 -10.58
CA LEU A 224 -34.64 -3.37 -11.84
C LEU A 224 -33.13 -3.57 -11.78
N LEU A 225 -32.41 -2.60 -11.24
CA LEU A 225 -30.96 -2.73 -11.07
C LEU A 225 -30.60 -3.97 -10.24
N CYS A 226 -31.34 -4.23 -9.16
CA CYS A 226 -31.07 -5.43 -8.34
C CYS A 226 -31.31 -6.70 -9.13
N LEU A 227 -32.41 -6.73 -9.88
CA LEU A 227 -32.78 -7.89 -10.69
C LEU A 227 -31.72 -8.14 -11.76
N LEU A 228 -31.33 -7.09 -12.48
CA LEU A 228 -30.31 -7.23 -13.51
C LEU A 228 -28.99 -7.75 -12.93
N MET A 229 -28.60 -7.26 -11.75
CA MET A 229 -27.35 -7.68 -11.13
C MET A 229 -27.36 -9.16 -10.79
N THR A 230 -28.48 -9.64 -10.25
CA THR A 230 -28.61 -11.05 -9.90
C THR A 230 -28.63 -11.90 -11.17
N SER A 231 -29.24 -11.38 -12.23
CA SER A 231 -29.25 -12.03 -13.54
C SER A 231 -27.83 -12.20 -14.08
N CYS A 232 -26.98 -11.20 -13.89
CA CYS A 232 -25.58 -11.32 -14.30
C CYS A 232 -24.83 -12.34 -13.45
N ASP A 233 -25.04 -12.28 -12.13
CA ASP A 233 -24.33 -13.15 -11.17
C ASP A 233 -24.61 -14.63 -11.44
N LEU A 234 -25.84 -14.95 -11.86
CA LEU A 234 -26.23 -16.34 -12.12
C LEU A 234 -26.22 -16.72 -13.61
N SER A 235 -25.57 -15.91 -14.45
CA SER A 235 -25.69 -16.06 -15.91
C SER A 235 -25.03 -17.31 -16.51
N ASP A 236 -24.17 -17.98 -15.73
CA ASP A 236 -23.65 -19.29 -16.15
C ASP A 236 -24.76 -20.32 -16.43
N GLN A 237 -25.93 -20.11 -15.84
CA GLN A 237 -27.06 -21.04 -16.00
C GLN A 237 -27.83 -20.81 -17.31
N THR A 238 -27.56 -19.70 -17.99
CA THR A 238 -28.24 -19.34 -19.24
C THR A 238 -27.51 -19.82 -20.49
N LYS A 239 -26.38 -20.50 -20.32
CA LYS A 239 -25.60 -21.02 -21.44
C LYS A 239 -26.02 -22.47 -21.69
N GLY A 240 -25.18 -23.23 -22.39
CA GLY A 240 -25.46 -24.64 -22.66
C GLY A 240 -25.19 -25.55 -21.47
N TRP A 241 -25.60 -26.80 -21.61
CA TRP A 241 -25.45 -27.81 -20.57
C TRP A 241 -24.05 -27.92 -20.00
N LYS A 242 -23.07 -28.00 -20.90
CA LYS A 242 -21.67 -28.18 -20.53
C LYS A 242 -21.19 -27.12 -19.54
N THR A 243 -21.60 -25.87 -19.75
CA THR A 243 -21.24 -24.77 -18.86
C THR A 243 -21.85 -24.98 -17.48
N THR A 244 -23.13 -25.33 -17.46
CA THR A 244 -23.83 -25.64 -16.22
C THR A 244 -23.16 -26.79 -15.47
N ARG A 245 -22.66 -27.77 -16.20
CA ARG A 245 -22.00 -28.94 -15.62
C ARG A 245 -20.64 -28.56 -15.01
N LYS A 246 -19.88 -27.76 -15.74
CA LYS A 246 -18.56 -27.28 -15.29
C LYS A 246 -18.67 -26.38 -14.05
N ILE A 247 -19.65 -25.47 -14.05
CA ILE A 247 -19.86 -24.54 -12.94
C ILE A 247 -20.32 -25.27 -11.68
N ALA A 248 -21.17 -26.30 -11.83
CA ALA A 248 -21.50 -27.19 -10.71
C ALA A 248 -20.23 -27.79 -10.10
N GLU A 249 -19.33 -28.27 -10.94
CA GLU A 249 -18.05 -28.81 -10.48
C GLU A 249 -17.26 -27.78 -9.65
N LEU A 250 -17.23 -26.54 -10.12
CA LEU A 250 -16.52 -25.47 -9.43
C LEU A 250 -17.23 -25.06 -8.14
N ILE A 251 -18.55 -24.91 -8.24
CA ILE A 251 -19.39 -24.53 -7.09
C ILE A 251 -19.26 -25.55 -5.96
N TYR A 252 -19.35 -26.84 -6.27
CA TYR A 252 -19.34 -27.82 -5.21
C TYR A 252 -17.94 -28.09 -4.68
N LYS A 253 -16.91 -27.90 -5.49
CA LYS A 253 -15.55 -27.95 -4.98
C LYS A 253 -15.37 -26.89 -3.90
N GLU A 254 -15.81 -25.67 -4.19
CA GLU A 254 -15.72 -24.56 -3.25
C GLU A 254 -16.55 -24.84 -1.98
N PHE A 255 -17.81 -25.25 -2.16
CA PHE A 255 -18.69 -25.55 -1.02
C PHE A 255 -18.13 -26.65 -0.13
N PHE A 256 -17.64 -27.73 -0.73
CA PHE A 256 -17.12 -28.86 0.05
C PHE A 256 -15.85 -28.48 0.82
N SER A 257 -15.02 -27.60 0.27
CA SER A 257 -13.87 -27.08 1.02
C SER A 257 -14.33 -26.35 2.28
N GLN A 258 -15.33 -25.49 2.16
CA GLN A 258 -15.90 -24.83 3.33
C GLN A 258 -16.43 -25.85 4.32
N GLY A 259 -17.19 -26.82 3.83
CA GLY A 259 -17.73 -27.89 4.67
C GLY A 259 -16.66 -28.65 5.42
N ASP A 260 -15.56 -28.95 4.74
CA ASP A 260 -14.40 -29.57 5.38
C ASP A 260 -13.85 -28.67 6.50
N LEU A 261 -13.73 -27.37 6.21
CA LEU A 261 -13.27 -26.41 7.22
C LEU A 261 -14.18 -26.41 8.44
N GLU A 262 -15.49 -26.41 8.20
CA GLU A 262 -16.47 -26.40 9.28
C GLU A 262 -16.40 -27.65 10.17
N LYS A 263 -16.23 -28.82 9.57
CA LYS A 263 -16.07 -30.06 10.34
C LYS A 263 -14.84 -30.00 11.25
N ALA A 264 -13.76 -29.40 10.77
CA ALA A 264 -12.53 -29.26 11.55
C ALA A 264 -12.67 -28.29 12.75
N MET A 265 -13.64 -27.37 12.67
CA MET A 265 -13.96 -26.46 13.76
C MET A 265 -15.02 -27.04 14.70
N GLY A 266 -15.48 -28.26 14.42
CA GLY A 266 -16.49 -28.91 15.23
C GLY A 266 -17.93 -28.52 14.92
N ASN A 267 -18.15 -27.83 13.81
CA ASN A 267 -19.50 -27.43 13.40
C ASN A 267 -20.06 -28.38 12.33
N ARG A 268 -21.39 -28.49 12.28
CA ARG A 268 -22.06 -29.32 11.28
C ARG A 268 -22.39 -28.49 10.04
N PRO A 269 -21.72 -28.76 8.90
CA PRO A 269 -22.03 -27.99 7.70
C PRO A 269 -23.41 -28.27 7.12
N MET A 270 -23.88 -27.38 6.26
CA MET A 270 -25.10 -27.62 5.48
C MET A 270 -24.89 -28.86 4.62
N GLU A 271 -25.98 -29.54 4.30
CA GLU A 271 -25.93 -30.70 3.41
C GLU A 271 -25.16 -30.38 2.13
N MET A 272 -25.47 -29.24 1.51
CA MET A 272 -24.85 -28.87 0.23
C MET A 272 -23.33 -28.64 0.30
N MET A 273 -22.81 -28.41 1.50
CA MET A 273 -21.39 -28.23 1.71
C MET A 273 -20.70 -29.45 2.30
N ASP A 274 -21.47 -30.54 2.50
CA ASP A 274 -20.95 -31.77 3.07
C ASP A 274 -20.75 -32.80 1.96
N ARG A 275 -19.49 -33.08 1.62
CA ARG A 275 -19.17 -34.01 0.52
C ARG A 275 -19.62 -35.46 0.76
N GLU A 276 -19.84 -35.84 2.02
CA GLU A 276 -20.37 -37.17 2.34
C GLU A 276 -21.90 -37.28 2.17
N LYS A 277 -22.60 -36.15 2.23
CA LYS A 277 -24.08 -36.14 2.21
C LYS A 277 -24.69 -35.52 0.95
N ALA A 278 -23.96 -34.66 0.27
CA ALA A 278 -24.52 -33.85 -0.82
C ALA A 278 -24.83 -34.70 -2.05
N TYR A 279 -26.07 -34.63 -2.51
CA TYR A 279 -26.46 -35.25 -3.78
C TYR A 279 -26.66 -34.15 -4.84
N ILE A 280 -25.65 -33.97 -5.69
CA ILE A 280 -25.58 -32.80 -6.59
C ILE A 280 -26.80 -32.59 -7.50
N PRO A 281 -27.27 -33.65 -8.19
CA PRO A 281 -28.42 -33.45 -9.09
C PRO A 281 -29.63 -32.82 -8.41
N GLU A 282 -29.96 -33.31 -7.22
CA GLU A 282 -31.10 -32.81 -6.45
C GLU A 282 -30.86 -31.37 -5.98
N LEU A 283 -29.64 -31.07 -5.56
CA LEU A 283 -29.31 -29.72 -5.07
C LEU A 283 -29.34 -28.70 -6.20
N GLN A 284 -28.76 -29.06 -7.33
CA GLN A 284 -28.78 -28.20 -8.51
C GLN A 284 -30.18 -27.97 -9.06
N ILE A 285 -30.99 -29.04 -9.12
CA ILE A 285 -32.39 -28.90 -9.51
C ILE A 285 -33.08 -27.89 -8.60
N SER A 286 -32.89 -28.04 -7.29
CA SER A 286 -33.51 -27.14 -6.32
C SER A 286 -33.06 -25.69 -6.50
N PHE A 287 -31.75 -25.48 -6.66
CA PHE A 287 -31.21 -24.14 -6.90
C PHE A 287 -31.82 -23.53 -8.17
N MET A 288 -31.93 -24.34 -9.22
CA MET A 288 -32.51 -23.87 -10.48
C MET A 288 -33.99 -23.52 -10.35
N GLU A 289 -34.76 -24.38 -9.69
CA GLU A 289 -36.20 -24.15 -9.55
C GLU A 289 -36.57 -23.00 -8.60
N HIS A 290 -35.84 -22.87 -7.50
CA HIS A 290 -36.22 -21.92 -6.45
C HIS A 290 -35.47 -20.59 -6.51
N ILE A 291 -34.29 -20.57 -7.12
CA ILE A 291 -33.49 -19.35 -7.17
C ILE A 291 -33.30 -18.86 -8.61
N ALA A 292 -32.67 -19.67 -9.45
CA ALA A 292 -32.33 -19.24 -10.82
C ALA A 292 -33.56 -18.96 -11.71
N MET A 293 -34.45 -19.94 -11.85
CA MET A 293 -35.57 -19.82 -12.81
C MET A 293 -36.52 -18.64 -12.56
N PRO A 294 -36.89 -18.39 -11.29
CA PRO A 294 -37.73 -17.22 -11.01
C PRO A 294 -37.08 -15.87 -11.37
N ILE A 295 -35.76 -15.77 -11.20
CA ILE A 295 -35.04 -14.55 -11.59
C ILE A 295 -35.16 -14.29 -13.10
N TYR A 296 -34.95 -15.33 -13.90
CA TYR A 296 -35.05 -15.18 -15.36
C TYR A 296 -36.49 -15.13 -15.87
N LYS A 297 -37.44 -15.65 -15.10
CA LYS A 297 -38.86 -15.48 -15.41
C LYS A 297 -39.29 -14.02 -15.22
N LEU A 298 -38.87 -13.40 -14.12
CA LEU A 298 -39.08 -11.97 -13.91
C LEU A 298 -38.42 -11.14 -15.01
N LEU A 299 -37.22 -11.56 -15.42
CA LEU A 299 -36.52 -10.90 -16.52
C LEU A 299 -37.35 -10.96 -17.81
N GLN A 300 -37.86 -12.14 -18.13
CA GLN A 300 -38.74 -12.34 -19.29
C GLN A 300 -40.02 -11.51 -19.20
N ASP A 301 -40.60 -11.42 -18.01
CA ASP A 301 -41.81 -10.62 -17.79
C ASP A 301 -41.59 -9.14 -18.08
N LEU A 302 -40.38 -8.65 -17.81
CA LEU A 302 -40.03 -7.24 -18.03
C LEU A 302 -39.44 -6.97 -19.42
N PHE A 303 -38.68 -7.92 -19.95
CA PHE A 303 -38.07 -7.81 -21.28
C PHE A 303 -38.48 -9.04 -22.10
N PRO A 304 -39.38 -8.86 -23.10
CA PRO A 304 -39.79 -9.96 -23.99
C PRO A 304 -38.61 -10.69 -24.65
N LYS A 305 -37.58 -9.94 -25.05
CA LYS A 305 -36.40 -10.53 -25.69
C LYS A 305 -35.55 -11.41 -24.77
N ALA A 306 -35.80 -11.38 -23.46
CA ALA A 306 -35.11 -12.26 -22.51
C ALA A 306 -35.71 -13.67 -22.44
N ALA A 307 -36.77 -13.93 -23.21
CA ALA A 307 -37.43 -15.24 -23.21
C ALA A 307 -36.45 -16.40 -23.37
N GLU A 308 -35.55 -16.28 -24.33
CA GLU A 308 -34.58 -17.33 -24.61
C GLU A 308 -33.67 -17.67 -23.41
N LEU A 309 -33.43 -16.70 -22.53
CA LEU A 309 -32.63 -16.94 -21.32
C LEU A 309 -33.34 -17.86 -20.35
N TYR A 310 -34.59 -17.56 -20.03
CA TYR A 310 -35.41 -18.42 -19.18
C TYR A 310 -35.55 -19.82 -19.79
N GLU A 311 -35.76 -19.88 -21.11
CA GLU A 311 -35.92 -21.14 -21.80
C GLU A 311 -34.67 -22.01 -21.67
N ARG A 312 -33.50 -21.41 -21.82
CA ARG A 312 -32.25 -22.17 -21.75
C ARG A 312 -31.96 -22.65 -20.31
N VAL A 313 -32.38 -21.88 -19.32
CA VAL A 313 -32.23 -22.28 -17.93
C VAL A 313 -33.19 -23.44 -17.61
N ALA A 314 -34.43 -23.33 -18.06
CA ALA A 314 -35.41 -24.41 -17.89
C ALA A 314 -34.97 -25.71 -18.56
N SER A 315 -34.31 -25.61 -19.71
CA SER A 315 -33.78 -26.77 -20.42
C SER A 315 -32.61 -27.40 -19.66
N ASN A 316 -31.70 -26.57 -19.17
CA ASN A 316 -30.59 -27.06 -18.34
C ASN A 316 -31.09 -27.73 -17.07
N ARG A 317 -32.19 -27.23 -16.52
CA ARG A 317 -32.85 -27.87 -15.38
C ARG A 317 -33.31 -29.28 -15.75
N GLU A 318 -33.90 -29.43 -16.93
CA GLU A 318 -34.34 -30.75 -17.40
C GLU A 318 -33.18 -31.68 -17.74
N HIS A 319 -32.05 -31.12 -18.20
CA HIS A 319 -30.85 -31.93 -18.45
C HIS A 319 -30.35 -32.61 -17.16
N TRP A 320 -30.46 -31.92 -16.04
CA TRP A 320 -30.06 -32.49 -14.74
C TRP A 320 -30.95 -33.66 -14.35
N THR A 321 -32.25 -33.54 -14.57
CA THR A 321 -33.19 -34.62 -14.29
C THR A 321 -32.89 -35.81 -15.19
N LYS A 322 -32.54 -35.53 -16.45
CA LYS A 322 -32.21 -36.56 -17.43
C LYS A 322 -30.95 -37.35 -17.08
N VAL A 323 -29.96 -36.68 -16.49
CA VAL A 323 -28.67 -37.30 -16.22
C VAL A 323 -28.52 -37.83 -14.78
N SER A 324 -29.57 -37.68 -13.97
CA SER A 324 -29.53 -38.05 -12.55
C SER A 324 -29.22 -39.54 -12.34
N HIS A 325 -29.74 -40.40 -13.22
CA HIS A 325 -29.51 -41.85 -13.12
C HIS A 325 -28.03 -42.23 -13.21
N LYS A 326 -27.24 -41.39 -13.90
CA LYS A 326 -25.80 -41.62 -14.04
C LYS A 326 -25.03 -41.54 -12.72
N PHE A 327 -25.66 -40.99 -11.67
CA PHE A 327 -25.03 -40.93 -10.34
C PHE A 327 -25.15 -42.25 -9.58
N THR A 328 -26.00 -43.16 -10.05
CA THR A 328 -26.11 -44.50 -9.48
C THR A 328 -25.28 -45.49 -10.29
N ILE A 329 -24.43 -46.27 -9.61
CA ILE A 329 -23.57 -47.25 -10.26
C ILE A 329 -24.39 -48.48 -10.67
N ARG A 330 -24.51 -48.71 -11.98
CA ARG A 330 -25.19 -49.88 -12.53
C ARG A 330 -24.13 -50.93 -12.88
N GLY A 331 -24.41 -52.19 -12.57
CA GLY A 331 -23.46 -53.28 -12.78
C GLY A 331 -22.28 -53.17 -11.84
N LEU A 332 -21.08 -53.42 -12.36
CA LEU A 332 -19.85 -53.22 -11.60
C LEU A 332 -19.12 -51.97 -12.10
N PRO A 333 -18.32 -51.33 -11.24
CA PRO A 333 -17.44 -50.25 -11.70
C PRO A 333 -16.39 -50.74 -12.70
N SER A 334 -15.75 -49.80 -13.39
CA SER A 334 -14.81 -50.10 -14.48
C SER A 334 -13.75 -51.13 -14.12
N ASN A 335 -13.25 -51.09 -12.88
CA ASN A 335 -12.21 -52.01 -12.42
C ASN A 335 -12.71 -53.42 -12.05
N ASN A 336 -13.99 -53.70 -12.29
CA ASN A 336 -14.61 -54.99 -11.93
C ASN A 336 -14.47 -55.34 -10.45
N SER A 337 -14.36 -54.32 -9.60
CA SER A 337 -14.13 -54.53 -8.18
C SER A 337 -15.22 -53.89 -7.35
N LEU A 338 -15.39 -54.41 -6.14
CA LEU A 338 -16.27 -53.80 -5.14
C LEU A 338 -15.47 -53.37 -3.90
N ASP A 339 -14.16 -53.20 -4.07
CA ASP A 339 -13.27 -52.81 -2.98
C ASP A 339 -13.69 -51.51 -2.29
N PHE A 340 -14.27 -50.59 -3.06
CA PHE A 340 -14.74 -49.30 -2.54
C PHE A 340 -15.82 -49.42 -1.45
N LEU A 341 -16.42 -50.60 -1.32
CA LEU A 341 -17.39 -50.86 -0.26
C LEU A 341 -16.71 -51.09 1.09
N ASP A 342 -15.52 -51.68 1.08
CA ASP A 342 -14.73 -51.89 2.30
C ASP A 342 -14.06 -50.59 2.71
N ASP B 5 14.28 5.37 8.67
CA ASP B 5 15.17 5.82 9.78
C ASP B 5 14.42 6.30 11.03
N GLU B 6 13.16 6.73 10.87
CA GLU B 6 12.30 7.03 12.02
C GLU B 6 12.11 5.78 12.87
N TYR B 7 11.75 4.68 12.20
CA TYR B 7 11.58 3.36 12.83
C TYR B 7 12.87 2.84 13.46
N THR B 8 13.98 2.99 12.75
CA THR B 8 15.29 2.55 13.25
C THR B 8 15.64 3.28 14.55
N LYS B 9 15.43 4.59 14.56
CA LYS B 9 15.62 5.38 15.76
C LYS B 9 14.69 4.87 16.86
N LEU B 10 13.39 4.90 16.57
CA LEU B 10 12.37 4.50 17.54
C LEU B 10 12.64 3.12 18.17
N LEU B 11 13.12 2.17 17.36
CA LEU B 11 13.39 0.82 17.85
C LEU B 11 14.69 0.69 18.65
N HIS B 12 15.74 1.39 18.22
CA HIS B 12 17.07 1.21 18.82
C HIS B 12 17.55 2.36 19.74
N ASP B 13 17.23 3.61 19.41
CA ASP B 13 17.71 4.78 20.19
C ASP B 13 17.55 4.63 21.71
N GLY B 14 16.44 4.05 22.14
CA GLY B 14 16.17 3.79 23.56
C GLY B 14 14.80 4.24 24.01
N ILE B 15 14.18 3.49 24.92
CA ILE B 15 12.91 3.90 25.54
C ILE B 15 13.16 4.62 26.86
N GLN B 16 13.06 5.94 26.84
CA GLN B 16 13.34 6.79 28.00
C GLN B 16 12.44 6.48 29.20
N PRO B 17 12.99 6.58 30.43
CA PRO B 17 12.13 6.63 31.60
C PRO B 17 11.22 7.85 31.52
N VAL B 18 9.95 7.70 31.90
CA VAL B 18 8.97 8.79 31.76
C VAL B 18 9.41 10.13 32.36
N ALA B 19 10.07 10.11 33.52
CA ALA B 19 10.50 11.34 34.18
C ALA B 19 11.58 12.09 33.39
N ALA B 20 12.38 11.35 32.60
CA ALA B 20 13.39 11.96 31.76
C ALA B 20 12.79 12.75 30.58
N ILE B 21 11.59 12.40 30.15
CA ILE B 21 10.89 13.16 29.11
C ILE B 21 10.53 14.53 29.68
N ASP B 22 9.94 14.52 30.87
CA ASP B 22 9.65 15.73 31.62
C ASP B 22 9.42 15.33 33.07
N SER B 23 9.99 16.09 34.00
CA SER B 23 9.90 15.78 35.43
C SER B 23 8.45 15.70 35.90
N ASN B 24 7.56 16.44 35.24
CA ASN B 24 6.15 16.46 35.59
C ASN B 24 5.26 15.66 34.64
N PHE B 25 5.84 14.70 33.92
CA PHE B 25 5.14 13.94 32.87
C PHE B 25 3.91 13.18 33.38
N ALA B 26 3.98 12.69 34.62
CA ALA B 26 2.89 11.89 35.18
C ALA B 26 1.94 12.70 36.07
N SER B 27 1.99 14.03 35.97
CA SER B 27 1.09 14.91 36.70
C SER B 27 -0.05 15.42 35.82
N PHE B 28 -1.20 15.67 36.44
CA PHE B 28 -2.35 16.25 35.75
C PHE B 28 -2.11 17.67 35.23
N THR B 29 -1.09 18.36 35.76
CA THR B 29 -0.75 19.71 35.29
C THR B 29 0.04 19.70 33.98
N TYR B 30 0.62 18.55 33.63
CA TYR B 30 1.39 18.43 32.39
C TYR B 30 0.53 18.58 31.15
N THR B 31 1.04 19.32 30.18
CA THR B 31 0.41 19.51 28.88
C THR B 31 1.19 18.69 27.84
N PRO B 32 0.62 17.53 27.42
CA PRO B 32 1.34 16.67 26.46
C PRO B 32 1.52 17.30 25.07
N ARG B 33 0.70 18.29 24.73
CA ARG B 33 0.87 19.01 23.47
C ARG B 33 2.16 19.85 23.43
N SER B 34 2.78 20.06 24.59
CA SER B 34 4.09 20.71 24.67
C SER B 34 5.19 19.86 24.09
N LEU B 35 5.01 18.54 24.09
CA LEU B 35 6.01 17.63 23.55
C LEU B 35 6.07 17.73 22.03
N PRO B 36 7.29 17.94 21.47
CA PRO B 36 7.40 17.96 20.00
C PRO B 36 6.88 16.68 19.37
N GLU B 37 6.29 16.80 18.18
CA GLU B 37 5.61 15.67 17.55
C GLU B 37 6.57 14.53 17.18
N ASP B 38 7.81 14.87 16.85
CA ASP B 38 8.84 13.86 16.61
C ASP B 38 9.17 12.99 17.83
N ASP B 39 8.83 13.45 19.04
CA ASP B 39 9.09 12.70 20.28
C ASP B 39 7.89 11.90 20.80
N THR B 40 6.74 12.00 20.13
CA THR B 40 5.52 11.41 20.67
C THR B 40 5.51 9.88 20.62
N SER B 41 5.97 9.28 19.53
CA SER B 41 6.03 7.81 19.43
C SER B 41 6.90 7.20 20.53
N MET B 42 8.05 7.83 20.78
CA MET B 42 8.92 7.46 21.89
C MET B 42 8.16 7.53 23.22
N ALA B 43 7.41 8.61 23.42
CA ALA B 43 6.64 8.81 24.65
C ALA B 43 5.55 7.76 24.86
N ILE B 44 4.97 7.24 23.76
CA ILE B 44 4.00 6.14 23.85
C ILE B 44 4.69 4.87 24.37
N LEU B 45 5.85 4.54 23.80
CA LEU B 45 6.63 3.39 24.28
C LEU B 45 6.97 3.56 25.76
N SER B 46 7.39 4.76 26.14
CA SER B 46 7.74 5.05 27.54
C SER B 46 6.58 4.79 28.50
N MET B 47 5.38 5.23 28.12
CA MET B 47 4.20 5.02 28.95
C MET B 47 3.83 3.55 29.06
N LEU B 48 3.87 2.83 27.94
CA LEU B 48 3.62 1.39 27.94
C LEU B 48 4.63 0.64 28.82
N GLN B 49 5.90 1.02 28.72
CA GLN B 49 6.94 0.48 29.60
C GLN B 49 6.65 0.78 31.08
N ASP B 50 6.25 2.02 31.37
CA ASP B 50 5.96 2.42 32.75
C ASP B 50 4.73 1.73 33.35
N MET B 51 3.75 1.42 32.51
CA MET B 51 2.54 0.73 32.97
C MET B 51 2.73 -0.79 33.05
N ASN B 52 3.87 -1.28 32.58
CA ASN B 52 4.25 -2.69 32.66
C ASN B 52 3.48 -3.59 31.67
N PHE B 53 2.95 -3.01 30.60
CA PHE B 53 2.22 -3.79 29.60
C PHE B 53 3.16 -4.54 28.66
N ILE B 54 4.25 -3.90 28.27
CA ILE B 54 5.25 -4.51 27.39
C ILE B 54 5.82 -5.75 28.08
N ASN B 55 6.28 -5.56 29.31
CA ASN B 55 6.98 -6.60 30.07
C ASN B 55 6.08 -7.73 30.55
N ASN B 56 4.82 -7.43 30.86
CA ASN B 56 3.86 -8.46 31.24
C ASN B 56 3.44 -9.31 30.04
N TYR B 57 3.06 -8.64 28.96
CA TYR B 57 2.63 -9.34 27.74
C TYR B 57 3.79 -9.76 26.84
N LYS B 58 5.02 -9.45 27.23
CA LYS B 58 6.20 -9.75 26.42
C LYS B 58 6.00 -9.28 24.98
N ILE B 59 5.53 -8.04 24.81
CA ILE B 59 5.23 -7.50 23.49
C ILE B 59 6.54 -7.38 22.72
N ASP B 60 6.54 -7.88 21.49
CA ASP B 60 7.68 -7.81 20.60
C ASP B 60 8.03 -6.34 20.33
N CYS B 61 9.29 -5.97 20.50
CA CYS B 61 9.71 -4.56 20.38
C CYS B 61 9.57 -4.02 18.96
N PRO B 62 10.07 -4.76 17.95
CA PRO B 62 9.85 -4.32 16.57
C PRO B 62 8.36 -4.16 16.23
N THR B 63 7.54 -5.09 16.68
CA THR B 63 6.10 -5.04 16.40
C THR B 63 5.46 -3.79 17.00
N LEU B 64 5.76 -3.51 18.27
CA LEU B 64 5.21 -2.33 18.95
C LEU B 64 5.67 -1.04 18.25
N ALA B 65 6.95 -0.98 17.88
CA ALA B 65 7.48 0.17 17.15
C ALA B 65 6.70 0.42 15.87
N ARG B 66 6.60 -0.60 15.02
CA ARG B 66 5.84 -0.50 13.78
C ARG B 66 4.38 -0.11 14.01
N PHE B 67 3.74 -0.76 14.97
CA PHE B 67 2.35 -0.46 15.28
C PHE B 67 2.17 1.03 15.60
N CYS B 68 3.01 1.54 16.51
CA CYS B 68 2.98 2.96 16.88
C CYS B 68 3.10 3.89 15.67
N LEU B 69 4.02 3.59 14.75
CA LEU B 69 4.23 4.42 13.57
C LEU B 69 3.08 4.30 12.57
N MET B 70 2.49 3.12 12.44
CA MET B 70 1.33 2.93 11.57
C MET B 70 0.11 3.69 12.09
N VAL B 71 -0.09 3.67 13.40
CA VAL B 71 -1.17 4.43 14.04
C VAL B 71 -0.99 5.92 13.77
N LYS B 72 0.21 6.43 14.05
CA LYS B 72 0.53 7.83 13.80
C LYS B 72 0.23 8.26 12.36
N LYS B 73 0.70 7.47 11.38
CA LYS B 73 0.47 7.75 9.96
C LYS B 73 -0.99 7.62 9.53
N GLY B 74 -1.77 6.85 10.30
CA GLY B 74 -3.20 6.67 10.02
C GLY B 74 -4.07 7.88 10.34
N TYR B 75 -3.48 8.89 10.97
CA TYR B 75 -4.18 10.16 11.20
C TYR B 75 -3.91 11.15 10.07
N ARG B 76 -4.96 11.79 9.59
CA ARG B 76 -4.83 12.87 8.60
C ARG B 76 -4.50 14.18 9.35
N ASP B 77 -4.55 15.31 8.67
CA ASP B 77 -4.18 16.58 9.30
C ASP B 77 -5.26 17.67 9.26
N PRO B 78 -6.49 17.35 9.72
CA PRO B 78 -7.41 18.47 9.97
C PRO B 78 -6.93 19.27 11.20
N PRO B 79 -7.45 20.49 11.40
CA PRO B 79 -6.99 21.31 12.52
C PRO B 79 -6.97 20.62 13.90
N TYR B 80 -8.03 19.89 14.24
CA TYR B 80 -8.11 19.29 15.58
C TYR B 80 -7.91 17.77 15.62
N HIS B 81 -8.61 17.03 14.76
CA HIS B 81 -8.61 15.57 14.85
C HIS B 81 -7.42 14.97 14.10
N ASN B 82 -6.23 15.19 14.66
CA ASN B 82 -4.96 14.75 14.09
C ASN B 82 -4.23 13.86 15.11
N TRP B 83 -2.98 13.45 14.83
CA TRP B 83 -2.24 12.57 15.74
C TRP B 83 -2.01 13.22 17.10
N MET B 84 -1.68 14.50 17.13
CA MET B 84 -1.43 15.17 18.41
C MET B 84 -2.64 15.08 19.34
N HIS B 85 -3.86 15.08 18.81
CA HIS B 85 -5.06 14.82 19.62
C HIS B 85 -4.99 13.40 20.20
N ALA B 86 -4.83 12.40 19.34
CA ALA B 86 -4.77 11.01 19.79
C ALA B 86 -3.65 10.81 20.83
N PHE B 87 -2.51 11.45 20.62
CA PHE B 87 -1.41 11.35 21.58
C PHE B 87 -1.79 11.94 22.94
N SER B 88 -2.38 13.13 22.95
CA SER B 88 -2.77 13.76 24.21
C SER B 88 -3.87 12.96 24.95
N VAL B 89 -4.76 12.34 24.18
CA VAL B 89 -5.82 11.50 24.75
C VAL B 89 -5.21 10.27 25.41
N SER B 90 -4.22 9.67 24.76
CA SER B 90 -3.51 8.50 25.29
C SER B 90 -2.70 8.87 26.52
N HIS B 91 -2.10 10.05 26.51
CA HIS B 91 -1.39 10.54 27.68
C HIS B 91 -2.29 10.69 28.90
N PHE B 92 -3.52 11.19 28.69
CA PHE B 92 -4.47 11.31 29.80
C PHE B 92 -4.84 9.94 30.34
N CYS B 93 -5.01 8.96 29.46
CA CYS B 93 -5.26 7.59 29.89
C CYS B 93 -4.14 7.11 30.82
N TYR B 94 -2.90 7.39 30.42
CA TYR B 94 -1.74 7.12 31.27
C TYR B 94 -1.82 7.83 32.62
N LEU B 95 -2.22 9.11 32.61
CA LEU B 95 -2.36 9.87 33.86
C LEU B 95 -3.41 9.29 34.80
N LEU B 96 -4.52 8.82 34.23
CA LEU B 96 -5.57 8.19 35.03
C LEU B 96 -5.06 6.88 35.65
N TYR B 97 -4.34 6.09 34.87
CA TYR B 97 -3.71 4.88 35.37
C TYR B 97 -2.82 5.18 36.57
N LYS B 98 -1.95 6.19 36.42
CA LYS B 98 -0.95 6.52 37.43
C LYS B 98 -1.54 7.22 38.65
N ASN B 99 -2.48 8.14 38.44
CA ASN B 99 -3.00 8.97 39.52
C ASN B 99 -4.22 8.40 40.23
N LEU B 100 -5.10 7.73 39.49
CA LEU B 100 -6.31 7.15 40.09
C LEU B 100 -6.15 5.66 40.47
N GLU B 101 -4.98 5.08 40.20
CA GLU B 101 -4.70 3.68 40.52
C GLU B 101 -5.73 2.73 39.91
N LEU B 102 -5.85 2.74 38.58
CA LEU B 102 -6.89 1.97 37.91
C LEU B 102 -6.76 0.46 38.10
N THR B 103 -5.57 -0.02 38.46
CA THR B 103 -5.36 -1.46 38.72
C THR B 103 -6.19 -1.98 39.89
N ASN B 104 -6.64 -1.08 40.77
CA ASN B 104 -7.58 -1.45 41.84
C ASN B 104 -9.05 -1.49 41.40
N TYR B 105 -9.34 -1.10 40.17
CA TYR B 105 -10.73 -1.00 39.69
C TYR B 105 -11.01 -1.85 38.45
N LEU B 106 -10.00 -2.05 37.60
CA LEU B 106 -10.16 -2.74 36.32
C LEU B 106 -9.08 -3.79 36.14
N GLU B 107 -9.35 -4.77 35.29
CA GLU B 107 -8.35 -5.80 34.99
C GLU B 107 -7.32 -5.19 34.05
N ASP B 108 -6.12 -5.76 34.07
CA ASP B 108 -5.03 -5.31 33.20
C ASP B 108 -5.42 -5.25 31.73
N ILE B 109 -6.09 -6.30 31.25
CA ILE B 109 -6.53 -6.40 29.86
C ILE B 109 -7.48 -5.26 29.46
N GLU B 110 -8.33 -4.83 30.39
CA GLU B 110 -9.24 -3.68 30.17
C GLU B 110 -8.49 -2.35 30.07
N ILE B 111 -7.53 -2.14 30.97
CA ILE B 111 -6.72 -0.92 30.96
C ILE B 111 -5.92 -0.87 29.66
N PHE B 112 -5.39 -2.02 29.26
CA PHE B 112 -4.62 -2.12 28.01
C PHE B 112 -5.50 -1.79 26.81
N ALA B 113 -6.72 -2.33 26.79
CA ALA B 113 -7.68 -2.02 25.73
C ALA B 113 -8.00 -0.53 25.66
N LEU B 114 -8.20 0.08 26.82
CA LEU B 114 -8.49 1.50 26.91
C LEU B 114 -7.37 2.34 26.31
N PHE B 115 -6.13 1.99 26.64
CA PHE B 115 -4.97 2.76 26.15
C PHE B 115 -4.82 2.64 24.65
N ILE B 116 -4.83 1.41 24.14
CA ILE B 116 -4.68 1.23 22.70
C ILE B 116 -5.85 1.91 21.97
N SER B 117 -7.07 1.78 22.51
CA SER B 117 -8.23 2.48 21.97
C SER B 117 -7.99 3.99 21.86
N CYS B 118 -7.44 4.58 22.91
CA CYS B 118 -7.11 6.01 22.91
C CYS B 118 -6.22 6.40 21.73
N MET B 119 -5.18 5.60 21.49
CA MET B 119 -4.29 5.84 20.35
C MET B 119 -5.04 5.78 19.02
N CYS B 120 -5.98 4.84 18.90
CA CYS B 120 -6.68 4.55 17.64
C CYS B 120 -8.05 5.19 17.47
N HIS B 121 -8.56 5.87 18.50
CA HIS B 121 -9.99 6.18 18.56
C HIS B 121 -10.48 7.18 17.49
N ASP B 122 -9.58 7.92 16.85
CA ASP B 122 -9.95 8.89 15.81
C ASP B 122 -9.24 8.65 14.47
N LEU B 123 -8.75 7.43 14.25
CA LEU B 123 -8.01 7.08 13.04
C LEU B 123 -8.72 7.46 11.74
N ASP B 124 -7.97 8.11 10.85
CA ASP B 124 -8.45 8.49 9.53
C ASP B 124 -9.64 9.48 9.58
N HIS B 125 -9.65 10.34 10.60
CA HIS B 125 -10.66 11.41 10.72
C HIS B 125 -10.38 12.45 9.63
N ARG B 126 -11.41 12.86 8.91
CA ARG B 126 -11.25 13.82 7.78
C ARG B 126 -11.65 15.25 8.17
N GLY B 127 -12.12 15.41 9.40
CA GLY B 127 -12.45 16.70 9.96
C GLY B 127 -13.93 17.02 9.82
N THR B 128 -14.75 15.97 9.66
CA THR B 128 -16.19 16.14 9.55
C THR B 128 -16.87 15.12 10.46
N ASN B 129 -18.03 15.49 11.00
CA ASN B 129 -18.70 14.69 12.01
C ASN B 129 -19.68 13.67 11.39
N ASN B 130 -20.42 12.96 12.23
CA ASN B 130 -21.34 11.93 11.75
C ASN B 130 -22.48 12.48 10.89
N SER B 131 -23.08 13.59 11.30
CA SER B 131 -24.19 14.18 10.54
C SER B 131 -23.77 14.49 9.09
N PHE B 132 -22.54 14.98 8.91
CA PHE B 132 -22.00 15.21 7.57
C PHE B 132 -21.93 13.94 6.72
N GLN B 133 -21.56 12.82 7.34
CA GLN B 133 -21.45 11.55 6.62
C GLN B 133 -22.82 11.11 6.08
N VAL B 134 -23.85 11.23 6.92
CA VAL B 134 -25.21 10.85 6.54
C VAL B 134 -25.76 11.79 5.48
N ALA B 135 -25.65 13.09 5.71
CA ALA B 135 -26.16 14.11 4.79
C ALA B 135 -25.49 14.02 3.42
N SER B 136 -24.16 13.85 3.41
CA SER B 136 -23.40 13.76 2.16
C SER B 136 -23.43 12.37 1.53
N LYS B 137 -24.05 11.40 2.22
CA LYS B 137 -24.14 10.02 1.72
C LYS B 137 -22.77 9.45 1.39
N SER B 138 -21.86 9.50 2.37
CA SER B 138 -20.49 9.04 2.18
C SER B 138 -20.40 7.53 2.13
N VAL B 139 -19.24 7.02 1.74
CA VAL B 139 -18.98 5.57 1.72
C VAL B 139 -19.06 4.99 3.12
N LEU B 140 -18.65 5.76 4.13
CA LEU B 140 -18.65 5.29 5.50
C LEU B 140 -20.09 5.14 6.02
N ALA B 141 -20.96 6.06 5.64
CA ALA B 141 -22.39 5.97 5.95
C ALA B 141 -23.06 4.85 5.16
N ALA B 142 -22.55 4.59 3.96
CA ALA B 142 -23.01 3.46 3.15
C ALA B 142 -22.71 2.11 3.82
N LEU B 143 -21.49 1.96 4.35
CA LEU B 143 -21.09 0.74 5.02
C LEU B 143 -21.79 0.55 6.36
N TYR B 144 -21.84 1.60 7.16
CA TYR B 144 -22.38 1.54 8.51
C TYR B 144 -23.70 2.32 8.59
N SER B 145 -24.79 1.66 8.19
CA SER B 145 -26.09 2.32 8.03
C SER B 145 -27.09 2.06 9.16
N SER B 146 -27.00 0.92 9.83
CA SER B 146 -28.08 0.45 10.71
C SER B 146 -28.14 1.13 12.08
N GLU B 147 -27.07 1.03 12.86
CA GLU B 147 -27.08 1.47 14.26
C GLU B 147 -26.71 2.94 14.44
N GLY B 148 -25.72 3.41 13.69
CA GLY B 148 -25.23 4.78 13.80
C GLY B 148 -23.76 4.80 14.15
N SER B 149 -23.30 5.94 14.68
CA SER B 149 -21.89 6.14 15.03
C SER B 149 -20.96 5.80 13.85
N VAL B 150 -21.17 6.48 12.74
CA VAL B 150 -20.50 6.16 11.48
C VAL B 150 -18.97 6.31 11.53
N MET B 151 -18.49 7.45 12.05
CA MET B 151 -17.04 7.67 12.12
C MET B 151 -16.39 6.71 13.12
N GLU B 152 -17.05 6.46 14.24
CA GLU B 152 -16.50 5.60 15.29
C GLU B 152 -16.35 4.15 14.83
N ARG B 153 -17.33 3.66 14.07
CA ARG B 153 -17.20 2.37 13.39
C ARG B 153 -16.01 2.35 12.43
N HIS B 154 -15.83 3.43 11.69
CA HIS B 154 -14.69 3.55 10.77
C HIS B 154 -13.34 3.56 11.51
N HIS B 155 -13.26 4.33 12.60
CA HIS B 155 -12.04 4.35 13.42
C HIS B 155 -11.68 2.94 13.93
N PHE B 156 -12.66 2.20 14.38
CA PHE B 156 -12.46 0.81 14.80
C PHE B 156 -11.93 -0.04 13.64
N ALA B 157 -12.57 0.07 12.47
CA ALA B 157 -12.14 -0.68 11.29
C ALA B 157 -10.70 -0.37 10.88
N GLN B 158 -10.32 0.90 10.97
CA GLN B 158 -8.93 1.29 10.68
C GLN B 158 -7.97 0.66 11.67
N ALA B 159 -8.37 0.61 12.94
CA ALA B 159 -7.52 0.02 13.98
C ALA B 159 -7.33 -1.48 13.76
N ILE B 160 -8.40 -2.16 13.37
CA ILE B 160 -8.35 -3.61 13.10
C ILE B 160 -7.42 -3.91 11.93
N ALA B 161 -7.48 -3.09 10.87
CA ALA B 161 -6.65 -3.29 9.68
C ALA B 161 -5.16 -3.11 10.00
N ILE B 162 -4.86 -2.17 10.88
CA ILE B 162 -3.48 -1.98 11.37
C ILE B 162 -3.01 -3.22 12.14
N LEU B 163 -3.83 -3.71 13.07
CA LEU B 163 -3.47 -4.91 13.83
C LEU B 163 -3.23 -6.12 12.91
N ASN B 164 -3.96 -6.19 11.80
CA ASN B 164 -3.81 -7.27 10.83
C ASN B 164 -2.79 -6.98 9.71
N THR B 165 -2.04 -5.89 9.87
CA THR B 165 -0.98 -5.58 8.93
C THR B 165 0.27 -6.35 9.36
N HIS B 166 0.93 -6.99 8.40
CA HIS B 166 2.13 -7.78 8.67
C HIS B 166 3.11 -7.01 9.54
N GLY B 167 3.47 -7.59 10.68
CA GLY B 167 4.46 -7.00 11.58
C GLY B 167 3.94 -5.95 12.55
N CYS B 168 2.61 -5.76 12.64
CA CYS B 168 2.02 -4.77 13.54
C CYS B 168 1.09 -5.36 14.61
N ASN B 169 0.97 -6.69 14.66
CA ASN B 169 0.02 -7.30 15.58
C ASN B 169 0.54 -7.40 17.01
N ILE B 170 0.38 -6.30 17.75
CA ILE B 170 0.77 -6.24 19.17
C ILE B 170 -0.13 -7.07 20.09
N PHE B 171 -1.23 -7.63 19.57
CA PHE B 171 -2.07 -8.54 20.34
C PHE B 171 -1.74 -10.02 20.09
N ASP B 172 -0.61 -10.29 19.42
CA ASP B 172 -0.25 -11.66 19.05
C ASP B 172 -0.04 -12.60 20.25
N HIS B 173 0.35 -12.05 21.39
CA HIS B 173 0.63 -12.86 22.57
C HIS B 173 -0.63 -13.36 23.29
N PHE B 174 -1.78 -12.78 22.99
CA PHE B 174 -3.04 -13.20 23.62
C PHE B 174 -3.54 -14.54 23.07
N SER B 175 -4.20 -15.31 23.93
CA SER B 175 -4.93 -16.50 23.50
C SER B 175 -6.06 -16.07 22.55
N ARG B 176 -6.58 -17.02 21.77
CA ARG B 176 -7.75 -16.75 20.91
C ARG B 176 -8.88 -16.09 21.67
N LYS B 177 -9.14 -16.58 22.88
CA LYS B 177 -10.22 -16.04 23.71
C LYS B 177 -9.94 -14.58 24.10
N ASP B 178 -8.74 -14.31 24.60
CA ASP B 178 -8.37 -12.95 25.00
C ASP B 178 -8.26 -12.00 23.80
N TYR B 179 -7.82 -12.52 22.67
CA TYR B 179 -7.77 -11.74 21.44
C TYR B 179 -9.17 -11.23 21.06
N GLN B 180 -10.16 -12.12 21.14
CA GLN B 180 -11.54 -11.74 20.84
C GLN B 180 -12.06 -10.72 21.86
N ARG B 181 -11.70 -10.92 23.13
CA ARG B 181 -12.09 -9.98 24.18
C ARG B 181 -11.52 -8.58 23.90
N MET B 182 -10.25 -8.53 23.49
CA MET B 182 -9.58 -7.28 23.16
C MET B 182 -10.28 -6.56 22.01
N LEU B 183 -10.57 -7.31 20.94
CA LEU B 183 -11.29 -6.77 19.79
C LEU B 183 -12.63 -6.16 20.21
N ASP B 184 -13.37 -6.90 21.02
CA ASP B 184 -14.69 -6.46 21.47
C ASP B 184 -14.61 -5.30 22.46
N LEU B 185 -13.58 -5.29 23.30
CA LEU B 185 -13.32 -4.16 24.21
C LEU B 185 -13.02 -2.91 23.40
N MET B 186 -12.11 -3.02 22.43
CA MET B 186 -11.76 -1.89 21.56
C MET B 186 -12.97 -1.32 20.81
N ARG B 187 -13.86 -2.18 20.33
CA ARG B 187 -15.05 -1.70 19.63
C ARG B 187 -15.94 -0.90 20.57
N ASP B 188 -16.20 -1.47 21.73
CA ASP B 188 -17.04 -0.82 22.74
C ASP B 188 -16.46 0.52 23.23
N ILE B 189 -15.15 0.55 23.43
CA ILE B 189 -14.50 1.76 23.94
C ILE B 189 -14.48 2.85 22.88
N ILE B 190 -14.15 2.49 21.64
CA ILE B 190 -14.13 3.45 20.54
C ILE B 190 -15.56 3.95 20.24
N LEU B 191 -16.55 3.08 20.36
CA LEU B 191 -17.94 3.49 20.15
C LEU B 191 -18.41 4.45 21.23
N ALA B 192 -17.85 4.34 22.44
CA ALA B 192 -18.16 5.24 23.53
C ALA B 192 -17.68 6.68 23.28
N THR B 193 -16.83 6.89 22.28
CA THR B 193 -16.39 8.26 21.96
C THR B 193 -17.43 9.06 21.16
N ASP B 194 -18.51 8.41 20.71
CA ASP B 194 -19.61 9.12 20.09
C ASP B 194 -20.39 9.80 21.23
N LEU B 195 -20.59 11.11 21.12
CA LEU B 195 -21.35 11.87 22.10
C LEU B 195 -22.78 11.35 22.26
N ALA B 196 -23.38 10.90 21.16
CA ALA B 196 -24.73 10.31 21.19
C ALA B 196 -24.78 9.12 22.15
N HIS B 197 -23.74 8.29 22.11
CA HIS B 197 -23.62 7.16 23.03
C HIS B 197 -23.53 7.63 24.47
N HIS B 198 -22.62 8.58 24.72
CA HIS B 198 -22.44 9.12 26.07
C HIS B 198 -23.73 9.69 26.64
N LEU B 199 -24.44 10.45 25.83
CA LEU B 199 -25.71 11.03 26.26
C LEU B 199 -26.74 9.92 26.58
N ARG B 200 -26.75 8.85 25.80
CA ARG B 200 -27.66 7.73 26.07
C ARG B 200 -27.36 6.95 27.37
N ILE B 201 -26.09 6.82 27.74
CA ILE B 201 -25.73 6.11 28.98
C ILE B 201 -25.55 7.04 30.19
N PHE B 202 -25.84 8.33 30.01
CA PHE B 202 -25.55 9.31 31.06
C PHE B 202 -26.25 8.96 32.39
N LYS B 203 -27.52 8.54 32.34
CA LYS B 203 -28.26 8.25 33.59
C LYS B 203 -27.71 7.00 34.28
N ASP B 204 -27.27 6.03 33.48
CA ASP B 204 -26.63 4.83 34.02
C ASP B 204 -25.29 5.16 34.69
N LEU B 205 -24.54 6.09 34.12
CA LEU B 205 -23.32 6.59 34.75
C LEU B 205 -23.63 7.28 36.09
N GLN B 206 -24.67 8.13 36.09
CA GLN B 206 -25.11 8.80 37.32
C GLN B 206 -25.51 7.80 38.41
N LYS B 207 -26.22 6.75 38.03
CA LYS B 207 -26.65 5.72 38.98
C LYS B 207 -25.46 4.97 39.57
N MET B 208 -24.50 4.61 38.73
CA MET B 208 -23.30 3.94 39.19
C MET B 208 -22.54 4.79 40.21
N ALA B 209 -22.40 6.08 39.93
CA ALA B 209 -21.72 7.01 40.82
C ALA B 209 -22.48 7.20 42.14
N GLU B 210 -23.81 7.21 42.05
CA GLU B 210 -24.66 7.36 43.24
C GLU B 210 -24.55 6.16 44.17
N VAL B 211 -24.67 4.95 43.61
CA VAL B 211 -24.64 3.72 44.41
C VAL B 211 -23.22 3.27 44.72
N GLY B 212 -22.27 3.68 43.88
CA GLY B 212 -20.85 3.38 44.10
C GLY B 212 -20.34 2.26 43.20
N TYR B 213 -19.11 2.41 42.72
CA TYR B 213 -18.50 1.44 41.83
C TYR B 213 -18.35 0.10 42.55
N ASP B 214 -18.58 -0.96 41.79
CA ASP B 214 -18.57 -2.33 42.29
C ASP B 214 -17.71 -3.13 41.31
N ARG B 215 -16.51 -3.48 41.73
CA ARG B 215 -15.59 -4.22 40.87
C ARG B 215 -16.12 -5.60 40.44
N ASN B 216 -17.00 -6.19 41.26
CA ASN B 216 -17.63 -7.47 40.91
C ASN B 216 -18.85 -7.36 39.98
N ASN B 217 -19.17 -6.13 39.54
CA ASN B 217 -20.28 -5.89 38.63
C ASN B 217 -19.76 -5.63 37.22
N LYS B 218 -20.00 -6.56 36.31
CA LYS B 218 -19.52 -6.45 34.93
C LYS B 218 -20.06 -5.22 34.18
N GLN B 219 -21.29 -4.81 34.47
CA GLN B 219 -21.88 -3.63 33.85
C GLN B 219 -21.15 -2.35 34.29
N HIS B 220 -20.71 -2.32 35.54
CA HIS B 220 -19.93 -1.20 36.05
C HIS B 220 -18.55 -1.11 35.38
N HIS B 221 -17.92 -2.24 35.10
CA HIS B 221 -16.69 -2.26 34.30
C HIS B 221 -16.93 -1.60 32.96
N ARG B 222 -18.00 -2.01 32.27
CA ARG B 222 -18.35 -1.48 30.95
C ARG B 222 -18.60 0.03 31.00
N LEU B 223 -19.42 0.45 31.95
CA LEU B 223 -19.74 1.87 32.13
C LEU B 223 -18.49 2.71 32.49
N LEU B 224 -17.64 2.17 33.35
CA LEU B 224 -16.44 2.88 33.77
C LEU B 224 -15.49 3.10 32.58
N LEU B 225 -15.29 2.06 31.79
CA LEU B 225 -14.46 2.17 30.60
C LEU B 225 -14.95 3.28 29.68
N CYS B 226 -16.28 3.39 29.53
CA CYS B 226 -16.88 4.43 28.68
C CYS B 226 -16.62 5.84 29.22
N LEU B 227 -16.85 6.02 30.52
CA LEU B 227 -16.62 7.31 31.18
C LEU B 227 -15.16 7.70 31.06
N LEU B 228 -14.27 6.77 31.41
CA LEU B 228 -12.84 7.00 31.31
C LEU B 228 -12.43 7.41 29.90
N MET B 229 -13.01 6.75 28.89
CA MET B 229 -12.70 7.06 27.49
C MET B 229 -13.10 8.50 27.16
N THR B 230 -14.32 8.90 27.50
CA THR B 230 -14.76 10.27 27.25
C THR B 230 -13.91 11.29 28.03
N SER B 231 -13.53 10.94 29.26
CA SER B 231 -12.64 11.78 30.08
C SER B 231 -11.32 12.04 29.38
N CYS B 232 -10.78 11.03 28.72
CA CYS B 232 -9.55 11.20 27.93
C CYS B 232 -9.79 12.06 26.69
N ASP B 233 -10.90 11.79 25.98
CA ASP B 233 -11.20 12.50 24.72
C ASP B 233 -11.32 14.01 24.93
N LEU B 234 -11.87 14.43 26.07
CA LEU B 234 -12.08 15.86 26.36
C LEU B 234 -11.03 16.47 27.30
N SER B 235 -9.92 15.77 27.52
CA SER B 235 -8.96 16.15 28.55
C SER B 235 -8.21 17.48 28.32
N ASP B 236 -8.28 18.04 27.12
CA ASP B 236 -7.72 19.38 26.88
C ASP B 236 -8.40 20.43 27.77
N GLN B 237 -9.65 20.16 28.14
CA GLN B 237 -10.41 21.06 29.03
C GLN B 237 -9.93 21.05 30.48
N THR B 238 -9.10 20.06 30.85
CA THR B 238 -8.59 19.94 32.22
C THR B 238 -7.24 20.62 32.45
N LYS B 239 -6.68 21.21 31.41
CA LYS B 239 -5.36 21.85 31.51
C LYS B 239 -5.54 23.35 31.80
N GLY B 240 -4.52 24.15 31.53
CA GLY B 240 -4.64 25.61 31.69
C GLY B 240 -5.55 26.24 30.65
N TRP B 241 -5.98 27.46 30.91
CA TRP B 241 -6.90 28.14 30.00
C TRP B 241 -6.32 28.30 28.58
N LYS B 242 -5.01 28.56 28.48
CA LYS B 242 -4.34 28.67 27.17
C LYS B 242 -4.58 27.45 26.29
N THR B 243 -4.54 26.25 26.88
CA THR B 243 -4.80 25.04 26.13
C THR B 243 -6.25 25.00 25.62
N THR B 244 -7.20 25.37 26.47
CA THR B 244 -8.62 25.40 26.04
C THR B 244 -8.85 26.49 24.98
N ARG B 245 -8.10 27.58 25.06
CA ARG B 245 -8.18 28.64 24.04
C ARG B 245 -7.64 28.12 22.70
N LYS B 246 -6.50 27.45 22.75
CA LYS B 246 -5.91 26.88 21.55
C LYS B 246 -6.82 25.83 20.92
N ILE B 247 -7.37 24.94 21.74
CA ILE B 247 -8.24 23.88 21.24
C ILE B 247 -9.54 24.45 20.66
N ALA B 248 -10.07 25.50 21.28
CA ALA B 248 -11.24 26.18 20.73
C ALA B 248 -10.93 26.67 19.31
N GLU B 249 -9.76 27.26 19.14
CA GLU B 249 -9.31 27.75 17.86
C GLU B 249 -9.28 26.63 16.79
N LEU B 250 -8.74 25.48 17.15
CA LEU B 250 -8.65 24.33 16.22
C LEU B 250 -10.01 23.73 15.95
N ILE B 251 -10.77 23.49 17.02
CA ILE B 251 -12.13 22.94 16.92
C ILE B 251 -12.99 23.74 15.97
N TYR B 252 -13.01 25.07 16.13
CA TYR B 252 -13.87 25.93 15.32
C TYR B 252 -13.37 26.10 13.89
N LYS B 253 -12.06 26.10 13.69
CA LYS B 253 -11.53 26.09 12.32
C LYS B 253 -12.05 24.85 11.59
N GLU B 254 -11.95 23.70 12.25
CA GLU B 254 -12.43 22.45 11.69
C GLU B 254 -13.94 22.49 11.44
N PHE B 255 -14.71 22.91 12.44
CA PHE B 255 -16.17 23.05 12.32
C PHE B 255 -16.57 23.98 11.17
N PHE B 256 -15.92 25.13 11.07
CA PHE B 256 -16.28 26.12 10.04
C PHE B 256 -15.92 25.66 8.62
N SER B 257 -14.94 24.78 8.49
CA SER B 257 -14.64 24.18 7.19
C SER B 257 -15.75 23.22 6.75
N GLN B 258 -16.27 22.44 7.68
CA GLN B 258 -17.43 21.57 7.39
C GLN B 258 -18.65 22.41 7.00
N GLY B 259 -18.89 23.48 7.76
CA GLY B 259 -20.00 24.38 7.46
C GLY B 259 -19.91 24.97 6.07
N ASP B 260 -18.71 25.44 5.71
CA ASP B 260 -18.46 25.98 4.38
C ASP B 260 -18.82 24.95 3.30
N LEU B 261 -18.38 23.71 3.49
CA LEU B 261 -18.70 22.62 2.55
C LEU B 261 -20.19 22.37 2.44
N GLU B 262 -20.87 22.33 3.57
CA GLU B 262 -22.32 22.07 3.60
C GLU B 262 -23.12 23.16 2.88
N LYS B 263 -22.69 24.41 3.00
CA LYS B 263 -23.32 25.52 2.27
C LYS B 263 -23.17 25.34 0.76
N ALA B 264 -21.95 25.01 0.33
CA ALA B 264 -21.65 24.85 -1.09
C ALA B 264 -22.46 23.72 -1.73
N MET B 265 -22.61 22.61 -1.02
CA MET B 265 -23.36 21.46 -1.57
C MET B 265 -24.86 21.54 -1.31
N GLY B 266 -25.29 22.54 -0.55
CA GLY B 266 -26.72 22.86 -0.42
C GLY B 266 -27.42 22.23 0.76
N ASN B 267 -26.66 21.82 1.78
CA ASN B 267 -27.23 21.28 3.01
C ASN B 267 -27.16 22.33 4.11
N ARG B 268 -28.06 22.21 5.08
CA ARG B 268 -28.13 23.14 6.20
C ARG B 268 -27.08 22.78 7.25
N PRO B 269 -26.11 23.69 7.51
CA PRO B 269 -25.12 23.41 8.54
C PRO B 269 -25.66 23.70 9.93
N MET B 270 -25.08 23.07 10.95
CA MET B 270 -25.39 23.40 12.34
C MET B 270 -24.95 24.84 12.61
N GLU B 271 -25.63 25.53 13.52
CA GLU B 271 -25.26 26.90 13.88
C GLU B 271 -23.80 27.03 14.35
N MET B 272 -23.34 26.06 15.15
CA MET B 272 -21.99 26.08 15.69
C MET B 272 -20.90 25.88 14.63
N MET B 273 -21.28 25.43 13.44
CA MET B 273 -20.35 25.27 12.31
C MET B 273 -20.51 26.34 11.22
N ASP B 274 -21.41 27.30 11.43
CA ASP B 274 -21.59 28.41 10.49
C ASP B 274 -20.77 29.61 10.96
N ARG B 275 -19.69 29.90 10.25
CA ARG B 275 -18.78 30.98 10.64
C ARG B 275 -19.45 32.37 10.68
N GLU B 276 -20.54 32.54 9.94
CA GLU B 276 -21.27 33.81 9.91
C GLU B 276 -22.23 33.98 11.09
N LYS B 277 -22.55 32.88 11.78
CA LYS B 277 -23.52 32.90 12.88
C LYS B 277 -22.95 32.49 14.25
N ALA B 278 -21.98 31.58 14.27
CA ALA B 278 -21.42 31.06 15.51
C ALA B 278 -20.82 32.14 16.38
N TYR B 279 -21.15 32.11 17.67
CA TYR B 279 -20.59 33.03 18.65
C TYR B 279 -19.80 32.19 19.66
N ILE B 280 -18.49 32.15 19.48
CA ILE B 280 -17.64 31.13 20.11
C ILE B 280 -17.72 31.06 21.64
N PRO B 281 -17.58 32.21 22.34
CA PRO B 281 -17.59 32.13 23.80
C PRO B 281 -18.84 31.48 24.38
N GLU B 282 -20.01 31.80 23.83
CA GLU B 282 -21.26 31.13 24.23
C GLU B 282 -21.23 29.63 23.95
N LEU B 283 -20.80 29.27 22.75
CA LEU B 283 -20.79 27.86 22.35
C LEU B 283 -19.84 27.05 23.22
N GLN B 284 -18.64 27.60 23.47
CA GLN B 284 -17.65 26.96 24.34
C GLN B 284 -18.16 26.82 25.77
N ILE B 285 -18.81 27.86 26.29
CA ILE B 285 -19.37 27.80 27.64
C ILE B 285 -20.47 26.74 27.75
N SER B 286 -21.35 26.66 26.75
CA SER B 286 -22.41 25.63 26.74
C SER B 286 -21.81 24.21 26.59
N PHE B 287 -20.73 24.09 25.84
CA PHE B 287 -20.02 22.82 25.71
C PHE B 287 -19.44 22.39 27.07
N MET B 288 -18.82 23.34 27.78
CA MET B 288 -18.22 23.05 29.08
C MET B 288 -19.29 22.69 30.11
N GLU B 289 -20.33 23.50 30.19
CA GLU B 289 -21.41 23.29 31.17
C GLU B 289 -22.22 22.01 30.96
N HIS B 290 -22.55 21.70 29.72
CA HIS B 290 -23.49 20.61 29.43
C HIS B 290 -22.83 19.29 29.02
N ILE B 291 -21.58 19.34 28.58
CA ILE B 291 -20.86 18.12 28.16
C ILE B 291 -19.67 17.81 29.05
N ALA B 292 -18.69 18.71 29.09
CA ALA B 292 -17.41 18.41 29.76
C ALA B 292 -17.53 18.36 31.29
N MET B 293 -18.08 19.41 31.91
CA MET B 293 -18.14 19.47 33.38
C MET B 293 -18.90 18.29 34.00
N PRO B 294 -20.02 17.87 33.40
CA PRO B 294 -20.69 16.69 33.96
C PRO B 294 -19.87 15.39 33.90
N ILE B 295 -19.06 15.23 32.86
CA ILE B 295 -18.17 14.07 32.76
C ILE B 295 -17.15 14.04 33.89
N TYR B 296 -16.48 15.17 34.12
CA TYR B 296 -15.46 15.24 35.17
C TYR B 296 -16.09 15.28 36.57
N LYS B 297 -17.36 15.66 36.67
CA LYS B 297 -18.09 15.56 37.94
C LYS B 297 -18.34 14.10 38.31
N LEU B 298 -18.85 13.33 37.35
CA LEU B 298 -18.98 11.89 37.52
C LEU B 298 -17.65 11.26 37.91
N LEU B 299 -16.59 11.63 37.21
CA LEU B 299 -15.25 11.08 37.49
C LEU B 299 -14.84 11.38 38.93
N GLN B 300 -15.10 12.59 39.39
CA GLN B 300 -14.82 12.98 40.76
C GLN B 300 -15.63 12.18 41.78
N ASP B 301 -16.92 12.04 41.53
CA ASP B 301 -17.81 11.26 42.40
C ASP B 301 -17.33 9.81 42.56
N LEU B 302 -16.77 9.25 41.48
CA LEU B 302 -16.20 7.89 41.51
C LEU B 302 -14.80 7.84 42.12
N PHE B 303 -13.97 8.85 41.82
CA PHE B 303 -12.57 8.90 42.28
C PHE B 303 -12.29 10.24 42.95
N PRO B 304 -12.23 10.28 44.30
CA PRO B 304 -11.94 11.53 45.01
C PRO B 304 -10.68 12.27 44.53
N LYS B 305 -9.66 11.53 44.11
CA LYS B 305 -8.41 12.14 43.61
C LYS B 305 -8.56 12.75 42.20
N ALA B 306 -9.74 12.62 41.58
CA ALA B 306 -10.06 13.30 40.33
C ALA B 306 -10.66 14.68 40.53
N ALA B 307 -10.85 15.08 41.79
CA ALA B 307 -11.48 16.37 42.12
C ALA B 307 -10.83 17.57 41.45
N GLU B 308 -9.50 17.55 41.34
CA GLU B 308 -8.77 18.68 40.77
C GLU B 308 -9.07 18.86 39.28
N LEU B 309 -9.38 17.77 38.59
CA LEU B 309 -9.76 17.83 37.18
C LEU B 309 -11.04 18.63 37.00
N TYR B 310 -12.09 18.23 37.72
CA TYR B 310 -13.35 18.95 37.69
C TYR B 310 -13.15 20.43 38.01
N GLU B 311 -12.39 20.68 39.07
CA GLU B 311 -12.07 22.04 39.50
C GLU B 311 -11.39 22.86 38.40
N ARG B 312 -10.45 22.25 37.68
CA ARG B 312 -9.76 22.94 36.58
C ARG B 312 -10.70 23.26 35.42
N VAL B 313 -11.58 22.33 35.07
CA VAL B 313 -12.56 22.55 34.00
C VAL B 313 -13.49 23.71 34.38
N ALA B 314 -13.98 23.71 35.62
CA ALA B 314 -14.88 24.76 36.11
C ALA B 314 -14.19 26.13 36.13
N SER B 315 -12.92 26.16 36.50
CA SER B 315 -12.13 27.40 36.49
C SER B 315 -11.94 27.90 35.06
N ASN B 316 -11.70 26.98 34.13
CA ASN B 316 -11.56 27.34 32.73
C ASN B 316 -12.86 27.96 32.18
N ARG B 317 -13.99 27.38 32.55
CA ARG B 317 -15.29 27.93 32.19
C ARG B 317 -15.43 29.38 32.67
N GLU B 318 -14.98 29.65 33.89
CA GLU B 318 -15.06 31.01 34.45
C GLU B 318 -14.18 32.01 33.70
N HIS B 319 -12.97 31.59 33.35
CA HIS B 319 -12.10 32.41 32.50
C HIS B 319 -12.78 32.76 31.17
N TRP B 320 -13.47 31.77 30.58
CA TRP B 320 -14.24 32.02 29.35
C TRP B 320 -15.35 33.06 29.54
N THR B 321 -16.07 32.99 30.67
CA THR B 321 -17.06 34.03 30.96
C THR B 321 -16.40 35.39 31.16
N LYS B 322 -15.21 35.40 31.80
CA LYS B 322 -14.48 36.65 32.05
C LYS B 322 -13.96 37.31 30.78
N VAL B 323 -13.60 36.52 29.78
CA VAL B 323 -13.02 37.04 28.53
C VAL B 323 -14.08 37.22 27.43
N SER B 324 -15.32 36.82 27.73
CA SER B 324 -16.39 36.75 26.74
C SER B 324 -16.65 38.09 26.07
N HIS B 325 -16.60 39.16 26.88
CA HIS B 325 -16.86 40.52 26.42
C HIS B 325 -15.93 41.01 25.30
N LYS B 326 -14.72 40.44 25.22
CA LYS B 326 -13.78 40.83 24.16
C LYS B 326 -14.20 40.40 22.74
N PHE B 327 -15.23 39.56 22.63
CA PHE B 327 -15.85 39.24 21.34
C PHE B 327 -16.81 40.33 20.82
N THR B 328 -17.12 41.32 21.66
CA THR B 328 -17.77 42.55 21.21
C THR B 328 -16.69 43.64 21.19
N ILE B 329 -16.47 44.24 20.02
CA ILE B 329 -15.38 45.19 19.85
C ILE B 329 -15.72 46.53 20.52
N ARG B 330 -15.03 46.82 21.62
CA ARG B 330 -15.11 48.11 22.28
C ARG B 330 -13.83 48.90 22.00
N GLY B 331 -13.94 50.22 22.04
CA GLY B 331 -12.86 51.10 21.59
C GLY B 331 -12.66 50.94 20.09
N LEU B 332 -11.42 51.14 19.66
CA LEU B 332 -11.04 50.92 18.26
C LEU B 332 -10.15 49.69 18.18
N PRO B 333 -10.09 49.03 17.01
CA PRO B 333 -9.10 47.97 16.80
C PRO B 333 -7.67 48.49 16.91
N SER B 334 -6.69 47.58 16.95
CA SER B 334 -5.28 47.92 17.12
C SER B 334 -4.78 48.98 16.13
N ASN B 335 -5.27 48.91 14.88
CA ASN B 335 -4.85 49.85 13.83
C ASN B 335 -5.50 51.25 13.90
N ASN B 336 -6.37 51.48 14.89
CA ASN B 336 -7.11 52.74 15.02
C ASN B 336 -7.98 53.02 13.80
N SER B 337 -8.56 51.96 13.22
CA SER B 337 -9.31 52.06 11.98
C SER B 337 -10.63 51.31 12.06
N LEU B 338 -11.62 51.78 11.31
CA LEU B 338 -12.91 51.10 11.17
C LEU B 338 -13.06 50.57 9.74
N ASP B 339 -11.92 50.26 9.10
CA ASP B 339 -11.90 49.73 7.73
C ASP B 339 -12.54 48.34 7.62
N PHE B 340 -12.56 47.59 8.71
CA PHE B 340 -13.19 46.27 8.75
C PHE B 340 -14.71 46.31 8.49
N LEU B 341 -15.31 47.49 8.57
CA LEU B 341 -16.69 47.70 8.13
C LEU B 341 -16.73 47.76 6.60
N ILE C 15 35.81 16.09 -3.98
CA ILE C 15 34.44 16.41 -3.47
C ILE C 15 34.52 17.34 -2.26
N GLN C 16 34.49 18.64 -2.52
CA GLN C 16 34.67 19.66 -1.48
C GLN C 16 33.46 19.73 -0.54
N PRO C 17 33.70 19.89 0.78
CA PRO C 17 32.59 20.06 1.70
C PRO C 17 31.99 21.48 1.65
N VAL C 18 30.71 21.58 1.94
CA VAL C 18 29.97 22.86 1.85
C VAL C 18 30.59 23.97 2.69
N ALA C 19 31.04 23.63 3.89
CA ALA C 19 31.63 24.60 4.83
C ALA C 19 32.80 25.39 4.22
N ALA C 20 33.61 24.72 3.39
CA ALA C 20 34.78 25.34 2.78
C ALA C 20 34.42 26.44 1.78
N ILE C 21 33.28 26.31 1.09
CA ILE C 21 32.85 27.32 0.12
C ILE C 21 32.54 28.64 0.84
N ASP C 22 31.68 28.57 1.84
CA ASP C 22 31.30 29.75 2.63
C ASP C 22 30.53 29.30 3.87
N SER C 23 30.80 29.94 5.01
CA SER C 23 30.13 29.58 6.26
C SER C 23 28.63 29.90 6.25
N ASN C 24 28.24 30.84 5.40
CA ASN C 24 26.84 31.23 5.26
C ASN C 24 26.15 30.55 4.07
N PHE C 25 26.77 29.51 3.51
CA PHE C 25 26.30 28.90 2.25
C PHE C 25 24.88 28.34 2.33
N ALA C 26 24.51 27.81 3.50
CA ALA C 26 23.21 27.18 3.70
C ALA C 26 22.16 28.11 4.35
N SER C 27 22.45 29.40 4.38
CA SER C 27 21.49 30.38 4.88
C SER C 27 20.66 30.96 3.74
N PHE C 28 19.45 31.40 4.07
CA PHE C 28 18.59 32.11 3.11
C PHE C 28 19.17 33.48 2.74
N THR C 29 20.08 34.01 3.56
CA THR C 29 20.71 35.29 3.30
C THR C 29 21.83 35.22 2.24
N TYR C 30 22.33 34.02 1.97
CA TYR C 30 23.41 33.84 1.00
C TYR C 30 22.93 34.12 -0.43
N THR C 31 23.78 34.78 -1.21
CA THR C 31 23.49 35.10 -2.60
C THR C 31 24.40 34.26 -3.49
N PRO C 32 23.85 33.17 -4.08
CA PRO C 32 24.68 32.27 -4.88
C PRO C 32 25.26 32.91 -6.14
N ARG C 33 24.70 34.02 -6.60
CA ARG C 33 25.27 34.73 -7.74
C ARG C 33 26.64 35.37 -7.44
N SER C 34 26.97 35.49 -6.15
CA SER C 34 28.29 35.96 -5.71
C SER C 34 29.42 34.97 -6.01
N LEU C 35 29.07 33.69 -6.15
CA LEU C 35 30.08 32.66 -6.41
C LEU C 35 30.55 32.75 -7.86
N PRO C 36 31.89 32.86 -8.07
CA PRO C 36 32.43 32.89 -9.43
C PRO C 36 31.96 31.71 -10.29
N GLU C 37 31.68 31.97 -11.57
CA GLU C 37 31.10 30.95 -12.45
C GLU C 37 31.98 29.69 -12.59
N ASP C 38 33.29 29.87 -12.50
CA ASP C 38 34.25 28.75 -12.56
C ASP C 38 34.14 27.76 -11.40
N ASP C 39 33.55 28.18 -10.28
CA ASP C 39 33.42 27.33 -9.09
C ASP C 39 31.99 26.84 -8.85
N THR C 40 31.11 27.01 -9.84
CA THR C 40 29.70 26.62 -9.68
C THR C 40 29.48 25.11 -9.81
N SER C 41 30.25 24.46 -10.68
CA SER C 41 30.13 23.00 -10.86
C SER C 41 30.53 22.21 -9.61
N MET C 42 31.64 22.59 -8.97
CA MET C 42 32.05 21.96 -7.71
C MET C 42 31.04 22.23 -6.60
N ALA C 43 30.45 23.42 -6.61
CA ALA C 43 29.40 23.76 -5.64
C ALA C 43 28.17 22.86 -5.80
N ILE C 44 27.83 22.51 -7.05
CA ILE C 44 26.73 21.57 -7.31
C ILE C 44 27.05 20.21 -6.68
N LEU C 45 28.26 19.69 -6.95
CA LEU C 45 28.69 18.41 -6.37
C LEU C 45 28.66 18.45 -4.84
N SER C 46 29.12 19.56 -4.27
CA SER C 46 29.14 19.73 -2.82
C SER C 46 27.74 19.70 -2.22
N MET C 47 26.77 20.32 -2.90
CA MET C 47 25.38 20.32 -2.45
C MET C 47 24.79 18.91 -2.52
N LEU C 48 25.03 18.22 -3.62
CA LEU C 48 24.62 16.81 -3.76
C LEU C 48 25.29 15.94 -2.69
N GLN C 49 26.57 16.18 -2.45
CA GLN C 49 27.32 15.51 -1.39
C GLN C 49 26.67 15.77 -0.03
N ASP C 50 26.43 17.04 0.27
CA ASP C 50 25.89 17.44 1.57
C ASP C 50 24.47 16.93 1.83
N MET C 51 23.69 16.79 0.77
CA MET C 51 22.36 16.17 0.86
C MET C 51 22.46 14.63 0.82
N ASN C 52 23.65 14.14 0.52
CA ASN C 52 23.99 12.71 0.58
C ASN C 52 23.27 11.85 -0.46
N PHE C 53 22.91 12.45 -1.60
CA PHE C 53 22.30 11.69 -2.69
C PHE C 53 23.31 10.81 -3.41
N ILE C 54 24.58 11.24 -3.43
CA ILE C 54 25.64 10.51 -4.11
C ILE C 54 25.86 9.13 -3.45
N ASN C 55 25.93 9.12 -2.12
CA ASN C 55 26.11 7.88 -1.37
C ASN C 55 24.82 7.05 -1.32
N ASN C 56 23.68 7.71 -1.10
CA ASN C 56 22.39 7.02 -0.92
C ASN C 56 21.91 6.28 -2.16
N TYR C 57 22.12 6.87 -3.34
CA TYR C 57 21.75 6.22 -4.61
C TYR C 57 22.99 5.69 -5.35
N LYS C 58 24.15 5.73 -4.71
CA LYS C 58 25.39 5.15 -5.25
C LYS C 58 25.73 5.71 -6.63
N ILE C 59 25.74 7.03 -6.73
CA ILE C 59 26.00 7.72 -7.99
C ILE C 59 27.49 7.70 -8.30
N ASP C 60 27.84 7.24 -9.50
CA ASP C 60 29.21 7.26 -9.97
C ASP C 60 29.66 8.71 -10.09
N CYS C 61 30.73 9.07 -9.37
CA CYS C 61 31.17 10.46 -9.30
C CYS C 61 31.72 11.03 -10.62
N PRO C 62 32.50 10.22 -11.38
CA PRO C 62 32.90 10.67 -12.72
C PRO C 62 31.74 10.91 -13.69
N THR C 63 30.68 10.10 -13.59
CA THR C 63 29.49 10.27 -14.42
C THR C 63 28.70 11.52 -13.99
N LEU C 64 28.65 11.76 -12.68
CA LEU C 64 28.00 12.94 -12.15
C LEU C 64 28.73 14.21 -12.54
N ALA C 65 30.06 14.16 -12.49
CA ALA C 65 30.90 15.30 -12.88
C ALA C 65 30.73 15.63 -14.36
N ARG C 66 30.74 14.60 -15.22
CA ARG C 66 30.50 14.79 -16.65
C ARG C 66 29.09 15.31 -16.93
N PHE C 67 28.10 14.77 -16.19
CA PHE C 67 26.72 15.24 -16.30
C PHE C 67 26.60 16.73 -15.96
N CYS C 68 27.18 17.12 -14.83
CA CYS C 68 27.12 18.51 -14.34
C CYS C 68 27.71 19.51 -15.34
N LEU C 69 28.87 19.18 -15.92
CA LEU C 69 29.50 20.05 -16.92
C LEU C 69 28.69 20.13 -18.22
N MET C 70 28.11 19.02 -18.65
CA MET C 70 27.24 19.00 -19.83
C MET C 70 26.03 19.91 -19.66
N VAL C 71 25.39 19.85 -18.50
CA VAL C 71 24.24 20.69 -18.22
C VAL C 71 24.67 22.16 -18.28
N LYS C 72 25.77 22.49 -17.62
CA LYS C 72 26.32 23.84 -17.63
C LYS C 72 26.54 24.35 -19.06
N LYS C 73 27.18 23.55 -19.91
CA LYS C 73 27.47 23.98 -21.27
C LYS C 73 26.21 24.01 -22.16
N GLY C 74 25.16 23.31 -21.74
CA GLY C 74 23.88 23.32 -22.44
C GLY C 74 23.07 24.60 -22.32
N TYR C 75 23.53 25.54 -21.49
CA TYR C 75 22.89 26.84 -21.37
C TYR C 75 23.53 27.87 -22.30
N ARG C 76 22.71 28.67 -22.96
CA ARG C 76 23.19 29.75 -23.82
C ARG C 76 23.46 30.98 -22.96
N ASP C 77 23.74 32.12 -23.60
CA ASP C 77 24.14 33.33 -22.87
C ASP C 77 23.21 34.52 -23.06
N PRO C 78 21.89 34.32 -22.91
CA PRO C 78 21.05 35.52 -22.85
C PRO C 78 21.23 36.21 -21.50
N PRO C 79 20.77 37.46 -21.36
CA PRO C 79 21.01 38.21 -20.12
C PRO C 79 20.51 37.52 -18.84
N TYR C 80 19.35 36.87 -18.88
CA TYR C 80 18.82 36.21 -17.68
C TYR C 80 18.85 34.67 -17.71
N HIS C 81 18.34 34.06 -18.77
CA HIS C 81 18.13 32.61 -18.80
C HIS C 81 19.39 31.85 -19.20
N ASN C 82 20.38 31.89 -18.30
CA ASN C 82 21.71 31.34 -18.52
C ASN C 82 22.07 30.40 -17.37
N TRP C 83 23.29 29.86 -17.37
CA TRP C 83 23.68 28.90 -16.34
C TRP C 83 23.59 29.47 -14.92
N MET C 84 24.01 30.72 -14.74
CA MET C 84 23.96 31.34 -13.42
C MET C 84 22.53 31.41 -12.84
N HIS C 85 21.52 31.51 -13.70
CA HIS C 85 20.12 31.34 -13.28
C HIS C 85 19.89 29.93 -12.76
N ALA C 86 20.26 28.94 -13.57
CA ALA C 86 20.08 27.52 -13.22
C ALA C 86 20.82 27.14 -11.93
N PHE C 87 22.05 27.61 -11.79
CA PHE C 87 22.80 27.40 -10.56
C PHE C 87 22.11 28.03 -9.34
N SER C 88 21.69 29.29 -9.47
CA SER C 88 21.04 29.99 -8.35
C SER C 88 19.72 29.33 -7.96
N VAL C 89 19.03 28.77 -8.96
CA VAL C 89 17.78 28.04 -8.75
C VAL C 89 18.02 26.74 -7.99
N SER C 90 19.04 26.00 -8.42
CA SER C 90 19.45 24.77 -7.76
C SER C 90 19.90 25.03 -6.33
N HIS C 91 20.65 26.11 -6.12
CA HIS C 91 21.08 26.49 -4.77
C HIS C 91 19.89 26.73 -3.84
N PHE C 92 18.84 27.36 -4.34
CA PHE C 92 17.66 27.61 -3.51
C PHE C 92 16.97 26.30 -3.13
N CYS C 93 16.96 25.33 -4.04
CA CYS C 93 16.47 23.98 -3.74
C CYS C 93 17.23 23.38 -2.57
N TYR C 94 18.56 23.50 -2.61
CA TYR C 94 19.42 23.10 -1.49
C TYR C 94 19.06 23.86 -0.20
N LEU C 95 18.87 25.16 -0.29
CA LEU C 95 18.46 25.96 0.87
C LEU C 95 17.13 25.53 1.47
N LEU C 96 16.18 25.13 0.62
CA LEU C 96 14.88 24.64 1.09
C LEU C 96 15.06 23.31 1.83
N TYR C 97 15.89 22.43 1.29
CA TYR C 97 16.25 21.16 1.93
C TYR C 97 16.83 21.39 3.32
N LYS C 98 17.81 22.28 3.40
CA LYS C 98 18.53 22.54 4.65
C LYS C 98 17.70 23.26 5.71
N ASN C 99 16.90 24.24 5.30
CA ASN C 99 16.17 25.10 6.25
C ASN C 99 14.73 24.67 6.54
N LEU C 100 14.09 24.00 5.58
CA LEU C 100 12.71 23.54 5.78
C LEU C 100 12.66 22.06 6.17
N GLU C 101 13.78 21.34 6.00
CA GLU C 101 13.82 19.90 6.28
C GLU C 101 12.79 19.17 5.44
N LEU C 102 12.98 19.23 4.13
CA LEU C 102 12.04 18.63 3.18
C LEU C 102 11.91 17.12 3.32
N THR C 103 12.94 16.46 3.85
CA THR C 103 12.90 15.00 4.03
C THR C 103 11.76 14.53 4.93
N ASN C 104 11.19 15.43 5.74
CA ASN C 104 10.03 15.14 6.57
C ASN C 104 8.69 15.29 5.84
N TYR C 105 8.69 15.90 4.66
CA TYR C 105 7.46 16.17 3.90
C TYR C 105 7.39 15.48 2.53
N LEU C 106 8.54 15.21 1.91
CA LEU C 106 8.59 14.60 0.58
C LEU C 106 9.46 13.36 0.58
N GLU C 107 9.25 12.50 -0.42
CA GLU C 107 10.11 11.34 -0.60
C GLU C 107 11.52 11.81 -0.96
N ASP C 108 12.52 11.03 -0.57
CA ASP C 108 13.92 11.39 -0.81
C ASP C 108 14.21 11.51 -2.32
N ILE C 109 13.57 10.66 -3.11
CA ILE C 109 13.74 10.68 -4.58
C ILE C 109 13.08 11.89 -5.25
N GLU C 110 11.98 12.36 -4.68
CA GLU C 110 11.28 13.55 -5.18
C GLU C 110 12.12 14.80 -4.95
N ILE C 111 12.80 14.85 -3.80
CA ILE C 111 13.71 15.94 -3.48
C ILE C 111 14.91 15.94 -4.43
N PHE C 112 15.42 14.75 -4.76
CA PHE C 112 16.55 14.60 -5.67
C PHE C 112 16.16 14.97 -7.10
N ALA C 113 15.00 14.50 -7.53
CA ALA C 113 14.44 14.86 -8.84
C ALA C 113 14.26 16.38 -8.94
N LEU C 114 13.82 17.00 -7.86
CA LEU C 114 13.64 18.45 -7.82
C LEU C 114 14.97 19.17 -8.07
N PHE C 115 16.01 18.77 -7.34
CA PHE C 115 17.33 19.40 -7.50
C PHE C 115 17.88 19.23 -8.92
N ILE C 116 17.79 18.01 -9.45
CA ILE C 116 18.26 17.73 -10.81
C ILE C 116 17.43 18.50 -11.84
N SER C 117 16.13 18.61 -11.60
CA SER C 117 15.25 19.38 -12.47
C SER C 117 15.63 20.86 -12.47
N CYS C 118 15.97 21.39 -11.30
CA CYS C 118 16.43 22.78 -11.18
C CYS C 118 17.64 23.04 -12.07
N MET C 119 18.60 22.12 -12.06
CA MET C 119 19.79 22.26 -12.91
C MET C 119 19.46 22.34 -14.40
N CYS C 120 18.44 21.58 -14.83
CA CYS C 120 18.13 21.40 -16.24
C CYS C 120 16.93 22.22 -16.74
N HIS C 121 16.27 22.95 -15.85
CA HIS C 121 14.91 23.43 -16.13
C HIS C 121 14.81 24.47 -17.25
N ASP C 122 15.91 25.14 -17.58
CA ASP C 122 15.94 26.16 -18.63
C ASP C 122 16.98 25.86 -19.72
N LEU C 123 17.42 24.61 -19.82
CA LEU C 123 18.43 24.22 -20.82
C LEU C 123 18.14 24.75 -22.22
N ASP C 124 19.16 25.35 -22.83
CA ASP C 124 19.10 25.83 -24.21
C ASP C 124 18.06 26.94 -24.44
N HIS C 125 17.76 27.72 -23.39
CA HIS C 125 16.83 28.84 -23.49
C HIS C 125 17.44 29.90 -24.42
N ARG C 126 16.63 30.47 -25.30
CA ARG C 126 17.14 31.41 -26.31
C ARG C 126 16.84 32.88 -26.01
N GLY C 127 16.13 33.12 -24.90
CA GLY C 127 15.88 34.47 -24.42
C GLY C 127 14.54 35.00 -24.87
N THR C 128 13.66 34.09 -25.28
CA THR C 128 12.33 34.48 -25.72
C THR C 128 11.29 33.57 -25.06
N ASN C 129 10.09 34.09 -24.88
CA ASN C 129 9.01 33.31 -24.28
C ASN C 129 8.37 32.33 -25.28
N ASN C 130 7.40 31.55 -24.80
CA ASN C 130 6.72 30.56 -25.64
C ASN C 130 5.96 31.16 -26.81
N SER C 131 5.32 32.30 -26.57
CA SER C 131 4.53 32.97 -27.62
C SER C 131 5.39 33.40 -28.80
N PHE C 132 6.60 33.89 -28.53
CA PHE C 132 7.54 34.23 -29.60
C PHE C 132 7.93 33.04 -30.47
N GLN C 133 8.11 31.88 -29.85
CA GLN C 133 8.44 30.66 -30.59
C GLN C 133 7.35 30.32 -31.60
N VAL C 134 6.10 30.44 -31.16
CA VAL C 134 4.95 30.13 -32.01
C VAL C 134 4.77 31.21 -33.08
N ALA C 135 4.77 32.48 -32.66
CA ALA C 135 4.62 33.59 -33.59
C ALA C 135 5.69 33.58 -34.69
N SER C 136 6.92 33.21 -34.32
CA SER C 136 8.03 33.18 -35.27
C SER C 136 8.18 31.84 -36.01
N LYS C 137 7.28 30.91 -35.73
CA LYS C 137 7.27 29.59 -36.37
C LYS C 137 8.63 28.89 -36.30
N SER C 138 9.23 28.91 -35.12
CA SER C 138 10.51 28.23 -34.90
C SER C 138 10.30 26.71 -34.98
N VAL C 139 11.39 25.98 -35.18
CA VAL C 139 11.33 24.51 -35.16
C VAL C 139 10.78 23.99 -33.84
N LEU C 140 11.07 24.69 -32.74
CA LEU C 140 10.55 24.27 -31.43
C LEU C 140 9.03 24.33 -31.38
N ALA C 141 8.45 25.38 -31.96
CA ALA C 141 6.99 25.51 -32.03
C ALA C 141 6.36 24.42 -32.90
N ALA C 142 7.03 24.11 -34.01
CA ALA C 142 6.58 23.02 -34.88
C ALA C 142 6.52 21.70 -34.09
N LEU C 143 7.56 21.45 -33.29
CA LEU C 143 7.64 20.22 -32.50
C LEU C 143 6.71 20.17 -31.30
N TYR C 144 6.49 21.30 -30.63
CA TYR C 144 5.84 21.29 -29.32
C TYR C 144 4.57 22.13 -29.12
N SER C 145 4.24 23.03 -30.04
CA SER C 145 3.18 24.00 -29.77
C SER C 145 1.79 23.36 -29.60
N SER C 146 1.54 22.27 -30.32
CA SER C 146 0.27 21.56 -30.22
C SER C 146 0.07 20.87 -28.85
N GLU C 147 1.17 20.63 -28.13
CA GLU C 147 1.10 20.05 -26.78
C GLU C 147 1.20 21.09 -25.65
N GLY C 148 1.61 22.32 -25.97
CA GLY C 148 1.75 23.40 -24.99
C GLY C 148 3.14 23.48 -24.37
N SER C 149 3.40 24.58 -23.67
CA SER C 149 4.69 24.80 -23.00
C SER C 149 5.89 24.46 -23.88
N VAL C 150 6.01 25.19 -24.99
CA VAL C 150 7.01 24.91 -26.02
C VAL C 150 8.41 24.79 -25.43
N MET C 151 8.88 25.86 -24.79
CA MET C 151 10.26 25.89 -24.26
C MET C 151 10.48 24.82 -23.19
N GLU C 152 9.50 24.63 -22.32
CA GLU C 152 9.64 23.67 -21.23
C GLU C 152 9.73 22.22 -21.73
N ARG C 153 9.04 21.89 -22.82
CA ARG C 153 9.21 20.58 -23.45
C ARG C 153 10.60 20.43 -24.09
N HIS C 154 11.13 21.54 -24.59
CA HIS C 154 12.50 21.56 -25.12
C HIS C 154 13.55 21.35 -24.02
N HIS C 155 13.38 22.02 -22.88
CA HIS C 155 14.33 21.90 -21.77
C HIS C 155 14.42 20.44 -21.30
N PHE C 156 13.26 19.79 -21.14
CA PHE C 156 13.24 18.38 -20.78
C PHE C 156 13.92 17.50 -21.84
N ALA C 157 13.59 17.73 -23.12
CA ALA C 157 14.18 16.95 -24.20
C ALA C 157 15.70 17.12 -24.27
N GLN C 158 16.19 18.32 -23.97
CA GLN C 158 17.64 18.56 -23.86
C GLN C 158 18.26 17.78 -22.70
N ALA C 159 17.53 17.68 -21.58
CA ALA C 159 18.01 16.91 -20.42
C ALA C 159 18.12 15.42 -20.74
N ILE C 160 17.13 14.89 -21.44
CA ILE C 160 17.15 13.50 -21.90
C ILE C 160 18.34 13.26 -22.83
N ALA C 161 18.59 14.20 -23.74
CA ALA C 161 19.74 14.11 -24.65
C ALA C 161 21.06 14.07 -23.86
N ILE C 162 21.16 14.89 -22.83
CA ILE C 162 22.34 14.90 -21.96
C ILE C 162 22.47 13.56 -21.21
N LEU C 163 21.38 13.08 -20.62
CA LEU C 163 21.39 11.79 -19.92
C LEU C 163 21.82 10.64 -20.82
N ASN C 164 21.46 10.72 -22.10
CA ASN C 164 21.79 9.65 -23.04
C ASN C 164 23.12 9.84 -23.78
N THR C 165 23.88 10.86 -23.39
CA THR C 165 25.23 11.05 -23.91
C THR C 165 26.18 10.14 -23.14
N HIS C 166 27.12 9.52 -23.85
CA HIS C 166 28.04 8.56 -23.24
C HIS C 166 28.73 9.14 -22.00
N GLY C 167 28.69 8.39 -20.91
CA GLY C 167 29.35 8.78 -19.67
C GLY C 167 28.64 9.87 -18.89
N CYS C 168 27.38 10.14 -19.22
CA CYS C 168 26.61 11.18 -18.54
C CYS C 168 25.32 10.67 -17.89
N ASN C 169 25.01 9.38 -18.02
CA ASN C 169 23.77 8.86 -17.46
C ASN C 169 23.93 8.51 -15.99
N ILE C 170 23.68 9.51 -15.14
CA ILE C 170 23.79 9.35 -13.69
C ILE C 170 22.76 8.38 -13.08
N PHE C 171 21.74 8.02 -13.85
CA PHE C 171 20.78 6.99 -13.43
C PHE C 171 21.07 5.63 -14.06
N ASP C 172 22.25 5.47 -14.67
CA ASP C 172 22.76 4.19 -15.20
C ASP C 172 22.31 2.96 -14.42
N HIS C 173 22.53 3.03 -13.12
CA HIS C 173 22.54 1.88 -12.23
C HIS C 173 21.26 1.77 -11.40
N PHE C 174 20.33 2.71 -11.62
CA PHE C 174 19.06 2.74 -10.87
C PHE C 174 18.18 1.54 -11.18
N SER C 175 17.31 1.19 -10.23
CA SER C 175 16.29 0.18 -10.47
C SER C 175 15.30 0.68 -11.53
N ARG C 176 14.57 -0.26 -12.13
CA ARG C 176 13.52 0.07 -13.08
C ARG C 176 12.55 1.10 -12.50
N LYS C 177 12.07 0.86 -11.29
CA LYS C 177 11.14 1.75 -10.63
C LYS C 177 11.71 3.16 -10.43
N ASP C 178 12.92 3.24 -9.87
CA ASP C 178 13.53 4.53 -9.53
C ASP C 178 13.91 5.33 -10.76
N TYR C 179 14.43 4.65 -11.78
CA TYR C 179 14.75 5.28 -13.05
C TYR C 179 13.51 5.93 -13.66
N GLN C 180 12.41 5.17 -13.72
CA GLN C 180 11.16 5.67 -14.31
C GLN C 180 10.57 6.79 -13.46
N ARG C 181 10.60 6.61 -12.14
CA ARG C 181 10.14 7.63 -11.19
C ARG C 181 10.89 8.95 -11.43
N MET C 182 12.20 8.85 -11.65
CA MET C 182 13.04 10.02 -11.90
C MET C 182 12.62 10.77 -13.17
N LEU C 183 12.45 10.03 -14.26
CA LEU C 183 12.06 10.63 -15.55
C LEU C 183 10.69 11.28 -15.47
N ASP C 184 9.74 10.58 -14.85
CA ASP C 184 8.39 11.12 -14.66
C ASP C 184 8.40 12.38 -13.79
N LEU C 185 9.19 12.37 -12.72
CA LEU C 185 9.33 13.54 -11.85
C LEU C 185 9.95 14.73 -12.58
N MET C 186 11.06 14.49 -13.26
CA MET C 186 11.74 15.55 -14.00
C MET C 186 10.84 16.18 -15.07
N ARG C 187 10.13 15.34 -15.82
CA ARG C 187 9.21 15.82 -16.84
C ARG C 187 8.15 16.73 -16.21
N ASP C 188 7.49 16.24 -15.16
CA ASP C 188 6.44 17.01 -14.49
C ASP C 188 6.96 18.29 -13.82
N ILE C 189 8.12 18.19 -13.16
CA ILE C 189 8.69 19.36 -12.47
C ILE C 189 9.12 20.43 -13.49
N ILE C 190 9.80 20.02 -14.56
CA ILE C 190 10.21 20.98 -15.60
C ILE C 190 8.99 21.60 -16.28
N LEU C 191 7.97 20.80 -16.55
CA LEU C 191 6.71 21.35 -17.08
C LEU C 191 6.07 22.34 -16.09
N ALA C 192 6.25 22.11 -14.80
CA ALA C 192 5.74 23.03 -13.78
C ALA C 192 6.39 24.42 -13.78
N THR C 193 7.52 24.57 -14.48
CA THR C 193 8.20 25.87 -14.56
C THR C 193 7.55 26.84 -15.55
N ASP C 194 6.58 26.38 -16.33
CA ASP C 194 5.80 27.28 -17.19
C ASP C 194 4.84 28.07 -16.31
N LEU C 195 4.92 29.40 -16.38
CA LEU C 195 3.98 30.26 -15.64
C LEU C 195 2.52 29.86 -15.86
N ALA C 196 2.18 29.52 -17.11
CA ALA C 196 0.82 29.10 -17.45
C ALA C 196 0.38 27.87 -16.65
N HIS C 197 1.30 26.94 -16.41
CA HIS C 197 1.03 25.77 -15.57
C HIS C 197 0.71 26.19 -14.14
N HIS C 198 1.59 26.99 -13.56
CA HIS C 198 1.42 27.50 -12.20
C HIS C 198 0.07 28.20 -12.01
N LEU C 199 -0.29 29.07 -12.94
CA LEU C 199 -1.55 29.80 -12.87
C LEU C 199 -2.76 28.87 -13.00
N ARG C 200 -2.63 27.80 -13.78
CA ARG C 200 -3.70 26.82 -13.94
C ARG C 200 -3.94 26.01 -12.66
N ILE C 201 -2.87 25.63 -11.97
CA ILE C 201 -2.97 24.86 -10.73
C ILE C 201 -3.02 25.72 -9.46
N PHE C 202 -3.10 27.05 -9.60
CA PHE C 202 -3.02 27.96 -8.46
C PHE C 202 -4.13 27.77 -7.43
N LYS C 203 -5.34 27.45 -7.89
CA LYS C 203 -6.47 27.18 -6.99
C LYS C 203 -6.24 25.92 -6.16
N ASP C 204 -5.70 24.88 -6.80
CA ASP C 204 -5.38 23.63 -6.10
C ASP C 204 -4.34 23.84 -5.00
N LEU C 205 -3.32 24.65 -5.28
CA LEU C 205 -2.30 24.98 -4.29
C LEU C 205 -2.92 25.67 -3.08
N GLN C 206 -3.82 26.61 -3.33
CA GLN C 206 -4.58 27.25 -2.26
C GLN C 206 -5.42 26.23 -1.48
N LYS C 207 -6.10 25.34 -2.21
CA LYS C 207 -6.92 24.29 -1.60
C LYS C 207 -6.10 23.29 -0.78
N MET C 208 -4.93 22.90 -1.29
CA MET C 208 -4.02 22.04 -0.52
C MET C 208 -3.52 22.75 0.73
N ALA C 209 -3.22 24.04 0.60
CA ALA C 209 -2.75 24.85 1.73
C ALA C 209 -3.85 25.07 2.76
N GLU C 210 -5.05 25.38 2.29
CA GLU C 210 -6.21 25.64 3.16
C GLU C 210 -6.61 24.38 3.92
N VAL C 211 -6.74 23.27 3.20
CA VAL C 211 -7.05 21.96 3.81
C VAL C 211 -5.90 21.46 4.68
N GLY C 212 -4.67 21.80 4.30
CA GLY C 212 -3.47 21.43 5.06
C GLY C 212 -2.73 20.30 4.38
N TYR C 213 -1.40 20.40 4.36
CA TYR C 213 -0.58 19.39 3.69
C TYR C 213 -0.52 18.09 4.48
N ASP C 214 -1.27 17.11 4.01
CA ASP C 214 -1.16 15.74 4.52
C ASP C 214 -0.08 15.03 3.72
N ARG C 215 0.90 14.47 4.43
CA ARG C 215 2.07 13.85 3.78
C ARG C 215 1.80 12.47 3.16
N ASN C 216 0.58 11.95 3.30
CA ASN C 216 0.22 10.64 2.75
C ASN C 216 -0.31 10.68 1.32
N ASN C 217 -0.87 11.81 0.90
CA ASN C 217 -1.51 11.94 -0.41
C ASN C 217 -0.51 12.15 -1.55
N LYS C 218 -0.45 11.20 -2.48
CA LYS C 218 0.51 11.25 -3.60
C LYS C 218 0.31 12.47 -4.51
N GLN C 219 -0.92 12.96 -4.61
CA GLN C 219 -1.23 14.12 -5.45
C GLN C 219 -0.80 15.43 -4.77
N HIS C 220 -0.83 15.46 -3.44
CA HIS C 220 -0.32 16.61 -2.68
C HIS C 220 1.21 16.75 -2.82
N HIS C 221 1.90 15.62 -2.94
CA HIS C 221 3.32 15.60 -3.23
C HIS C 221 3.60 16.25 -4.59
N ARG C 222 2.78 15.92 -5.57
CA ARG C 222 2.90 16.48 -6.93
C ARG C 222 2.73 17.99 -6.89
N LEU C 223 1.69 18.46 -6.20
CA LEU C 223 1.42 19.88 -6.06
C LEU C 223 2.52 20.62 -5.29
N LEU C 224 3.05 19.98 -4.24
CA LEU C 224 4.15 20.57 -3.47
C LEU C 224 5.39 20.77 -4.33
N LEU C 225 5.75 19.75 -5.11
CA LEU C 225 6.91 19.82 -6.00
C LEU C 225 6.78 20.92 -7.05
N CYS C 226 5.56 21.21 -7.48
CA CYS C 226 5.30 22.31 -8.40
C CYS C 226 5.56 23.65 -7.73
N LEU C 227 5.04 23.80 -6.52
CA LEU C 227 5.18 25.03 -5.75
C LEU C 227 6.65 25.28 -5.42
N LEU C 228 7.35 24.24 -4.98
CA LEU C 228 8.75 24.35 -4.60
C LEU C 228 9.62 24.73 -5.79
N MET C 229 9.33 24.13 -6.94
CA MET C 229 10.00 24.46 -8.19
C MET C 229 9.84 25.92 -8.58
N THR C 230 8.62 26.46 -8.50
CA THR C 230 8.41 27.87 -8.85
C THR C 230 9.05 28.80 -7.83
N SER C 231 9.04 28.41 -6.56
CA SER C 231 9.72 29.17 -5.51
C SER C 231 11.22 29.25 -5.79
N CYS C 232 11.79 28.17 -6.32
CA CYS C 232 13.20 28.17 -6.72
C CYS C 232 13.43 29.06 -7.94
N ASP C 233 12.57 28.92 -8.95
CA ASP C 233 12.70 29.68 -10.20
C ASP C 233 12.71 31.19 -9.94
N LEU C 234 11.90 31.64 -8.98
CA LEU C 234 11.79 33.07 -8.65
C LEU C 234 12.60 33.51 -7.41
N SER C 235 13.57 32.71 -7.00
CA SER C 235 14.25 32.93 -5.70
C SER C 235 15.14 34.16 -5.62
N ASP C 236 15.47 34.75 -6.76
CA ASP C 236 16.19 36.03 -6.78
C ASP C 236 15.42 37.12 -6.02
N GLN C 237 14.08 37.03 -6.00
CA GLN C 237 13.26 38.01 -5.30
C GLN C 237 13.34 37.90 -3.77
N THR C 238 13.88 36.81 -3.25
CA THR C 238 13.95 36.56 -1.79
C THR C 238 15.25 37.03 -1.13
N LYS C 239 16.11 37.70 -1.91
CA LYS C 239 17.39 38.19 -1.41
C LYS C 239 17.25 39.68 -1.10
N GLY C 240 18.37 40.40 -1.09
CA GLY C 240 18.33 41.85 -0.85
C GLY C 240 17.83 42.63 -2.05
N TRP C 241 17.60 43.91 -1.83
CA TRP C 241 17.23 44.85 -2.89
C TRP C 241 18.19 44.80 -4.07
N LYS C 242 19.49 44.80 -3.77
CA LYS C 242 20.53 44.84 -4.81
C LYS C 242 20.37 43.70 -5.82
N THR C 243 20.02 42.51 -5.34
CA THR C 243 19.76 41.35 -6.21
C THR C 243 18.53 41.55 -7.08
N THR C 244 17.42 42.02 -6.48
CA THR C 244 16.19 42.22 -7.24
C THR C 244 16.38 43.32 -8.28
N ARG C 245 17.20 44.30 -7.96
CA ARG C 245 17.48 45.41 -8.88
C ARG C 245 18.32 44.93 -10.07
N LYS C 246 19.35 44.14 -9.80
CA LYS C 246 20.19 43.56 -10.85
C LYS C 246 19.40 42.60 -11.76
N ILE C 247 18.62 41.72 -11.14
CA ILE C 247 17.82 40.75 -11.91
C ILE C 247 16.77 41.46 -12.76
N ALA C 248 16.20 42.56 -12.27
CA ALA C 248 15.30 43.38 -13.08
C ALA C 248 16.00 43.90 -14.32
N GLU C 249 17.25 44.32 -14.16
CA GLU C 249 18.05 44.78 -15.27
C GLU C 249 18.23 43.68 -16.34
N LEU C 250 18.54 42.45 -15.89
CA LEU C 250 18.76 41.34 -16.81
C LEU C 250 17.48 40.88 -17.52
N ILE C 251 16.40 40.81 -16.75
CA ILE C 251 15.09 40.44 -17.28
C ILE C 251 14.62 41.39 -18.37
N TYR C 252 14.69 42.69 -18.14
CA TYR C 252 14.21 43.66 -19.12
C TYR C 252 15.14 43.79 -20.32
N LYS C 253 16.44 43.61 -20.11
CA LYS C 253 17.36 43.51 -21.24
C LYS C 253 16.95 42.33 -22.14
N GLU C 254 16.54 41.21 -21.53
CA GLU C 254 16.08 40.05 -22.28
C GLU C 254 14.74 40.33 -22.97
N PHE C 255 13.77 40.85 -22.21
CA PHE C 255 12.43 41.14 -22.75
C PHE C 255 12.50 42.15 -23.89
N PHE C 256 13.29 43.21 -23.73
CA PHE C 256 13.37 44.27 -24.75
C PHE C 256 14.05 43.77 -26.03
N SER C 257 14.96 42.81 -25.92
CA SER C 257 15.52 42.14 -27.10
C SER C 257 14.41 41.45 -27.90
N GLN C 258 13.52 40.75 -27.20
CA GLN C 258 12.41 40.04 -27.87
C GLN C 258 11.46 41.01 -28.56
N GLY C 259 11.11 42.11 -27.90
CA GLY C 259 10.24 43.12 -28.50
C GLY C 259 10.82 43.75 -29.76
N ASP C 260 12.14 43.90 -29.80
CA ASP C 260 12.84 44.39 -30.98
C ASP C 260 12.69 43.43 -32.15
N LEU C 261 12.85 42.13 -31.87
CA LEU C 261 12.63 41.11 -32.89
C LEU C 261 11.18 41.10 -33.36
N GLU C 262 10.24 41.25 -32.42
CA GLU C 262 8.82 41.28 -32.75
C GLU C 262 8.46 42.48 -33.64
N LYS C 263 9.04 43.63 -33.33
CA LYS C 263 8.89 44.83 -34.17
C LYS C 263 9.39 44.57 -35.59
N ALA C 264 10.55 43.94 -35.70
CA ALA C 264 11.13 43.59 -37.00
C ALA C 264 10.26 42.59 -37.80
N MET C 265 9.39 41.85 -37.12
CA MET C 265 8.43 40.95 -37.77
C MET C 265 7.09 41.63 -38.11
N GLY C 266 7.00 42.94 -37.88
CA GLY C 266 5.75 43.66 -38.05
C GLY C 266 4.74 43.37 -36.96
N ASN C 267 5.23 42.94 -35.80
CA ASN C 267 4.38 42.63 -34.65
C ASN C 267 4.43 43.75 -33.63
N ARG C 268 3.32 43.93 -32.92
CA ARG C 268 3.23 44.89 -31.82
C ARG C 268 3.47 44.13 -30.51
N PRO C 269 4.70 44.21 -29.96
CA PRO C 269 5.02 43.43 -28.76
C PRO C 269 4.26 43.92 -27.54
N MET C 270 4.03 43.02 -26.58
CA MET C 270 3.34 43.40 -25.34
C MET C 270 4.09 44.52 -24.63
N GLU C 271 3.37 45.24 -23.77
CA GLU C 271 3.90 46.44 -23.10
C GLU C 271 5.28 46.21 -22.48
N MET C 272 5.40 45.15 -21.68
CA MET C 272 6.60 44.91 -20.90
C MET C 272 7.85 44.59 -21.73
N MET C 273 7.67 44.27 -23.01
CA MET C 273 8.78 43.95 -23.90
C MET C 273 9.10 45.09 -24.88
N ASP C 274 8.37 46.19 -24.76
CA ASP C 274 8.59 47.37 -25.62
C ASP C 274 9.38 48.41 -24.84
N ARG C 275 10.66 48.54 -25.16
CA ARG C 275 11.55 49.50 -24.50
C ARG C 275 11.08 50.97 -24.56
N GLU C 276 10.25 51.30 -25.53
CA GLU C 276 9.70 52.67 -25.68
C GLU C 276 8.44 52.91 -24.83
N LYS C 277 7.77 51.84 -24.42
CA LYS C 277 6.53 51.95 -23.63
C LYS C 277 6.64 51.44 -22.19
N ALA C 278 7.58 50.52 -21.92
CA ALA C 278 7.67 49.86 -20.62
C ALA C 278 8.10 50.81 -19.49
N TYR C 279 7.29 50.87 -18.43
CA TYR C 279 7.62 51.60 -17.20
C TYR C 279 8.00 50.59 -16.12
N ILE C 280 9.31 50.39 -15.94
CA ILE C 280 9.85 49.25 -15.19
C ILE C 280 9.33 49.09 -13.75
N PRO C 281 9.27 50.19 -12.96
CA PRO C 281 8.81 50.08 -11.57
C PRO C 281 7.40 49.51 -11.42
N GLU C 282 6.48 49.96 -12.26
CA GLU C 282 5.10 49.47 -12.22
C GLU C 282 5.02 48.00 -12.67
N LEU C 283 5.84 47.64 -13.65
CA LEU C 283 5.84 46.27 -14.17
C LEU C 283 6.41 45.31 -13.12
N GLN C 284 7.44 45.76 -12.43
CA GLN C 284 8.05 44.95 -11.37
C GLN C 284 7.14 44.80 -10.15
N ILE C 285 6.48 45.88 -9.76
CA ILE C 285 5.54 45.83 -8.64
C ILE C 285 4.41 44.86 -8.96
N SER C 286 3.91 44.91 -10.19
CA SER C 286 2.84 44.01 -10.63
C SER C 286 3.28 42.55 -10.59
N PHE C 287 4.47 42.27 -11.11
CA PHE C 287 5.06 40.93 -11.07
C PHE C 287 5.12 40.42 -9.63
N MET C 288 5.63 41.27 -8.74
CA MET C 288 5.77 40.92 -7.34
C MET C 288 4.42 40.67 -6.68
N GLU C 289 3.51 41.63 -6.80
CA GLU C 289 2.19 41.53 -6.15
C GLU C 289 1.36 40.35 -6.63
N HIS C 290 1.44 40.03 -7.92
CA HIS C 290 0.51 39.11 -8.56
C HIS C 290 1.09 37.76 -8.97
N ILE C 291 2.41 37.61 -8.93
CA ILE C 291 3.06 36.32 -9.25
C ILE C 291 3.97 35.82 -8.11
N ALA C 292 4.96 36.63 -7.75
CA ALA C 292 5.98 36.21 -6.80
C ALA C 292 5.45 36.08 -5.37
N MET C 293 4.81 37.13 -4.89
CA MET C 293 4.35 37.17 -3.48
C MET C 293 3.35 36.05 -3.14
N PRO C 294 2.33 35.82 -4.01
CA PRO C 294 1.42 34.70 -3.72
C PRO C 294 2.11 33.33 -3.64
N ILE C 295 3.14 33.12 -4.44
CA ILE C 295 3.95 31.90 -4.34
C ILE C 295 4.59 31.77 -2.95
N TYR C 296 5.27 32.82 -2.50
CA TYR C 296 5.94 32.77 -1.21
C TYR C 296 4.95 32.86 -0.03
N LYS C 297 3.78 33.44 -0.24
CA LYS C 297 2.71 33.40 0.78
C LYS C 297 2.21 31.97 0.96
N LEU C 298 1.98 31.27 -0.14
CA LEU C 298 1.60 29.85 -0.10
C LEU C 298 2.68 29.01 0.60
N LEU C 299 3.95 29.31 0.32
CA LEU C 299 5.07 28.60 0.93
C LEU C 299 5.10 28.85 2.45
N GLN C 300 4.92 30.11 2.84
CA GLN C 300 4.85 30.49 4.26
C GLN C 300 3.74 29.75 5.02
N ASP C 301 2.56 29.68 4.42
CA ASP C 301 1.41 29.02 5.05
C ASP C 301 1.69 27.52 5.27
N LEU C 302 2.35 26.89 4.31
CA LEU C 302 2.71 25.48 4.42
C LEU C 302 3.91 25.23 5.33
N PHE C 303 4.91 26.11 5.27
CA PHE C 303 6.12 25.99 6.09
C PHE C 303 6.34 27.28 6.88
N PRO C 304 6.00 27.27 8.19
CA PRO C 304 6.21 28.45 9.04
C PRO C 304 7.63 29.04 8.99
N LYS C 305 8.64 28.19 8.82
CA LYS C 305 10.04 28.65 8.73
C LYS C 305 10.36 29.39 7.43
N ALA C 306 9.46 29.38 6.45
CA ALA C 306 9.61 30.14 5.21
C ALA C 306 9.07 31.57 5.30
N ALA C 307 8.59 31.98 6.48
CA ALA C 307 8.04 33.32 6.67
C ALA C 307 9.02 34.42 6.27
N GLU C 308 10.30 34.23 6.60
CA GLU C 308 11.33 35.22 6.28
C GLU C 308 11.51 35.42 4.78
N LEU C 309 11.20 34.40 3.99
CA LEU C 309 11.24 34.51 2.54
C LEU C 309 10.15 35.43 1.99
N TYR C 310 8.92 35.26 2.48
CA TYR C 310 7.81 36.12 2.07
C TYR C 310 8.03 37.57 2.47
N GLU C 311 8.52 37.79 3.69
CA GLU C 311 8.74 39.15 4.18
C GLU C 311 9.88 39.84 3.44
N ARG C 312 10.84 39.06 2.95
CA ARG C 312 11.89 39.61 2.09
C ARG C 312 11.32 40.12 0.77
N VAL C 313 10.42 39.34 0.17
CA VAL C 313 9.81 39.71 -1.11
C VAL C 313 8.92 40.95 -0.96
N ALA C 314 8.14 40.99 0.12
CA ALA C 314 7.29 42.15 0.41
C ALA C 314 8.12 43.42 0.65
N SER C 315 9.23 43.29 1.37
CA SER C 315 10.15 44.40 1.58
C SER C 315 10.73 44.90 0.26
N ASN C 316 11.15 43.98 -0.59
CA ASN C 316 11.68 44.34 -1.90
C ASN C 316 10.63 45.04 -2.76
N ARG C 317 9.37 44.61 -2.64
CA ARG C 317 8.25 45.28 -3.32
C ARG C 317 8.07 46.70 -2.80
N GLU C 318 8.18 46.88 -1.48
CA GLU C 318 8.13 48.22 -0.87
C GLU C 318 9.28 49.10 -1.33
N HIS C 319 10.46 48.51 -1.51
CA HIS C 319 11.63 49.22 -1.99
C HIS C 319 11.47 49.73 -3.43
N TRP C 320 10.72 49.00 -4.24
CA TRP C 320 10.44 49.43 -5.62
C TRP C 320 9.54 50.68 -5.65
N THR C 321 8.55 50.73 -4.76
CA THR C 321 7.71 51.92 -4.63
C THR C 321 8.51 53.13 -4.15
N LYS C 322 9.40 52.92 -3.17
CA LYS C 322 10.23 54.01 -2.63
C LYS C 322 11.23 54.59 -3.64
N VAL C 323 11.63 53.77 -4.62
CA VAL C 323 12.58 54.19 -5.64
C VAL C 323 11.86 54.57 -6.95
N SER C 324 10.53 54.44 -6.97
CA SER C 324 9.74 54.68 -8.17
C SER C 324 9.87 56.11 -8.70
N HIS C 325 9.95 57.08 -7.78
CA HIS C 325 10.12 58.49 -8.13
C HIS C 325 11.38 58.78 -8.95
N LYS C 326 12.42 57.99 -8.73
CA LYS C 326 13.69 58.14 -9.44
C LYS C 326 13.60 57.93 -10.97
N PHE C 327 12.49 57.36 -11.44
CA PHE C 327 12.25 57.19 -12.87
C PHE C 327 11.62 58.43 -13.54
N THR C 328 11.36 59.47 -12.75
CA THR C 328 10.99 60.77 -13.29
C THR C 328 12.11 61.76 -12.96
N ILE C 329 12.55 62.51 -13.96
CA ILE C 329 13.67 63.42 -13.80
C ILE C 329 13.22 64.68 -13.07
N ARG C 330 13.76 64.88 -11.87
CA ARG C 330 13.53 66.11 -11.11
C ARG C 330 14.80 66.95 -11.11
N GLY C 331 14.62 68.26 -11.07
CA GLY C 331 15.71 69.19 -11.30
C GLY C 331 16.18 69.10 -12.75
N LEU C 332 17.49 69.25 -12.95
CA LEU C 332 18.11 69.06 -14.25
C LEU C 332 18.92 67.76 -14.25
N PRO C 333 19.21 67.21 -15.44
CA PRO C 333 20.19 66.12 -15.53
C PRO C 333 21.60 66.56 -15.12
N SER C 334 22.50 65.60 -14.96
CA SER C 334 23.88 65.87 -14.54
C SER C 334 24.55 67.00 -15.32
N ASN C 335 24.36 67.01 -16.63
CA ASN C 335 25.01 68.00 -17.51
C ASN C 335 24.33 69.37 -17.58
N ASN C 336 23.33 69.60 -16.71
CA ASN C 336 22.61 70.88 -16.65
C ASN C 336 21.94 71.27 -17.98
N SER C 337 21.57 70.26 -18.76
CA SER C 337 21.00 70.49 -20.09
C SER C 337 19.67 69.76 -20.23
N LEU C 338 18.78 70.34 -21.04
CA LEU C 338 17.54 69.68 -21.42
C LEU C 338 17.59 69.24 -22.89
N ASP C 339 18.81 69.02 -23.39
CA ASP C 339 19.05 68.61 -24.79
C ASP C 339 18.39 67.28 -25.17
N PHE C 340 18.15 66.43 -24.19
CA PHE C 340 17.45 65.15 -24.42
C PHE C 340 16.01 65.33 -24.93
N LEU C 341 15.43 66.51 -24.72
CA LEU C 341 14.07 66.82 -25.17
C LEU C 341 14.00 67.02 -26.68
N LYS D 9 37.71 -18.11 -17.27
CA LYS D 9 36.86 -19.33 -17.40
C LYS D 9 35.39 -18.97 -17.50
N LEU D 10 34.88 -18.25 -16.50
CA LEU D 10 33.52 -17.72 -16.52
C LEU D 10 33.44 -16.46 -17.37
N LEU D 11 34.58 -15.80 -17.54
CA LEU D 11 34.69 -14.60 -18.37
C LEU D 11 34.88 -14.99 -19.84
N ILE D 15 28.62 -15.52 -21.27
CA ILE D 15 27.55 -16.29 -20.63
C ILE D 15 26.80 -17.13 -21.66
N GLN D 16 26.83 -18.45 -21.47
CA GLN D 16 26.20 -19.39 -22.36
C GLN D 16 24.67 -19.35 -22.21
N PRO D 17 23.93 -19.37 -23.34
CA PRO D 17 22.47 -19.53 -23.24
C PRO D 17 22.09 -20.90 -22.69
N VAL D 18 21.02 -20.96 -21.90
CA VAL D 18 20.62 -22.22 -21.23
C VAL D 18 20.37 -23.39 -22.20
N ALA D 19 19.87 -23.08 -23.39
CA ALA D 19 19.66 -24.10 -24.44
C ALA D 19 20.96 -24.79 -24.85
N ALA D 20 22.06 -24.04 -24.87
CA ALA D 20 23.36 -24.60 -25.22
C ALA D 20 23.96 -25.46 -24.11
N ILE D 21 23.47 -25.32 -22.89
CA ILE D 21 23.88 -26.19 -21.77
C ILE D 21 23.21 -27.54 -21.97
N ASP D 22 21.90 -27.52 -22.06
CA ASP D 22 21.11 -28.72 -22.29
C ASP D 22 19.73 -28.31 -22.81
N SER D 23 19.21 -29.09 -23.76
CA SER D 23 17.91 -28.80 -24.37
C SER D 23 16.77 -28.74 -23.35
N ASN D 24 16.87 -29.56 -22.30
CA ASN D 24 15.80 -29.67 -21.29
C ASN D 24 16.19 -28.99 -19.99
N PHE D 25 17.11 -28.02 -20.05
CA PHE D 25 17.65 -27.38 -18.85
C PHE D 25 16.59 -26.62 -18.03
N ALA D 26 15.57 -26.09 -18.71
CA ALA D 26 14.49 -25.35 -18.05
C ALA D 26 13.23 -26.20 -17.79
N SER D 27 13.38 -27.52 -17.86
CA SER D 27 12.26 -28.45 -17.68
C SER D 27 12.39 -29.18 -16.33
N PHE D 28 11.25 -29.54 -15.73
CA PHE D 28 11.25 -30.31 -14.48
C PHE D 28 11.94 -31.67 -14.64
N THR D 29 12.04 -32.15 -15.88
CA THR D 29 12.69 -33.44 -16.17
C THR D 29 14.21 -33.38 -15.98
N TYR D 30 14.80 -32.20 -16.04
CA TYR D 30 16.26 -32.05 -15.90
C TYR D 30 16.76 -32.41 -14.50
N THR D 31 17.82 -33.21 -14.46
CA THR D 31 18.50 -33.57 -13.23
C THR D 31 19.81 -32.78 -13.16
N PRO D 32 19.82 -31.66 -12.41
CA PRO D 32 21.01 -30.80 -12.37
C PRO D 32 22.28 -31.47 -11.84
N ARG D 33 22.14 -32.53 -11.05
CA ARG D 33 23.31 -33.29 -10.59
C ARG D 33 24.04 -34.02 -11.72
N SER D 34 23.40 -34.15 -12.89
CA SER D 34 24.05 -34.66 -14.10
C SER D 34 25.15 -33.75 -14.64
N LEU D 35 25.06 -32.45 -14.35
CA LEU D 35 25.99 -31.48 -14.89
C LEU D 35 27.34 -31.61 -14.19
N PRO D 36 28.44 -31.68 -14.96
CA PRO D 36 29.77 -31.72 -14.33
C PRO D 36 29.95 -30.55 -13.38
N GLU D 37 30.58 -30.79 -12.24
CA GLU D 37 30.73 -29.78 -11.21
C GLU D 37 31.50 -28.54 -11.68
N ASP D 38 32.48 -28.76 -12.57
CA ASP D 38 33.27 -27.66 -13.14
C ASP D 38 32.47 -26.73 -14.07
N ASP D 39 31.28 -27.16 -14.49
CA ASP D 39 30.39 -26.33 -15.32
C ASP D 39 29.25 -25.67 -14.54
N THR D 40 29.16 -25.92 -13.23
CA THR D 40 28.01 -25.44 -12.46
C THR D 40 28.02 -23.93 -12.27
N SER D 41 29.21 -23.34 -12.11
CA SER D 41 29.33 -21.90 -11.95
C SER D 41 28.79 -21.11 -13.15
N MET D 42 29.10 -21.55 -14.37
CA MET D 42 28.61 -20.86 -15.56
C MET D 42 27.09 -21.05 -15.71
N ALA D 43 26.58 -22.22 -15.31
CA ALA D 43 25.13 -22.47 -15.34
C ALA D 43 24.37 -21.53 -14.40
N ILE D 44 25.00 -21.12 -13.31
CA ILE D 44 24.42 -20.12 -12.41
C ILE D 44 24.26 -18.79 -13.15
N LEU D 45 25.33 -18.34 -13.80
CA LEU D 45 25.29 -17.13 -14.62
C LEU D 45 24.23 -17.24 -15.71
N SER D 46 24.21 -18.38 -16.41
CA SER D 46 23.24 -18.63 -17.47
C SER D 46 21.81 -18.54 -16.98
N MET D 47 21.56 -19.07 -15.78
CA MET D 47 20.23 -18.97 -15.16
C MET D 47 19.88 -17.53 -14.78
N LEU D 48 20.83 -16.81 -14.19
CA LEU D 48 20.60 -15.41 -13.86
C LEU D 48 20.37 -14.56 -15.12
N GLN D 49 21.06 -14.89 -16.21
CA GLN D 49 20.87 -14.21 -17.50
C GLN D 49 19.50 -14.55 -18.10
N ASP D 50 19.11 -15.83 -18.04
CA ASP D 50 17.83 -16.28 -18.60
C ASP D 50 16.62 -15.66 -17.89
N MET D 51 16.74 -15.45 -16.57
CA MET D 51 15.74 -14.74 -15.79
C MET D 51 15.86 -13.21 -15.94
N ASN D 52 16.92 -12.77 -16.62
CA ASN D 52 17.20 -11.35 -16.89
C ASN D 52 17.55 -10.56 -15.64
N PHE D 53 18.06 -11.23 -14.61
CA PHE D 53 18.41 -10.52 -13.37
C PHE D 53 19.72 -9.73 -13.48
N ILE D 54 20.61 -10.13 -14.40
CA ILE D 54 21.87 -9.40 -14.58
C ILE D 54 21.57 -7.99 -15.13
N ASN D 55 20.83 -7.92 -16.23
CA ASN D 55 20.43 -6.62 -16.79
C ASN D 55 19.47 -5.83 -15.91
N ASN D 56 18.46 -6.49 -15.35
CA ASN D 56 17.42 -5.79 -14.58
C ASN D 56 17.93 -5.14 -13.29
N TYR D 57 18.92 -5.76 -12.66
CA TYR D 57 19.55 -5.19 -11.46
C TYR D 57 20.97 -4.69 -11.73
N LYS D 58 21.31 -4.55 -13.02
CA LYS D 58 22.61 -4.03 -13.46
C LYS D 58 23.78 -4.60 -12.66
N ILE D 59 23.82 -5.93 -12.59
CA ILE D 59 24.84 -6.63 -11.81
C ILE D 59 26.14 -6.63 -12.61
N ASP D 60 27.21 -6.15 -11.99
CA ASP D 60 28.54 -6.24 -12.61
C ASP D 60 28.92 -7.71 -12.78
N CYS D 61 29.31 -8.09 -13.99
CA CYS D 61 29.58 -9.50 -14.30
C CYS D 61 30.85 -10.06 -13.65
N PRO D 62 31.98 -9.33 -13.74
CA PRO D 62 33.17 -9.75 -12.97
C PRO D 62 32.89 -9.97 -11.48
N THR D 63 32.13 -9.06 -10.87
CA THR D 63 31.75 -9.17 -9.46
C THR D 63 30.88 -10.41 -9.21
N LEU D 64 29.92 -10.65 -10.10
CA LEU D 64 29.05 -11.83 -10.01
C LEU D 64 29.84 -13.12 -10.13
N ALA D 65 30.78 -13.17 -11.08
CA ALA D 65 31.65 -14.34 -11.23
C ALA D 65 32.41 -14.63 -9.92
N ARG D 66 33.00 -13.59 -9.34
CA ARG D 66 33.75 -13.73 -8.09
C ARG D 66 32.85 -14.16 -6.92
N PHE D 67 31.66 -13.56 -6.83
CA PHE D 67 30.65 -13.96 -5.84
C PHE D 67 30.33 -15.45 -5.97
N CYS D 68 29.98 -15.87 -7.19
CA CYS D 68 29.60 -17.26 -7.46
C CYS D 68 30.71 -18.23 -7.08
N LEU D 69 31.94 -17.90 -7.49
CA LEU D 69 33.10 -18.69 -7.17
C LEU D 69 33.34 -18.79 -5.67
N MET D 70 33.13 -17.70 -4.95
CA MET D 70 33.34 -17.72 -3.51
C MET D 70 32.27 -18.50 -2.77
N VAL D 71 31.01 -18.39 -3.22
CA VAL D 71 29.93 -19.18 -2.64
C VAL D 71 30.26 -20.67 -2.82
N LYS D 72 30.66 -21.03 -4.05
CA LYS D 72 31.03 -22.41 -4.36
C LYS D 72 32.06 -22.98 -3.38
N LYS D 73 33.15 -22.24 -3.15
CA LYS D 73 34.21 -22.72 -2.26
C LYS D 73 33.85 -22.60 -0.77
N GLY D 74 32.77 -21.90 -0.46
CA GLY D 74 32.26 -21.81 0.91
C GLY D 74 31.58 -23.10 1.40
N TYR D 75 31.41 -24.06 0.50
CA TYR D 75 30.88 -25.37 0.86
C TYR D 75 32.02 -26.35 1.12
N ARG D 76 31.88 -27.15 2.17
CA ARG D 76 32.79 -28.25 2.45
C ARG D 76 32.32 -29.46 1.65
N ASP D 77 32.88 -30.64 1.91
CA ASP D 77 32.51 -31.83 1.14
C ASP D 77 31.98 -33.00 1.97
N PRO D 78 30.93 -32.77 2.78
CA PRO D 78 30.21 -33.92 3.33
C PRO D 78 29.40 -34.62 2.23
N PRO D 79 28.89 -35.83 2.49
CA PRO D 79 28.20 -36.61 1.46
C PRO D 79 27.02 -35.89 0.78
N TYR D 80 26.23 -35.14 1.55
CA TYR D 80 25.04 -34.50 0.99
C TYR D 80 25.13 -32.97 0.96
N HIS D 81 25.43 -32.35 2.10
CA HIS D 81 25.38 -30.88 2.22
C HIS D 81 26.63 -30.20 1.68
N ASN D 82 26.78 -30.26 0.37
CA ASN D 82 27.94 -29.73 -0.34
C ASN D 82 27.43 -28.82 -1.47
N TRP D 83 28.35 -28.28 -2.27
CA TRP D 83 27.98 -27.33 -3.33
C TRP D 83 26.93 -27.89 -4.30
N MET D 84 27.10 -29.14 -4.74
CA MET D 84 26.13 -29.75 -5.67
C MET D 84 24.69 -29.77 -5.13
N HIS D 85 24.52 -29.90 -3.81
CA HIS D 85 23.22 -29.69 -3.19
C HIS D 85 22.72 -28.27 -3.46
N ALA D 86 23.54 -27.28 -3.12
CA ALA D 86 23.14 -25.88 -3.25
C ALA D 86 22.89 -25.49 -4.72
N PHE D 87 23.73 -25.99 -5.62
CA PHE D 87 23.51 -25.79 -7.05
C PHE D 87 22.17 -26.37 -7.52
N SER D 88 21.85 -27.60 -7.12
CA SER D 88 20.60 -28.24 -7.54
C SER D 88 19.38 -27.53 -6.93
N VAL D 89 19.52 -27.05 -5.69
CA VAL D 89 18.47 -26.26 -5.05
C VAL D 89 18.23 -24.96 -5.84
N SER D 90 19.31 -24.30 -6.23
CA SER D 90 19.23 -23.08 -7.02
C SER D 90 18.59 -23.37 -8.38
N HIS D 91 18.96 -24.49 -9.00
CA HIS D 91 18.37 -24.85 -10.28
C HIS D 91 16.86 -25.05 -10.18
N PHE D 92 16.40 -25.65 -9.09
CA PHE D 92 14.96 -25.83 -8.92
C PHE D 92 14.24 -24.50 -8.83
N CYS D 93 14.81 -23.54 -8.10
CA CYS D 93 14.26 -22.18 -8.01
C CYS D 93 14.10 -21.59 -9.41
N TYR D 94 15.16 -21.69 -10.21
CA TYR D 94 15.09 -21.34 -11.63
C TYR D 94 13.94 -22.06 -12.35
N LEU D 95 13.80 -23.37 -12.14
CA LEU D 95 12.69 -24.13 -12.76
C LEU D 95 11.32 -23.65 -12.31
N LEU D 96 11.18 -23.25 -11.05
CA LEU D 96 9.92 -22.67 -10.58
C LEU D 96 9.61 -21.36 -11.31
N TYR D 97 10.62 -20.52 -11.48
CA TYR D 97 10.47 -19.28 -12.25
C TYR D 97 10.01 -19.54 -13.68
N LYS D 98 10.60 -20.54 -14.34
CA LYS D 98 10.31 -20.82 -15.74
C LYS D 98 8.97 -21.52 -15.96
N ASN D 99 8.56 -22.37 -15.01
CA ASN D 99 7.39 -23.24 -15.20
C ASN D 99 6.12 -22.81 -14.50
N LEU D 100 6.27 -22.12 -13.36
CA LEU D 100 5.12 -21.65 -12.61
C LEU D 100 4.98 -20.14 -12.76
N GLU D 101 3.80 -19.64 -12.46
CA GLU D 101 3.50 -18.23 -12.62
C GLU D 101 3.92 -17.47 -11.36
N LEU D 102 5.23 -17.42 -11.09
CA LEU D 102 5.75 -16.82 -9.86
C LEU D 102 5.59 -15.30 -9.85
N THR D 103 5.77 -14.67 -11.01
CA THR D 103 5.67 -13.21 -11.13
C THR D 103 4.22 -12.71 -10.99
N ASN D 104 3.26 -13.63 -11.07
CA ASN D 104 1.87 -13.33 -10.72
C ASN D 104 1.69 -13.09 -9.22
N TYR D 105 2.44 -13.82 -8.41
CA TYR D 105 2.28 -13.77 -6.95
C TYR D 105 3.43 -13.08 -6.19
N LEU D 106 4.61 -13.03 -6.79
CA LEU D 106 5.78 -12.46 -6.12
C LEU D 106 6.43 -11.37 -6.97
N GLU D 107 7.07 -10.42 -6.29
CA GLU D 107 7.80 -9.37 -6.97
C GLU D 107 9.12 -9.92 -7.49
N ASP D 108 9.69 -9.26 -8.48
CA ASP D 108 10.96 -9.71 -9.07
C ASP D 108 12.09 -9.74 -8.05
N ILE D 109 12.15 -8.74 -7.16
CA ILE D 109 13.23 -8.70 -6.16
C ILE D 109 13.14 -9.84 -5.13
N GLU D 110 11.92 -10.29 -4.86
CA GLU D 110 11.71 -11.44 -3.98
C GLU D 110 12.21 -12.74 -4.61
N ILE D 111 12.01 -12.89 -5.91
CA ILE D 111 12.44 -14.09 -6.63
C ILE D 111 13.96 -14.10 -6.79
N PHE D 112 14.54 -12.93 -7.01
CA PHE D 112 15.99 -12.78 -7.06
C PHE D 112 16.61 -13.13 -5.69
N ALA D 113 16.02 -12.63 -4.62
CA ALA D 113 16.49 -12.94 -3.26
C ALA D 113 16.38 -14.43 -2.95
N LEU D 114 15.31 -15.05 -3.43
CA LEU D 114 15.13 -16.50 -3.25
C LEU D 114 16.25 -17.29 -3.93
N PHE D 115 16.63 -16.91 -5.15
CA PHE D 115 17.65 -17.61 -5.91
C PHE D 115 19.04 -17.47 -5.27
N ILE D 116 19.42 -16.25 -4.91
CA ILE D 116 20.68 -16.01 -4.21
C ILE D 116 20.69 -16.76 -2.87
N SER D 117 19.57 -16.72 -2.15
CA SER D 117 19.46 -17.47 -0.89
C SER D 117 19.74 -18.95 -1.09
N CYS D 118 19.13 -19.52 -2.14
CA CYS D 118 19.34 -20.93 -2.49
C CYS D 118 20.83 -21.27 -2.63
N MET D 119 21.58 -20.41 -3.31
CA MET D 119 23.03 -20.57 -3.47
C MET D 119 23.77 -20.62 -2.14
N CYS D 120 23.35 -19.77 -1.20
CA CYS D 120 24.05 -19.57 0.06
C CYS D 120 23.48 -20.36 1.25
N HIS D 121 22.39 -21.09 1.05
CA HIS D 121 21.55 -21.50 2.18
C HIS D 121 22.17 -22.55 3.10
N ASP D 122 23.19 -23.27 2.63
CA ASP D 122 23.86 -24.30 3.42
C ASP D 122 25.38 -24.05 3.51
N LEU D 123 25.80 -22.80 3.32
CA LEU D 123 27.23 -22.45 3.37
C LEU D 123 27.94 -22.98 4.62
N ASP D 124 29.06 -23.65 4.38
CA ASP D 124 29.92 -24.17 5.44
C ASP D 124 29.23 -25.24 6.32
N HIS D 125 28.31 -26.00 5.74
CA HIS D 125 27.68 -27.11 6.45
C HIS D 125 28.77 -28.15 6.79
N ARG D 126 28.71 -28.71 8.01
CA ARG D 126 29.70 -29.69 8.49
C ARG D 126 29.16 -31.13 8.49
N GLY D 127 28.09 -31.37 7.76
CA GLY D 127 27.39 -32.66 7.80
C GLY D 127 26.74 -33.08 9.11
N THR D 128 26.53 -32.14 10.04
CA THR D 128 25.83 -32.44 11.29
C THR D 128 24.67 -31.48 11.48
N ASN D 129 23.61 -31.96 12.15
CA ASN D 129 22.42 -31.14 12.37
C ASN D 129 22.56 -30.17 13.55
N ASN D 130 21.49 -29.45 13.87
CA ASN D 130 21.53 -28.46 14.94
C ASN D 130 21.75 -29.06 16.34
N SER D 131 21.03 -30.12 16.68
CA SER D 131 21.16 -30.73 18.01
C SER D 131 22.58 -31.22 18.28
N PHE D 132 23.26 -31.68 17.24
CA PHE D 132 24.65 -32.10 17.39
C PHE D 132 25.60 -30.96 17.75
N GLN D 133 25.39 -29.80 17.13
CA GLN D 133 26.19 -28.60 17.45
C GLN D 133 26.10 -28.28 18.94
N VAL D 134 24.87 -28.37 19.46
CA VAL D 134 24.60 -28.04 20.86
C VAL D 134 25.15 -29.12 21.78
N ALA D 135 24.87 -30.38 21.44
CA ALA D 135 25.37 -31.52 22.22
C ALA D 135 26.90 -31.61 22.23
N SER D 136 27.54 -31.24 21.12
CA SER D 136 29.00 -31.25 21.04
C SER D 136 29.63 -29.96 21.57
N LYS D 137 28.80 -29.00 21.98
CA LYS D 137 29.24 -27.69 22.45
C LYS D 137 30.22 -27.04 21.46
N SER D 138 29.85 -27.07 20.18
CA SER D 138 30.65 -26.44 19.14
C SER D 138 30.59 -24.92 19.32
N VAL D 139 31.47 -24.22 18.63
CA VAL D 139 31.49 -22.76 18.69
C VAL D 139 30.21 -22.15 18.11
N LEU D 140 29.64 -22.79 17.10
CA LEU D 140 28.39 -22.31 16.50
C LEU D 140 27.24 -22.36 17.50
N ALA D 141 27.22 -23.38 18.34
CA ALA D 141 26.23 -23.49 19.42
C ALA D 141 26.41 -22.39 20.47
N ALA D 142 27.67 -22.09 20.82
CA ALA D 142 27.96 -21.00 21.75
C ALA D 142 27.41 -19.67 21.22
N LEU D 143 27.53 -19.45 19.92
CA LEU D 143 27.08 -18.21 19.28
C LEU D 143 25.57 -18.12 19.07
N TYR D 144 24.92 -19.25 18.77
CA TYR D 144 23.57 -19.22 18.23
C TYR D 144 22.49 -20.05 18.95
N SER D 145 22.89 -20.97 19.83
CA SER D 145 21.92 -21.93 20.39
C SER D 145 20.78 -21.25 21.14
N SER D 146 21.06 -20.12 21.80
CA SER D 146 20.04 -19.40 22.54
C SER D 146 18.95 -18.84 21.62
N GLU D 147 19.33 -18.46 20.40
CA GLU D 147 18.41 -17.92 19.42
C GLU D 147 17.75 -19.01 18.58
N GLY D 148 18.42 -20.14 18.42
CA GLY D 148 17.89 -21.27 17.67
C GLY D 148 18.32 -21.26 16.22
N SER D 149 18.04 -22.36 15.51
CA SER D 149 18.46 -22.55 14.13
C SER D 149 19.95 -22.29 13.99
N VAL D 150 20.74 -23.04 14.73
CA VAL D 150 22.19 -22.82 14.83
C VAL D 150 22.88 -22.79 13.46
N MET D 151 22.69 -23.84 12.67
CA MET D 151 23.37 -23.92 11.37
C MET D 151 22.89 -22.84 10.41
N GLU D 152 21.59 -22.59 10.39
CA GLU D 152 21.00 -21.59 9.49
C GLU D 152 21.48 -20.17 9.79
N ARG D 153 21.64 -19.84 11.08
CA ARG D 153 22.25 -18.57 11.46
C ARG D 153 23.70 -18.47 10.98
N HIS D 154 24.43 -19.58 11.07
CA HIS D 154 25.78 -19.65 10.51
C HIS D 154 25.79 -19.47 8.99
N HIS D 155 24.86 -20.12 8.30
CA HIS D 155 24.77 -20.00 6.83
C HIS D 155 24.56 -18.55 6.40
N PHE D 156 23.67 -17.85 7.08
CA PHE D 156 23.42 -16.43 6.80
C PHE D 156 24.67 -15.58 7.07
N ALA D 157 25.28 -15.77 8.24
CA ALA D 157 26.52 -15.08 8.58
C ALA D 157 27.61 -15.26 7.51
N GLN D 158 27.74 -16.48 6.98
CA GLN D 158 28.73 -16.76 5.94
C GLN D 158 28.44 -16.01 4.64
N ALA D 159 27.16 -15.91 4.28
CA ALA D 159 26.74 -15.15 3.10
C ALA D 159 27.08 -13.67 3.25
N ILE D 160 26.80 -13.10 4.43
CA ILE D 160 27.15 -11.71 4.75
C ILE D 160 28.66 -11.50 4.63
N ALA D 161 29.43 -12.45 5.15
CA ALA D 161 30.90 -12.36 5.06
C ALA D 161 31.37 -12.35 3.61
N ILE D 162 30.76 -13.20 2.77
CA ILE D 162 31.09 -13.24 1.35
C ILE D 162 30.75 -11.90 0.67
N LEU D 163 29.55 -11.39 0.93
CA LEU D 163 29.11 -10.11 0.36
C LEU D 163 30.00 -8.92 0.75
N ASN D 164 30.65 -9.00 1.90
CA ASN D 164 31.52 -7.93 2.38
C ASN D 164 33.00 -8.20 2.11
N THR D 165 33.28 -9.22 1.31
CA THR D 165 34.64 -9.49 0.87
C THR D 165 34.89 -8.63 -0.36
N HIS D 166 36.11 -8.12 -0.48
CA HIS D 166 36.42 -7.16 -1.52
C HIS D 166 36.18 -7.74 -2.91
N GLY D 167 35.39 -7.03 -3.71
CA GLY D 167 35.09 -7.43 -5.09
C GLY D 167 33.99 -8.46 -5.26
N CYS D 168 33.29 -8.80 -4.17
CA CYS D 168 32.24 -9.84 -4.20
C CYS D 168 30.83 -9.31 -3.92
N ASN D 169 30.69 -8.02 -3.65
CA ASN D 169 29.38 -7.48 -3.31
C ASN D 169 28.55 -7.18 -4.57
N ILE D 170 27.72 -8.15 -4.96
CA ILE D 170 26.84 -7.97 -6.11
C ILE D 170 25.74 -6.92 -5.88
N PHE D 171 25.50 -6.55 -4.63
CA PHE D 171 24.48 -5.54 -4.32
C PHE D 171 25.04 -4.14 -3.99
N ASP D 172 26.34 -3.90 -4.16
CA ASP D 172 26.94 -2.62 -3.69
C ASP D 172 26.46 -1.36 -4.43
N HIS D 173 25.84 -1.53 -5.59
CA HIS D 173 25.27 -0.42 -6.37
C HIS D 173 23.77 -0.22 -6.15
N PHE D 174 23.14 -1.12 -5.38
CA PHE D 174 21.71 -1.00 -5.06
C PHE D 174 21.46 0.24 -4.21
N SER D 175 20.21 0.72 -4.24
CA SER D 175 19.80 1.80 -3.35
C SER D 175 19.79 1.29 -1.90
N ARG D 176 19.80 2.23 -0.96
CA ARG D 176 19.75 1.91 0.48
C ARG D 176 18.55 1.02 0.81
N LYS D 177 17.38 1.39 0.29
CA LYS D 177 16.17 0.62 0.50
C LYS D 177 16.27 -0.79 -0.08
N ASP D 178 16.74 -0.90 -1.31
CA ASP D 178 16.78 -2.19 -2.01
C ASP D 178 17.85 -3.14 -1.48
N TYR D 179 19.01 -2.58 -1.13
CA TYR D 179 20.07 -3.34 -0.47
C TYR D 179 19.54 -3.96 0.83
N GLN D 180 18.83 -3.16 1.62
CA GLN D 180 18.28 -3.61 2.90
C GLN D 180 17.19 -4.66 2.73
N ARG D 181 16.34 -4.49 1.71
CA ARG D 181 15.30 -5.47 1.44
C ARG D 181 15.94 -6.81 1.08
N MET D 182 17.04 -6.76 0.35
CA MET D 182 17.78 -7.94 -0.07
C MET D 182 18.31 -8.71 1.15
N LEU D 183 18.95 -7.98 2.07
CA LEU D 183 19.47 -8.60 3.30
C LEU D 183 18.33 -9.20 4.14
N ASP D 184 17.23 -8.48 4.27
CA ASP D 184 16.07 -8.95 5.06
C ASP D 184 15.43 -10.19 4.45
N LEU D 185 15.31 -10.21 3.13
CA LEU D 185 14.80 -11.38 2.41
C LEU D 185 15.69 -12.61 2.58
N MET D 186 16.99 -12.43 2.37
CA MET D 186 17.95 -13.53 2.52
C MET D 186 17.97 -14.13 3.93
N ARG D 187 17.89 -13.28 4.94
CA ARG D 187 17.87 -13.73 6.34
C ARG D 187 16.65 -14.61 6.62
N ASP D 188 15.48 -14.16 6.20
CA ASP D 188 14.24 -14.89 6.48
C ASP D 188 14.13 -16.16 5.63
N ILE D 189 14.58 -16.09 4.38
CA ILE D 189 14.53 -17.25 3.49
C ILE D 189 15.51 -18.33 3.96
N ILE D 190 16.72 -17.93 4.33
CA ILE D 190 17.71 -18.88 4.84
C ILE D 190 17.29 -19.48 6.18
N LEU D 191 16.73 -18.66 7.08
CA LEU D 191 16.23 -19.18 8.35
C LEU D 191 15.07 -20.14 8.15
N ALA D 192 14.34 -19.98 7.05
CA ALA D 192 13.20 -20.87 6.73
C ALA D 192 13.60 -22.28 6.31
N THR D 193 14.89 -22.50 6.04
CA THR D 193 15.38 -23.83 5.66
C THR D 193 15.57 -24.78 6.84
N ASP D 194 15.46 -24.26 8.07
CA ASP D 194 15.41 -25.12 9.25
C ASP D 194 14.06 -25.83 9.26
N LEU D 195 14.11 -27.16 9.31
CA LEU D 195 12.90 -27.97 9.40
C LEU D 195 12.01 -27.57 10.58
N ALA D 196 12.63 -27.23 11.71
CA ALA D 196 11.90 -26.83 12.91
C ALA D 196 11.07 -25.58 12.61
N HIS D 197 11.65 -24.65 11.88
CA HIS D 197 10.96 -23.44 11.44
C HIS D 197 9.75 -23.78 10.59
N HIS D 198 9.98 -24.60 9.57
CA HIS D 198 8.91 -25.04 8.69
C HIS D 198 7.77 -25.71 9.46
N LEU D 199 8.11 -26.59 10.40
CA LEU D 199 7.11 -27.30 11.18
C LEU D 199 6.30 -26.33 12.05
N ARG D 200 6.96 -25.30 12.58
CA ARG D 200 6.30 -24.25 13.33
C ARG D 200 5.31 -23.43 12.47
N ILE D 201 5.68 -23.12 11.23
CA ILE D 201 4.80 -22.28 10.38
C ILE D 201 3.83 -23.09 9.52
N PHE D 202 3.84 -24.41 9.64
CA PHE D 202 3.03 -25.27 8.78
C PHE D 202 1.54 -24.91 8.81
N LYS D 203 1.00 -24.66 10.00
CA LYS D 203 -0.43 -24.30 10.14
C LYS D 203 -0.75 -23.00 9.39
N ASP D 204 0.16 -22.02 9.46
CA ASP D 204 -0.03 -20.75 8.75
C ASP D 204 0.01 -20.93 7.22
N LEU D 205 0.89 -21.80 6.74
CA LEU D 205 0.93 -22.13 5.32
C LEU D 205 -0.40 -22.75 4.88
N GLN D 206 -0.92 -23.69 5.68
CA GLN D 206 -2.21 -24.32 5.40
C GLN D 206 -3.33 -23.28 5.34
N LYS D 207 -3.31 -22.37 6.31
CA LYS D 207 -4.31 -21.31 6.41
C LYS D 207 -4.32 -20.43 5.16
N MET D 208 -3.13 -20.05 4.69
CA MET D 208 -2.99 -19.27 3.47
C MET D 208 -3.58 -19.99 2.26
N ALA D 209 -3.22 -21.26 2.10
CA ALA D 209 -3.78 -22.08 1.03
C ALA D 209 -5.30 -22.23 1.13
N GLU D 210 -5.84 -22.27 2.35
CA GLU D 210 -7.28 -22.42 2.56
C GLU D 210 -8.08 -21.16 2.20
N VAL D 211 -7.60 -20.00 2.64
CA VAL D 211 -8.26 -18.72 2.31
C VAL D 211 -7.89 -18.22 0.91
N GLY D 212 -6.83 -18.79 0.34
CA GLY D 212 -6.34 -18.36 -0.95
C GLY D 212 -5.30 -17.28 -0.80
N TYR D 213 -4.27 -17.35 -1.64
CA TYR D 213 -3.19 -16.38 -1.65
C TYR D 213 -3.71 -14.99 -2.01
N ASP D 214 -3.20 -13.99 -1.31
CA ASP D 214 -3.62 -12.61 -1.42
C ASP D 214 -2.39 -11.80 -1.81
N ARG D 215 -2.37 -11.35 -3.06
CA ARG D 215 -1.24 -10.60 -3.62
C ARG D 215 -0.90 -9.33 -2.82
N ASN D 216 -1.92 -8.76 -2.16
CA ASN D 216 -1.75 -7.54 -1.37
C ASN D 216 -1.44 -7.77 0.12
N ASN D 217 -1.28 -9.03 0.52
CA ASN D 217 -0.94 -9.37 1.91
C ASN D 217 0.55 -9.68 2.01
N LYS D 218 1.29 -8.81 2.71
CA LYS D 218 2.74 -8.96 2.84
C LYS D 218 3.16 -10.23 3.60
N GLN D 219 2.31 -10.68 4.53
CA GLN D 219 2.57 -11.92 5.26
C GLN D 219 2.52 -13.13 4.32
N HIS D 220 1.55 -13.15 3.40
CA HIS D 220 1.46 -14.21 2.39
C HIS D 220 2.70 -14.26 1.51
N HIS D 221 3.17 -13.10 1.05
CA HIS D 221 4.45 -13.06 0.33
C HIS D 221 5.53 -13.79 1.14
N ARG D 222 5.68 -13.39 2.41
CA ARG D 222 6.66 -13.98 3.31
C ARG D 222 6.50 -15.50 3.47
N LEU D 223 5.26 -15.94 3.70
CA LEU D 223 4.97 -17.36 3.85
C LEU D 223 5.27 -18.15 2.57
N LEU D 224 4.86 -17.62 1.42
CA LEU D 224 5.09 -18.27 0.13
C LEU D 224 6.58 -18.42 -0.18
N LEU D 225 7.37 -17.42 0.20
CA LEU D 225 8.83 -17.52 0.04
C LEU D 225 9.41 -18.64 0.89
N CYS D 226 8.90 -18.80 2.12
CA CYS D 226 9.36 -19.88 3.00
C CYS D 226 9.05 -21.24 2.35
N LEU D 227 7.83 -21.37 1.84
CA LEU D 227 7.39 -22.60 1.20
C LEU D 227 8.19 -22.93 -0.05
N LEU D 228 8.43 -21.94 -0.90
CA LEU D 228 9.22 -22.15 -2.12
C LEU D 228 10.65 -22.57 -1.79
N MET D 229 11.22 -21.95 -0.76
CA MET D 229 12.56 -22.32 -0.31
C MET D 229 12.61 -23.78 0.13
N THR D 230 11.59 -24.23 0.89
CA THR D 230 11.57 -25.61 1.34
C THR D 230 11.32 -26.57 0.16
N SER D 231 10.52 -26.12 -0.81
CA SER D 231 10.32 -26.86 -2.07
C SER D 231 11.63 -27.06 -2.82
N CYS D 232 12.46 -26.03 -2.84
CA CYS D 232 13.76 -26.10 -3.50
C CYS D 232 14.71 -27.02 -2.73
N ASP D 233 14.72 -26.91 -1.40
CA ASP D 233 15.63 -27.69 -0.55
C ASP D 233 15.39 -29.21 -0.72
N LEU D 234 14.13 -29.61 -0.89
CA LEU D 234 13.78 -31.04 -1.02
C LEU D 234 13.56 -31.50 -2.47
N SER D 235 13.96 -30.68 -3.45
CA SER D 235 13.62 -30.92 -4.85
C SER D 235 14.24 -32.17 -5.46
N ASP D 236 15.25 -32.76 -4.82
CA ASP D 236 15.77 -34.07 -5.26
C ASP D 236 14.68 -35.15 -5.30
N GLN D 237 13.63 -34.98 -4.50
CA GLN D 237 12.52 -35.93 -4.45
C GLN D 237 11.52 -35.82 -5.60
N THR D 238 11.67 -34.80 -6.45
CA THR D 238 10.75 -34.55 -7.57
C THR D 238 11.29 -35.07 -8.91
N LYS D 239 12.47 -35.67 -8.90
CA LYS D 239 13.08 -36.25 -10.11
C LYS D 239 12.66 -37.72 -10.19
N GLY D 240 13.47 -38.56 -10.82
CA GLY D 240 13.13 -39.97 -10.97
C GLY D 240 13.58 -40.82 -9.78
N TRP D 241 13.20 -42.09 -9.78
CA TRP D 241 13.65 -43.02 -8.77
C TRP D 241 15.17 -43.03 -8.59
N LYS D 242 15.90 -42.98 -9.70
CA LYS D 242 17.37 -43.03 -9.67
C LYS D 242 18.00 -41.94 -8.80
N THR D 243 17.47 -40.72 -8.89
CA THR D 243 17.95 -39.61 -8.07
C THR D 243 17.60 -39.80 -6.60
N THR D 244 16.36 -40.21 -6.33
CA THR D 244 15.90 -40.43 -4.96
C THR D 244 16.72 -41.51 -4.23
N ARG D 245 17.10 -42.56 -4.95
CA ARG D 245 17.92 -43.63 -4.38
C ARG D 245 19.34 -43.14 -4.08
N LYS D 246 19.90 -42.34 -4.97
CA LYS D 246 21.23 -41.77 -4.80
C LYS D 246 21.28 -40.79 -3.63
N ILE D 247 20.26 -39.94 -3.51
CA ILE D 247 20.23 -38.96 -2.42
C ILE D 247 20.01 -39.65 -1.07
N ALA D 248 19.18 -40.68 -1.03
CA ALA D 248 19.03 -41.50 0.18
C ALA D 248 20.39 -42.05 0.62
N GLU D 249 21.13 -42.60 -0.33
CA GLU D 249 22.49 -43.06 -0.07
C GLU D 249 23.40 -41.97 0.54
N LEU D 250 23.35 -40.76 -0.01
CA LEU D 250 24.16 -39.66 0.51
C LEU D 250 23.69 -39.18 1.88
N ILE D 251 22.38 -39.03 2.04
CA ILE D 251 21.79 -38.59 3.30
C ILE D 251 22.17 -39.52 4.45
N TYR D 252 21.93 -40.81 4.27
CA TYR D 252 22.20 -41.76 5.35
C TYR D 252 23.69 -41.93 5.64
N LYS D 253 24.56 -41.86 4.64
CA LYS D 253 26.00 -41.84 4.91
C LYS D 253 26.33 -40.68 5.83
N GLU D 254 25.77 -39.51 5.53
CA GLU D 254 25.98 -38.32 6.36
C GLU D 254 25.36 -38.49 7.75
N PHE D 255 24.13 -38.99 7.83
CA PHE D 255 23.47 -39.22 9.12
C PHE D 255 24.22 -40.23 9.98
N PHE D 256 24.65 -41.33 9.38
CA PHE D 256 25.29 -42.40 10.13
C PHE D 256 26.64 -41.96 10.69
N SER D 257 27.36 -41.12 9.95
CA SER D 257 28.61 -40.55 10.44
C SER D 257 28.39 -39.69 11.69
N GLN D 258 27.31 -38.92 11.73
CA GLN D 258 26.96 -38.19 12.94
C GLN D 258 26.58 -39.16 14.06
N GLY D 259 25.83 -40.20 13.72
CA GLY D 259 25.51 -41.27 14.67
C GLY D 259 26.75 -41.90 15.29
N ASP D 260 27.77 -42.14 14.47
CA ASP D 260 29.03 -42.68 14.96
C ASP D 260 29.69 -41.74 16.00
N LEU D 261 29.66 -40.44 15.73
CA LEU D 261 30.24 -39.45 16.64
C LEU D 261 29.48 -39.38 17.96
N GLU D 262 28.15 -39.40 17.89
CA GLU D 262 27.34 -39.34 19.11
C GLU D 262 27.61 -40.54 20.02
N LYS D 263 27.76 -41.72 19.42
CA LYS D 263 28.10 -42.94 20.18
C LYS D 263 29.44 -42.78 20.91
N ALA D 264 30.44 -42.24 20.23
CA ALA D 264 31.76 -42.03 20.82
C ALA D 264 31.77 -40.95 21.92
N MET D 265 30.80 -40.03 21.87
CA MET D 265 30.57 -39.08 22.96
C MET D 265 29.81 -39.69 24.12
N GLY D 266 29.26 -40.89 23.92
CA GLY D 266 28.48 -41.57 24.95
C GLY D 266 27.04 -41.13 25.00
N ASN D 267 26.50 -40.69 23.85
CA ASN D 267 25.08 -40.33 23.73
C ASN D 267 24.38 -41.28 22.78
N ARG D 268 23.07 -41.42 22.95
CA ARG D 268 22.26 -42.30 22.10
C ARG D 268 21.81 -41.51 20.86
N PRO D 269 22.31 -41.87 19.67
CA PRO D 269 21.82 -41.20 18.47
C PRO D 269 20.37 -41.55 18.19
N MET D 270 19.67 -40.68 17.47
CA MET D 270 18.31 -40.97 17.04
C MET D 270 18.35 -42.17 16.08
N GLU D 271 17.24 -42.90 15.98
CA GLU D 271 17.16 -44.12 15.17
C GLU D 271 17.71 -43.94 13.76
N MET D 272 17.33 -42.86 13.10
CA MET D 272 17.70 -42.64 11.70
C MET D 272 19.17 -42.34 11.47
N MET D 273 19.91 -42.03 12.55
CA MET D 273 21.35 -41.82 12.48
C MET D 273 22.16 -42.98 13.04
N ASP D 274 21.49 -44.05 13.46
CA ASP D 274 22.16 -45.23 14.02
C ASP D 274 22.16 -46.32 12.97
N ARG D 275 23.33 -46.57 12.38
CA ARG D 275 23.47 -47.52 11.28
C ARG D 275 23.09 -48.97 11.65
N GLU D 276 23.05 -49.27 12.94
CA GLU D 276 22.59 -50.59 13.43
C GLU D 276 21.06 -50.70 13.52
N LYS D 277 20.37 -49.58 13.72
CA LYS D 277 18.92 -49.58 13.90
C LYS D 277 18.12 -49.03 12.73
N ALA D 278 18.75 -48.20 11.91
CA ALA D 278 18.05 -47.48 10.84
C ALA D 278 17.61 -48.43 9.72
N TYR D 279 16.29 -48.53 9.54
CA TYR D 279 15.71 -49.27 8.42
C TYR D 279 15.29 -48.29 7.33
N ILE D 280 16.16 -48.14 6.32
CA ILE D 280 16.05 -47.04 5.36
C ILE D 280 14.68 -46.91 4.67
N PRO D 281 14.10 -48.03 4.19
CA PRO D 281 12.83 -47.91 3.47
C PRO D 281 11.71 -47.26 4.28
N GLU D 282 11.50 -47.68 5.52
CA GLU D 282 10.47 -47.10 6.38
C GLU D 282 10.77 -45.64 6.67
N LEU D 283 12.04 -45.34 6.95
CA LEU D 283 12.46 -43.96 7.25
C LEU D 283 12.23 -43.04 6.05
N GLN D 284 12.46 -43.55 4.85
CA GLN D 284 12.28 -42.74 3.64
C GLN D 284 10.82 -42.56 3.27
N ILE D 285 10.03 -43.61 3.44
CA ILE D 285 8.58 -43.51 3.28
C ILE D 285 8.00 -42.46 4.23
N SER D 286 8.42 -42.48 5.49
CA SER D 286 7.93 -41.53 6.49
C SER D 286 8.30 -40.09 6.12
N PHE D 287 9.57 -39.88 5.77
CA PHE D 287 10.04 -38.55 5.36
C PHE D 287 9.26 -38.03 4.15
N MET D 288 9.04 -38.89 3.16
CA MET D 288 8.33 -38.48 1.96
C MET D 288 6.85 -38.20 2.24
N GLU D 289 6.23 -39.08 3.01
CA GLU D 289 4.80 -38.96 3.29
C GLU D 289 4.48 -37.80 4.24
N HIS D 290 5.38 -37.49 5.17
CA HIS D 290 5.06 -36.55 6.25
C HIS D 290 5.82 -35.23 6.24
N ILE D 291 6.93 -35.16 5.49
CA ILE D 291 7.68 -33.91 5.33
C ILE D 291 7.57 -33.42 3.89
N ALA D 292 8.03 -34.23 2.94
CA ALA D 292 8.13 -33.78 1.56
C ALA D 292 6.78 -33.61 0.87
N MET D 293 5.93 -34.63 0.93
CA MET D 293 4.66 -34.59 0.18
C MET D 293 3.73 -33.46 0.62
N PRO D 294 3.67 -33.17 1.93
CA PRO D 294 2.84 -32.04 2.35
C PRO D 294 3.29 -30.67 1.79
N ILE D 295 4.60 -30.49 1.64
CA ILE D 295 5.14 -29.28 1.01
C ILE D 295 4.71 -29.16 -0.44
N TYR D 296 4.80 -30.25 -1.22
CA TYR D 296 4.43 -30.18 -2.62
C TYR D 296 2.91 -30.18 -2.81
N LYS D 297 2.16 -30.68 -1.83
CA LYS D 297 0.70 -30.56 -1.85
C LYS D 297 0.30 -29.09 -1.71
N LEU D 298 0.89 -28.39 -0.74
CA LEU D 298 0.69 -26.95 -0.57
C LEU D 298 1.08 -26.20 -1.84
N LEU D 299 2.23 -26.54 -2.41
CA LEU D 299 2.69 -25.93 -3.66
C LEU D 299 1.63 -26.10 -4.76
N GLN D 300 1.10 -27.31 -4.86
CA GLN D 300 0.05 -27.63 -5.84
C GLN D 300 -1.24 -26.84 -5.57
N ASP D 301 -1.61 -26.70 -4.30
CA ASP D 301 -2.78 -25.89 -3.93
C ASP D 301 -2.65 -24.46 -4.43
N LEU D 302 -1.44 -23.91 -4.31
CA LEU D 302 -1.17 -22.52 -4.71
C LEU D 302 -0.90 -22.35 -6.21
N PHE D 303 -0.24 -23.34 -6.82
CA PHE D 303 0.11 -23.31 -8.25
C PHE D 303 -0.38 -24.58 -8.94
N PRO D 304 -1.46 -24.46 -9.75
CA PRO D 304 -2.01 -25.62 -10.47
C PRO D 304 -1.00 -26.43 -11.28
N LYS D 305 -0.05 -25.76 -11.91
CA LYS D 305 0.96 -26.44 -12.73
C LYS D 305 2.07 -27.12 -11.91
N ALA D 306 2.04 -26.96 -10.59
CA ALA D 306 2.94 -27.70 -9.70
C ALA D 306 2.43 -29.10 -9.40
N ALA D 307 1.23 -29.44 -9.90
CA ALA D 307 0.63 -30.76 -9.72
C ALA D 307 1.59 -31.90 -10.05
N GLU D 308 2.28 -31.80 -11.18
CA GLU D 308 3.19 -32.86 -11.62
C GLU D 308 4.32 -33.13 -10.62
N LEU D 309 4.71 -32.12 -9.86
CA LEU D 309 5.77 -32.27 -8.86
C LEU D 309 5.30 -33.14 -7.70
N TYR D 310 4.11 -32.84 -7.20
CA TYR D 310 3.49 -33.65 -6.15
C TYR D 310 3.35 -35.10 -6.62
N GLU D 311 2.88 -35.28 -7.85
CA GLU D 311 2.68 -36.61 -8.45
C GLU D 311 3.97 -37.42 -8.48
N ARG D 312 5.06 -36.75 -8.82
CA ARG D 312 6.37 -37.42 -8.92
C ARG D 312 6.86 -37.84 -7.53
N VAL D 313 6.67 -36.99 -6.52
CA VAL D 313 7.08 -37.34 -5.16
C VAL D 313 6.25 -38.52 -4.66
N ALA D 314 4.94 -38.49 -4.93
CA ALA D 314 4.06 -39.61 -4.59
C ALA D 314 4.51 -40.89 -5.32
N SER D 315 4.86 -40.74 -6.59
CA SER D 315 5.37 -41.86 -7.38
C SER D 315 6.66 -42.42 -6.79
N ASN D 316 7.57 -41.53 -6.40
CA ASN D 316 8.83 -41.97 -5.76
C ASN D 316 8.60 -42.65 -4.40
N ARG D 317 7.59 -42.20 -3.68
CA ARG D 317 7.18 -42.83 -2.42
C ARG D 317 6.67 -44.26 -2.66
N GLU D 318 5.90 -44.44 -3.74
CA GLU D 318 5.44 -45.78 -4.14
C GLU D 318 6.58 -46.71 -4.49
N HIS D 319 7.62 -46.18 -5.13
CA HIS D 319 8.81 -46.98 -5.48
C HIS D 319 9.50 -47.56 -4.24
N TRP D 320 9.65 -46.76 -3.19
CA TRP D 320 10.25 -47.25 -1.93
C TRP D 320 9.49 -48.44 -1.38
N THR D 321 8.15 -48.37 -1.41
CA THR D 321 7.32 -49.47 -0.98
C THR D 321 7.57 -50.70 -1.86
N LYS D 322 7.66 -50.49 -3.17
CA LYS D 322 7.86 -51.56 -4.14
C LYS D 322 9.18 -52.34 -3.95
N VAL D 323 10.27 -51.63 -3.68
CA VAL D 323 11.58 -52.27 -3.45
C VAL D 323 11.86 -52.62 -1.98
N SER D 324 10.91 -52.32 -1.10
CA SER D 324 11.05 -52.58 0.34
C SER D 324 11.41 -54.04 0.67
N HIS D 325 10.84 -54.99 -0.06
CA HIS D 325 11.09 -56.41 0.17
C HIS D 325 12.55 -56.82 -0.07
N LYS D 326 13.26 -56.08 -0.92
CA LYS D 326 14.67 -56.39 -1.22
C LYS D 326 15.63 -56.16 -0.06
N PHE D 327 15.19 -55.44 0.97
CA PHE D 327 16.01 -55.26 2.18
C PHE D 327 15.98 -56.50 3.09
N THR D 328 15.04 -57.41 2.83
CA THR D 328 15.02 -58.71 3.49
C THR D 328 15.82 -59.70 2.64
N ILE D 329 16.85 -60.30 3.21
CA ILE D 329 17.67 -61.28 2.50
C ILE D 329 16.96 -62.63 2.50
N ARG D 330 16.50 -63.05 1.32
CA ARG D 330 15.94 -64.39 1.13
C ARG D 330 16.90 -65.26 0.32
N GLY D 331 16.98 -66.53 0.70
CA GLY D 331 18.01 -67.41 0.18
C GLY D 331 19.37 -67.04 0.73
N LEU D 332 20.40 -67.25 -0.08
CA LEU D 332 21.77 -66.88 0.28
C LEU D 332 22.16 -65.59 -0.43
N PRO D 333 23.10 -64.82 0.14
CA PRO D 333 23.66 -63.71 -0.62
C PRO D 333 24.34 -64.20 -1.91
N SER D 334 24.61 -63.27 -2.81
CA SER D 334 25.19 -63.58 -4.14
C SER D 334 26.45 -64.47 -4.09
N ASN D 335 27.25 -64.32 -3.04
CA ASN D 335 28.48 -65.11 -2.90
C ASN D 335 28.27 -66.48 -2.23
N ASN D 336 27.02 -66.88 -2.03
CA ASN D 336 26.67 -68.15 -1.38
C ASN D 336 27.30 -68.32 0.01
N SER D 337 27.49 -67.21 0.72
CA SER D 337 28.15 -67.26 2.02
C SER D 337 27.32 -66.57 3.09
N LEU D 338 27.37 -67.11 4.31
CA LEU D 338 26.74 -66.48 5.47
C LEU D 338 27.81 -65.94 6.44
N ASP D 339 28.99 -65.62 5.90
CA ASP D 339 30.07 -65.03 6.71
C ASP D 339 29.66 -63.69 7.33
N PHE D 340 28.75 -62.97 6.67
CA PHE D 340 28.27 -61.67 7.17
C PHE D 340 27.63 -61.75 8.57
N LEU D 341 27.25 -62.95 8.99
CA LEU D 341 26.69 -63.17 10.33
C LEU D 341 27.74 -63.30 11.43
N ASP D 342 28.98 -63.61 11.06
CA ASP D 342 30.03 -63.90 12.05
C ASP D 342 30.33 -62.71 12.98
N GLU D 343 30.34 -61.50 12.43
CA GLU D 343 30.55 -60.29 13.22
C GLU D 343 29.50 -60.13 14.33
N GLU D 344 28.22 -60.33 13.97
CA GLU D 344 27.13 -60.21 14.93
C GLU D 344 27.24 -61.27 16.01
N TYR D 345 27.54 -62.49 15.60
CA TYR D 345 27.72 -63.63 16.51
C TYR D 345 28.83 -63.39 17.55
N GLU D 346 29.99 -62.94 17.06
CA GLU D 346 31.16 -62.73 17.91
C GLU D 346 30.94 -61.62 18.94
ZN ZN E . -20.80 -13.38 -7.89
C32 Q2T F . -29.21 -14.27 -6.23
C31 Q2T F . -27.77 -14.02 -6.61
C30 Q2T F . -26.78 -14.78 -5.75
C29 Q2T F . -25.35 -14.37 -5.98
O28 Q2T F . -24.54 -14.87 -4.91
C26 Q2T F . -24.17 -16.19 -4.89
C25 Q2T F . -23.42 -16.61 -3.81
N24 Q2T F . -22.99 -17.87 -3.65
C23 Q2T F . -23.31 -18.76 -4.59
C27 Q2T F . -24.49 -17.13 -5.87
C22 Q2T F . -24.06 -18.44 -5.73
C9 Q2T F . -24.31 -19.39 -6.81
N8 Q2T F . -23.90 -19.20 -8.05
N7 Q2T F . -24.12 -20.37 -8.77
C1 Q2T F . -24.68 -21.24 -7.95
C6 Q2T F . -25.06 -22.61 -8.15
C14 Q2T F . -24.84 -23.22 -9.50
N5 Q2T F . -25.56 -23.32 -7.20
N2 Q2T F . -24.85 -20.66 -6.69
C3 Q2T F . -25.47 -21.43 -5.65
C13 Q2T F . -25.86 -20.89 -4.43
C12 Q2T F . -26.56 -21.64 -3.49
C11 Q2T F . -26.82 -22.98 -3.78
C10 Q2T F . -26.45 -23.53 -4.99
C4 Q2T F . -25.80 -22.76 -5.96
C15 Q2T F . -27.17 -21.00 -2.26
N16 Q2T F . -26.22 -20.64 -1.19
C21 Q2T F . -24.88 -21.20 -1.39
C20 Q2T F . -23.97 -20.80 -0.27
O19 Q2T F . -24.48 -21.21 1.00
C18 Q2T F . -25.78 -20.65 1.20
C17 Q2T F . -26.73 -21.05 0.12
MG MG G . -21.06 -12.54 -4.11
ZN ZN H . -11.19 12.22 19.87
C32 Q2T I . -17.86 13.12 24.88
C31 Q2T I . -16.70 12.85 23.96
C30 Q2T I . -16.97 13.25 22.52
C29 Q2T I . -15.81 12.92 21.62
O28 Q2T I . -16.11 13.32 20.28
C26 Q2T I . -15.98 14.64 19.92
C25 Q2T I . -16.28 14.91 18.59
N24 Q2T I . -16.19 16.14 18.07
C23 Q2T I . -15.79 17.14 18.86
C27 Q2T I . -15.57 15.69 20.73
C22 Q2T I . -15.47 16.97 20.20
C9 Q2T I . -14.94 18.08 21.01
N8 Q2T I . -13.73 18.11 21.50
N7 Q2T I . -13.49 19.39 22.02
C1 Q2T I . -14.60 20.09 21.83
C6 Q2T I . -14.89 21.47 22.11
C14 Q2T I . -13.83 22.28 22.78
N5 Q2T I . -16.02 22.00 21.83
N2 Q2T I . -15.57 19.30 21.21
C3 Q2T I . -16.85 19.87 20.93
C13 Q2T I . -17.93 19.14 20.44
C12 Q2T I . -19.18 19.72 20.23
C11 Q2T I . -19.33 21.07 20.53
C10 Q2T I . -18.28 21.82 21.03
C4 Q2T I . -17.03 21.23 21.24
C15 Q2T I . -20.35 18.90 19.74
N16 Q2T I . -20.02 17.94 18.68
C21 Q2T I . -19.74 18.63 17.41
C20 Q2T I . -20.72 18.21 16.34
O19 Q2T I . -20.67 16.82 16.09
C18 Q2T I . -20.80 16.08 17.31
C17 Q2T I . -21.09 16.97 18.49
MG MG J . -13.98 10.86 17.64
ZN ZN K . 13.96 29.51 -14.83
C32 Q2T L . 6.33 31.08 -11.89
C31 Q2T L . 7.61 30.56 -12.48
C30 Q2T L . 7.88 31.12 -13.86
C29 Q2T L . 9.22 30.68 -14.41
O28 Q2T L . 9.34 31.18 -15.75
C26 Q2T L . 9.70 32.50 -15.95
C25 Q2T L . 9.81 32.87 -17.28
N24 Q2T L . 10.20 34.09 -17.67
C23 Q2T L . 10.49 34.99 -16.73
C27 Q2T L . 9.98 33.45 -14.98
C22 Q2T L . 10.39 34.72 -15.36
C9 Q2T L . 10.78 35.73 -14.36
N8 Q2T L . 11.78 35.59 -13.54
N7 Q2T L . 12.02 36.81 -12.92
C1 Q2T L . 11.13 37.66 -13.39
C6 Q2T L . 10.95 39.07 -13.13
C14 Q2T L . 11.89 39.75 -12.20
N5 Q2T L . 10.02 39.75 -13.70
N2 Q2T L . 10.28 37.02 -14.29
C3 Q2T L . 9.21 37.75 -14.87
C13 Q2T L . 8.20 37.16 -15.62
C12 Q2T L . 7.09 37.88 -16.07
C11 Q2T L . 7.05 39.24 -15.80
C10 Q2T L . 8.04 39.86 -15.05
C4 Q2T L . 9.12 39.12 -14.56
C15 Q2T L . 5.90 37.18 -16.66
N16 Q2T L . 5.96 36.94 -18.12
C21 Q2T L . 7.16 37.49 -18.75
C20 Q2T L . 7.17 37.16 -20.23
O19 Q2T L . 5.99 37.65 -20.88
C18 Q2T L . 4.83 37.12 -20.27
C17 Q2T L . 4.78 37.46 -18.80
MG MG M . 11.78 28.48 -17.83
ZN ZN N . 19.76 -27.53 2.02
C32 Q2T O . 11.92 -28.73 5.03
C31 Q2T O . 13.30 -28.29 4.59
C30 Q2T O . 14.42 -28.99 5.34
C29 Q2T O . 15.78 -28.60 4.81
O28 Q2T O . 16.79 -29.08 5.72
C26 Q2T O . 17.17 -30.39 5.67
C25 Q2T O . 18.15 -30.75 6.59
N24 Q2T O . 18.65 -31.98 6.69
C23 Q2T O . 18.18 -32.91 5.84
C27 Q2T O . 16.70 -31.37 4.82
C22 Q2T O . 17.21 -32.66 4.89
C9 Q2T O . 16.79 -33.69 3.92
N8 Q2T O . 17.00 -33.58 2.63
N7 Q2T O . 16.72 -34.80 2.03
C1 Q2T O . 16.32 -35.62 2.99
C6 Q2T O . 15.97 -37.00 2.96
C14 Q2T O . 16.05 -37.73 1.65
N5 Q2T O . 15.61 -37.64 4.02
N2 Q2T O . 16.32 -34.94 4.22
C3 Q2T O . 15.88 -35.63 5.39
C13 Q2T O . 15.67 -35.01 6.62
C12 Q2T O . 15.14 -35.69 7.70
C11 Q2T O . 14.85 -37.04 7.55
C10 Q2T O . 15.04 -37.69 6.34
C4 Q2T O . 15.54 -36.99 5.24
C15 Q2T O . 14.80 -34.96 8.98
N16 Q2T O . 15.74 -35.22 10.08
C21 Q2T O . 17.02 -34.56 9.83
C20 Q2T O . 17.97 -34.81 10.98
O19 Q2T O . 17.42 -34.35 12.21
C18 Q2T O . 16.18 -35.00 12.46
C17 Q2T O . 15.19 -34.74 11.36
MG MG P . 20.17 -26.47 5.67
#